data_9GMT
#
_entry.id   9GMT
#
_cell.length_a   1.00
_cell.length_b   1.00
_cell.length_c   1.00
_cell.angle_alpha   90.00
_cell.angle_beta   90.00
_cell.angle_gamma   90.00
#
_symmetry.space_group_name_H-M   'P 1'
#
loop_
_entity.id
_entity.type
_entity.pdbx_description
1 polymer 'Polyribonucleotide nucleotidyltransferase'
2 polymer "RNA (5'-R(P*AP*AP*AP*AP*AP*AP*AP*AP*AP*AP*AP*AP*AP*AP*A)-3')"
3 non-polymer '1-[[4-[4-[[2-phenyl-5-(trifluoromethyl)-1,3-oxazol-4-yl]carbonylamino]phenyl]phenyl]carbonylamino]cyclopentane-1-carboxylic acid'
#
loop_
_entity_poly.entity_id
_entity_poly.type
_entity_poly.pdbx_seq_one_letter_code
_entity_poly.pdbx_strand_id
1 'polypeptide(L)'
;AEIDEGVFETTATIDNGSFGTRTIRFETGRLALQAAGAVVAYLDDDNMLLSATTASKNPKEHFDFFPLTVDVEERMYAAG
RIPGSFFRREGRPSTDAILTCRLIDRPLRPSFVDGLRNEIQIVVTILSLDPGDLYDVLAINAASASTQLGGLPFSGPIGG
VRVALIDGTWVGFPTVDQIERAVFDMVVAGRIVEGDVAIMMVEAEATENVVELVEGGAQAPTESVVAAGLEAAKPFIAAL
CTAQQELADAAGKSGKPTVDFPVFPDYGEDVYYSVSSVATDELAAALTIGGKAERDQRIDEIKTQVVQRLADTYEGREKE
VGAAFRALTKKLVRQRILTDHFRIDGRGITDIRALSAEVAVVPRAHGSALFERGETQILGVTTLDMIKMAQQIDSLGPET
SKRYMHHYNFPPFSTGETGRVGSPKRREIGHGALAERALVPVLPSVEEFPYAIRQVSEALGSNGSTSMGSVCASTLALLN
AGVPLKAPVAGIAMGLVSDDIQVEGAVDGVVERRFVTLTDILGAEDAFGDMDFKVAGTKDFVTALQLDTKLDGIPSQVLA
GALEQAKDARLTILEVMAEAIDRPDEMSPYAPR
;
A,B,C
2 'polyribonucleotide' AAAAAAAAAAAAAAA E
#
loop_
_chem_comp.id
_chem_comp.type
_chem_comp.name
_chem_comp.formula
A RNA linking ADENOSINE-5'-MONOPHOSPHATE 'C10 H14 N5 O7 P'
A1IM2 non-polymer '1-[[4-[4-[[2-phenyl-5-(trifluoromethyl)-1,3-oxazol-4-yl]carbonylamino]phenyl]phenyl]carbonylamino]cyclopentane-1-carboxylic acid' 'C30 H24 F3 N3 O5'
#
# COMPACT_ATOMS: atom_id res chain seq x y z
N ALA A 1 34.55 -26.31 -14.62
CA ALA A 1 34.29 -27.68 -15.04
C ALA A 1 32.97 -27.78 -15.80
N GLU A 2 33.07 -27.98 -17.12
CA GLU A 2 31.90 -28.06 -18.00
C GLU A 2 31.31 -29.46 -17.87
N ILE A 3 30.41 -29.62 -16.89
CA ILE A 3 29.74 -30.91 -16.70
C ILE A 3 28.83 -31.23 -17.88
N ASP A 4 28.20 -30.21 -18.46
CA ASP A 4 27.31 -30.37 -19.61
C ASP A 4 27.60 -29.22 -20.57
N GLU A 5 27.20 -29.41 -21.83
CA GLU A 5 27.40 -28.37 -22.84
C GLU A 5 26.71 -27.08 -22.42
N GLY A 6 27.51 -26.06 -22.14
CA GLY A 6 27.02 -24.78 -21.69
C GLY A 6 26.86 -24.65 -20.18
N VAL A 7 27.12 -25.70 -19.42
CA VAL A 7 26.96 -25.71 -17.97
C VAL A 7 28.33 -25.84 -17.32
N PHE A 8 28.59 -25.00 -16.31
CA PHE A 8 29.88 -24.98 -15.64
C PHE A 8 29.69 -25.01 -14.12
N GLU A 9 30.71 -25.51 -13.42
CA GLU A 9 30.61 -25.79 -11.99
C GLU A 9 31.97 -25.62 -11.31
N THR A 10 31.93 -25.21 -10.05
CA THR A 10 33.14 -24.95 -9.26
C THR A 10 32.86 -25.27 -7.79
N THR A 11 33.93 -25.62 -7.05
CA THR A 11 33.80 -26.12 -5.67
C THR A 11 34.80 -25.45 -4.73
N ALA A 12 34.37 -25.23 -3.49
CA ALA A 12 35.23 -24.76 -2.41
C ALA A 12 35.05 -25.63 -1.18
N THR A 13 36.13 -25.81 -0.42
CA THR A 13 36.15 -26.72 0.72
C THR A 13 36.44 -25.98 2.02
N ILE A 14 35.70 -26.33 3.07
CA ILE A 14 35.85 -25.76 4.40
C ILE A 14 36.26 -26.89 5.33
N ASP A 15 37.49 -26.82 5.85
CA ASP A 15 38.07 -27.88 6.64
C ASP A 15 38.12 -27.47 8.11
N ASN A 16 37.32 -28.14 8.94
CA ASN A 16 37.23 -27.83 10.36
C ASN A 16 37.91 -28.88 11.23
N GLY A 17 38.74 -29.73 10.66
CA GLY A 17 39.47 -30.70 11.45
C GLY A 17 38.54 -31.73 12.08
N SER A 18 38.61 -31.83 13.40
CA SER A 18 37.80 -32.81 14.13
C SER A 18 36.32 -32.48 14.16
N PHE A 19 35.93 -31.28 13.74
CA PHE A 19 34.52 -30.91 13.68
C PHE A 19 33.87 -31.21 12.33
N GLY A 20 34.64 -31.71 11.36
CA GLY A 20 34.09 -32.10 10.08
C GLY A 20 34.58 -31.22 8.94
N THR A 21 34.09 -31.54 7.75
CA THR A 21 34.42 -30.81 6.52
C THR A 21 33.13 -30.53 5.76
N ARG A 22 33.09 -29.40 5.07
CA ARG A 22 31.93 -29.01 4.28
C ARG A 22 32.35 -28.55 2.90
N THR A 23 31.42 -28.63 1.96
CA THR A 23 31.68 -28.28 0.57
C THR A 23 30.62 -27.31 0.07
N ILE A 24 31.05 -26.31 -0.69
CA ILE A 24 30.16 -25.34 -1.30
C ILE A 24 30.35 -25.38 -2.80
N ARG A 25 29.25 -25.51 -3.55
CA ARG A 25 29.32 -25.72 -4.99
C ARG A 25 28.53 -24.64 -5.72
N PHE A 26 29.14 -24.06 -6.76
CA PHE A 26 28.52 -23.06 -7.61
C PHE A 26 28.30 -23.64 -9.00
N GLU A 27 27.14 -23.37 -9.58
CA GLU A 27 26.79 -23.88 -10.91
C GLU A 27 26.13 -22.78 -11.74
N THR A 28 26.43 -22.77 -13.03
CA THR A 28 25.86 -21.78 -13.93
C THR A 28 25.60 -22.39 -15.30
N GLY A 29 24.62 -21.80 -15.98
CA GLY A 29 24.30 -22.17 -17.35
C GLY A 29 23.10 -23.07 -17.54
N ARG A 30 22.27 -23.26 -16.53
CA ARG A 30 21.13 -24.17 -16.65
C ARG A 30 19.79 -23.55 -16.28
N LEU A 31 19.76 -22.59 -15.36
CA LEU A 31 18.51 -21.97 -14.94
C LEU A 31 18.55 -20.47 -15.15
N ALA A 32 17.38 -19.90 -15.48
CA ALA A 32 17.17 -18.46 -15.58
C ALA A 32 18.10 -17.81 -16.59
N LEU A 33 17.97 -18.24 -17.85
CA LEU A 33 18.94 -17.87 -18.87
C LEU A 33 18.70 -16.49 -19.46
N GLN A 34 17.60 -15.82 -19.15
CA GLN A 34 17.37 -14.48 -19.68
C GLN A 34 17.78 -13.38 -18.73
N ALA A 35 18.27 -13.71 -17.54
CA ALA A 35 18.81 -12.69 -16.65
C ALA A 35 20.21 -12.30 -17.09
N ALA A 36 20.66 -11.14 -16.60
CA ALA A 36 22.04 -10.73 -16.89
C ALA A 36 23.03 -11.73 -16.30
N GLY A 37 22.79 -12.21 -15.09
CA GLY A 37 23.59 -13.30 -14.55
C GLY A 37 22.78 -14.13 -13.57
N ALA A 38 23.10 -15.43 -13.50
CA ALA A 38 22.36 -16.33 -12.62
C ALA A 38 23.24 -17.49 -12.17
N VAL A 39 23.16 -17.83 -10.88
CA VAL A 39 23.98 -18.87 -10.28
C VAL A 39 23.16 -19.69 -9.30
N VAL A 40 23.44 -20.99 -9.25
CA VAL A 40 22.87 -21.90 -8.26
C VAL A 40 23.95 -22.27 -7.25
N ALA A 41 23.62 -22.21 -5.96
CA ALA A 41 24.57 -22.49 -4.90
C ALA A 41 24.08 -23.63 -4.02
N TYR A 42 24.98 -24.58 -3.74
CA TYR A 42 24.71 -25.77 -2.93
C TYR A 42 25.62 -25.81 -1.71
N LEU A 43 25.06 -26.19 -0.58
CA LEU A 43 25.80 -26.55 0.63
C LEU A 43 25.45 -27.99 1.00
N ASP A 44 26.44 -28.87 0.90
CA ASP A 44 26.40 -30.26 1.36
C ASP A 44 25.24 -31.10 0.81
N ASP A 45 24.89 -30.91 -0.46
CA ASP A 45 23.93 -31.76 -1.16
C ASP A 45 22.48 -31.59 -0.75
N ASP A 46 22.19 -30.87 0.33
CA ASP A 46 20.80 -30.71 0.74
C ASP A 46 20.38 -29.25 0.90
N ASN A 47 21.30 -28.30 0.84
CA ASN A 47 20.95 -26.89 0.86
C ASN A 47 21.13 -26.32 -0.53
N MET A 48 20.08 -25.70 -1.08
CA MET A 48 20.11 -25.28 -2.47
C MET A 48 19.35 -23.97 -2.66
N LEU A 49 19.97 -23.00 -3.33
CA LEU A 49 19.30 -21.74 -3.62
C LEU A 49 19.78 -21.16 -4.96
N LEU A 50 19.02 -20.20 -5.47
CA LEU A 50 19.26 -19.59 -6.77
C LEU A 50 19.34 -18.06 -6.65
N SER A 51 20.24 -17.45 -7.40
CA SER A 51 20.42 -16.00 -7.41
C SER A 51 20.48 -15.47 -8.83
N ALA A 52 19.80 -14.35 -9.08
CA ALA A 52 19.71 -13.75 -10.40
C ALA A 52 19.86 -12.24 -10.33
N THR A 53 20.58 -11.67 -11.29
CA THR A 53 20.85 -10.23 -11.37
C THR A 53 20.49 -9.71 -12.76
N THR A 54 19.79 -8.58 -12.80
CA THR A 54 19.38 -7.93 -14.03
C THR A 54 19.58 -6.42 -13.91
N ALA A 55 19.69 -5.76 -15.06
CA ALA A 55 19.85 -4.30 -15.10
C ALA A 55 18.89 -3.71 -16.11
N SER A 56 18.52 -2.45 -15.90
CA SER A 56 17.59 -1.77 -16.79
C SER A 56 18.29 -1.21 -18.02
N LYS A 57 17.52 -1.04 -19.10
CA LYS A 57 18.10 -0.58 -20.36
C LYS A 57 18.61 0.85 -20.26
N ASN A 58 17.86 1.72 -19.60
CA ASN A 58 18.21 3.13 -19.61
C ASN A 58 18.37 3.66 -18.19
N PRO A 59 19.21 4.66 -17.99
CA PRO A 59 19.39 5.25 -16.66
C PRO A 59 18.25 6.18 -16.29
N LYS A 60 18.21 6.53 -15.00
CA LYS A 60 17.26 7.51 -14.46
C LYS A 60 18.08 8.68 -13.93
N GLU A 61 18.38 9.65 -14.80
CA GLU A 61 19.25 10.75 -14.45
C GLU A 61 18.71 11.63 -13.33
N HIS A 62 17.39 11.76 -13.20
CA HIS A 62 16.82 12.67 -12.22
C HIS A 62 16.96 12.17 -10.79
N PHE A 63 17.37 10.92 -10.58
CA PHE A 63 17.74 10.47 -9.25
C PHE A 63 19.08 11.04 -8.83
N ASP A 64 19.28 11.16 -7.52
CA ASP A 64 20.52 11.66 -6.95
C ASP A 64 21.29 10.60 -6.20
N PHE A 65 20.94 9.33 -6.37
CA PHE A 65 21.62 8.23 -5.68
C PHE A 65 21.52 6.98 -6.54
N PHE A 66 22.34 6.00 -6.20
CA PHE A 66 22.43 4.75 -6.96
C PHE A 66 21.29 3.82 -6.56
N PRO A 67 20.37 3.51 -7.47
CA PRO A 67 19.22 2.65 -7.17
C PRO A 67 19.46 1.15 -7.27
N LEU A 68 19.96 0.57 -6.19
CA LEU A 68 20.15 -0.87 -6.07
C LEU A 68 19.05 -1.46 -5.19
N THR A 69 18.52 -2.61 -5.57
CA THR A 69 17.49 -3.28 -4.79
C THR A 69 17.82 -4.76 -4.62
N VAL A 70 17.61 -5.26 -3.40
CA VAL A 70 17.87 -6.65 -3.04
C VAL A 70 16.60 -7.25 -2.46
N ASP A 71 16.27 -8.47 -2.89
CA ASP A 71 15.06 -9.16 -2.42
C ASP A 71 15.39 -10.61 -2.10
N VAL A 72 14.80 -11.12 -1.02
CA VAL A 72 14.95 -12.50 -0.58
C VAL A 72 13.57 -13.14 -0.52
N GLU A 73 13.39 -14.26 -1.21
CA GLU A 73 12.12 -14.96 -1.32
C GLU A 73 12.25 -16.32 -0.65
N GLU A 74 11.62 -16.47 0.51
CA GLU A 74 11.58 -17.72 1.23
C GLU A 74 10.35 -18.52 0.77
N ARG A 75 10.56 -19.75 0.35
CA ARG A 75 9.48 -20.63 -0.05
C ARG A 75 9.26 -21.69 1.02
N MET A 76 8.01 -21.84 1.45
CA MET A 76 7.70 -22.82 2.48
C MET A 76 7.94 -24.25 2.02
N TYR A 77 7.85 -24.54 0.72
CA TYR A 77 8.12 -25.90 0.27
C TYR A 77 9.58 -26.30 0.49
N ALA A 78 10.47 -25.33 0.72
CA ALA A 78 11.85 -25.65 1.10
C ALA A 78 11.93 -26.34 2.45
N ALA A 79 10.89 -26.24 3.28
CA ALA A 79 10.83 -26.97 4.53
C ALA A 79 9.79 -28.08 4.52
N GLY A 80 9.20 -28.39 3.38
CA GLY A 80 8.21 -29.45 3.29
C GLY A 80 6.94 -29.18 4.07
N ARG A 81 6.39 -27.98 3.93
CA ARG A 81 5.28 -27.52 4.76
C ARG A 81 4.39 -26.59 3.95
N ILE A 82 3.10 -26.58 4.28
CA ILE A 82 2.16 -25.63 3.68
C ILE A 82 2.05 -24.41 4.60
N PRO A 83 2.02 -23.20 4.05
CA PRO A 83 1.96 -22.01 4.90
C PRO A 83 0.72 -21.98 5.77
N GLY A 84 0.87 -21.47 6.99
CA GLY A 84 -0.20 -21.46 7.97
C GLY A 84 -1.12 -20.27 7.93
N SER A 85 -0.91 -19.30 7.05
CA SER A 85 -1.77 -18.13 7.00
C SER A 85 -3.14 -18.49 6.42
N PHE A 86 -4.07 -17.56 6.52
CA PHE A 86 -5.46 -17.83 6.13
C PHE A 86 -5.57 -18.15 4.64
N PHE A 87 -4.81 -17.46 3.80
CA PHE A 87 -4.86 -17.69 2.37
C PHE A 87 -3.81 -18.70 1.88
N ARG A 88 -3.01 -19.26 2.78
CA ARG A 88 -2.13 -20.39 2.46
C ARG A 88 -1.05 -20.02 1.45
N ARG A 89 -0.62 -18.76 1.45
CA ARG A 89 0.38 -18.30 0.51
C ARG A 89 1.33 -17.35 1.23
N GLU A 90 2.58 -17.32 0.76
CA GLU A 90 3.57 -16.43 1.36
C GLU A 90 3.20 -14.98 1.09
N GLY A 91 3.35 -14.13 2.10
CA GLY A 91 3.00 -12.74 1.97
C GLY A 91 4.17 -11.78 2.09
N ARG A 92 4.08 -10.84 3.03
CA ARG A 92 5.15 -9.88 3.23
C ARG A 92 6.37 -10.56 3.85
N PRO A 93 7.57 -10.07 3.55
CA PRO A 93 8.78 -10.74 4.05
C PRO A 93 8.88 -10.70 5.56
N SER A 94 9.44 -11.77 6.13
CA SER A 94 9.63 -11.87 7.56
C SER A 94 10.86 -11.08 8.00
N THR A 95 11.09 -11.06 9.32
CA THR A 95 12.23 -10.31 9.85
C THR A 95 13.56 -10.93 9.42
N ASP A 96 13.63 -12.25 9.36
CA ASP A 96 14.85 -12.92 8.93
C ASP A 96 15.23 -12.55 7.51
N ALA A 97 14.24 -12.50 6.61
CA ALA A 97 14.52 -12.14 5.23
C ALA A 97 15.02 -10.70 5.11
N ILE A 98 14.43 -9.79 5.87
CA ILE A 98 14.86 -8.39 5.82
C ILE A 98 16.30 -8.26 6.34
N LEU A 99 16.62 -8.95 7.43
CA LEU A 99 17.99 -8.92 7.93
C LEU A 99 18.98 -9.49 6.91
N THR A 100 18.59 -10.58 6.23
CA THR A 100 19.45 -11.11 5.18
C THR A 100 19.64 -10.12 4.05
N CYS A 101 18.58 -9.40 3.68
CA CYS A 101 18.70 -8.36 2.66
C CYS A 101 19.70 -7.29 3.07
N ARG A 102 19.65 -6.86 4.33
CA ARG A 102 20.61 -5.86 4.79
C ARG A 102 22.04 -6.40 4.77
N LEU A 103 22.21 -7.67 5.16
CA LEU A 103 23.54 -8.27 5.15
C LEU A 103 24.13 -8.30 3.74
N ILE A 104 23.30 -8.62 2.75
CA ILE A 104 23.79 -8.60 1.36
C ILE A 104 24.06 -7.17 0.90
N ASP A 105 23.18 -6.23 1.25
CA ASP A 105 23.26 -4.89 0.71
C ASP A 105 24.47 -4.11 1.25
N ARG A 106 24.86 -4.34 2.50
CA ARG A 106 25.91 -3.52 3.10
C ARG A 106 27.25 -3.63 2.37
N PRO A 107 27.77 -4.81 2.03
CA PRO A 107 29.06 -4.85 1.32
C PRO A 107 28.98 -4.68 -0.19
N LEU A 108 27.85 -5.01 -0.82
CA LEU A 108 27.78 -4.94 -2.27
C LEU A 108 27.62 -3.51 -2.78
N ARG A 109 26.89 -2.67 -2.05
CA ARG A 109 26.59 -1.33 -2.55
C ARG A 109 27.81 -0.49 -2.85
N PRO A 110 28.80 -0.37 -1.95
CA PRO A 110 29.99 0.44 -2.28
C PRO A 110 30.93 -0.21 -3.27
N SER A 111 30.64 -1.40 -3.78
CA SER A 111 31.52 -2.07 -4.74
C SER A 111 31.23 -1.69 -6.18
N PHE A 112 30.18 -0.93 -6.45
CA PHE A 112 29.93 -0.42 -7.79
C PHE A 112 30.62 0.91 -8.00
N VAL A 113 30.94 1.21 -9.26
CA VAL A 113 31.56 2.50 -9.58
C VAL A 113 30.58 3.62 -9.28
N ASP A 114 31.10 4.72 -8.73
CA ASP A 114 30.25 5.83 -8.34
C ASP A 114 29.72 6.59 -9.55
N GLY A 115 28.54 7.19 -9.38
CA GLY A 115 27.88 7.89 -10.46
C GLY A 115 26.93 7.05 -11.29
N LEU A 116 26.87 5.75 -11.05
CA LEU A 116 25.99 4.88 -11.80
C LEU A 116 24.53 5.21 -11.50
N ARG A 117 23.69 5.17 -12.54
CA ARG A 117 22.29 5.53 -12.39
C ARG A 117 21.30 4.54 -12.98
N ASN A 118 21.77 3.44 -13.57
CA ASN A 118 20.87 2.37 -13.97
C ASN A 118 20.38 1.61 -12.74
N GLU A 119 19.16 1.07 -12.84
CA GLU A 119 18.62 0.26 -11.77
C GLU A 119 19.23 -1.14 -11.81
N ILE A 120 19.67 -1.63 -10.66
CA ILE A 120 20.18 -2.99 -10.51
C ILE A 120 19.32 -3.69 -9.48
N GLN A 121 18.86 -4.90 -9.82
CA GLN A 121 18.04 -5.69 -8.91
C GLN A 121 18.64 -7.08 -8.75
N ILE A 122 18.67 -7.56 -7.51
CA ILE A 122 19.14 -8.89 -7.17
C ILE A 122 18.03 -9.61 -6.41
N VAL A 123 17.69 -10.82 -6.86
CA VAL A 123 16.64 -11.63 -6.24
C VAL A 123 17.22 -12.99 -5.88
N VAL A 124 17.06 -13.40 -4.63
CA VAL A 124 17.55 -14.69 -4.15
C VAL A 124 16.35 -15.51 -3.67
N THR A 125 16.19 -16.70 -4.23
CA THR A 125 15.08 -17.59 -3.90
C THR A 125 15.58 -18.82 -3.18
N ILE A 126 14.98 -19.14 -2.03
CA ILE A 126 15.40 -20.30 -1.25
C ILE A 126 14.60 -21.53 -1.71
N LEU A 127 15.31 -22.56 -2.14
CA LEU A 127 14.67 -23.73 -2.76
C LEU A 127 14.70 -24.98 -1.89
N SER A 128 15.77 -25.25 -1.15
CA SER A 128 15.81 -26.43 -0.29
C SER A 128 16.68 -26.16 0.93
N LEU A 129 16.19 -26.51 2.12
CA LEU A 129 16.88 -26.21 3.37
C LEU A 129 16.87 -27.40 4.32
N ASP A 130 18.06 -27.79 4.77
CA ASP A 130 18.18 -28.79 5.83
C ASP A 130 17.76 -28.19 7.16
N PRO A 131 17.05 -28.94 8.01
CA PRO A 131 16.50 -28.35 9.25
C PRO A 131 17.53 -27.81 10.21
N GLY A 132 18.78 -28.25 10.14
CA GLY A 132 19.78 -27.77 11.09
C GLY A 132 20.80 -26.79 10.54
N ASP A 133 20.49 -26.10 9.44
CA ASP A 133 21.45 -25.22 8.79
C ASP A 133 20.86 -23.83 8.59
N LEU A 134 21.75 -22.86 8.37
CA LEU A 134 21.41 -21.47 8.14
C LEU A 134 21.78 -21.08 6.71
N TYR A 135 20.95 -20.26 6.06
CA TYR A 135 21.11 -20.00 4.63
C TYR A 135 21.71 -18.64 4.30
N ASP A 136 21.92 -17.76 5.28
CA ASP A 136 22.18 -16.34 4.96
C ASP A 136 23.56 -16.13 4.33
N VAL A 137 24.60 -16.76 4.87
CA VAL A 137 25.95 -16.54 4.35
C VAL A 137 26.11 -17.15 2.94
N LEU A 138 25.50 -18.31 2.72
CA LEU A 138 25.44 -18.88 1.38
C LEU A 138 24.78 -17.91 0.41
N ALA A 139 23.74 -17.20 0.87
CA ALA A 139 23.07 -16.21 0.04
C ALA A 139 24.01 -15.05 -0.31
N ILE A 140 24.84 -14.62 0.64
CA ILE A 140 25.83 -13.57 0.33
C ILE A 140 26.73 -14.02 -0.82
N ASN A 141 27.25 -15.24 -0.72
CA ASN A 141 28.14 -15.74 -1.77
C ASN A 141 27.43 -15.85 -3.12
N ALA A 142 26.19 -16.34 -3.13
CA ALA A 142 25.48 -16.50 -4.40
C ALA A 142 25.17 -15.16 -5.05
N ALA A 143 24.78 -14.15 -4.26
CA ALA A 143 24.52 -12.83 -4.81
C ALA A 143 25.77 -12.26 -5.45
N SER A 144 26.92 -12.38 -4.77
CA SER A 144 28.16 -11.90 -5.36
C SER A 144 28.48 -12.62 -6.66
N ALA A 145 28.31 -13.95 -6.69
CA ALA A 145 28.67 -14.69 -7.89
C ALA A 145 27.80 -14.31 -9.09
N SER A 146 26.49 -14.19 -8.88
CA SER A 146 25.62 -13.84 -9.99
C SER A 146 25.92 -12.43 -10.50
N THR A 147 26.19 -11.48 -9.60
CA THR A 147 26.57 -10.15 -10.04
C THR A 147 27.88 -10.17 -10.82
N GLN A 148 28.84 -10.97 -10.38
CA GLN A 148 30.12 -11.07 -11.07
C GLN A 148 29.94 -11.60 -12.48
N LEU A 149 29.07 -12.59 -12.66
CA LEU A 149 28.83 -13.12 -13.99
C LEU A 149 27.97 -12.19 -14.85
N GLY A 150 27.28 -11.23 -14.24
CA GLY A 150 26.42 -10.35 -15.02
C GLY A 150 27.13 -9.39 -15.96
N GLY A 151 28.44 -9.27 -15.88
CA GLY A 151 29.16 -8.35 -16.74
C GLY A 151 28.88 -6.88 -16.49
N LEU A 152 28.85 -6.46 -15.24
CA LEU A 152 28.53 -5.10 -14.83
C LEU A 152 29.77 -4.39 -14.29
N PRO A 153 29.70 -3.07 -14.13
CA PRO A 153 30.83 -2.34 -13.54
C PRO A 153 30.96 -2.60 -12.04
N PHE A 154 31.34 -3.81 -11.69
CA PHE A 154 31.30 -4.31 -10.33
C PHE A 154 32.70 -4.78 -9.94
N SER A 155 33.12 -4.44 -8.73
CA SER A 155 34.52 -4.60 -8.34
C SER A 155 34.72 -5.92 -7.60
N GLY A 156 35.04 -6.97 -8.36
CA GLY A 156 35.60 -8.19 -7.82
C GLY A 156 34.63 -9.01 -6.99
N PRO A 157 34.92 -10.29 -6.82
CA PRO A 157 34.07 -11.14 -6.00
C PRO A 157 34.19 -10.80 -4.51
N ILE A 158 33.13 -11.10 -3.78
CA ILE A 158 33.05 -10.88 -2.34
C ILE A 158 32.70 -12.19 -1.66
N GLY A 159 33.43 -12.52 -0.60
CA GLY A 159 33.22 -13.76 0.13
C GLY A 159 32.72 -13.52 1.53
N GLY A 160 31.81 -14.37 1.99
CA GLY A 160 31.25 -14.25 3.32
C GLY A 160 31.24 -15.58 4.04
N VAL A 161 31.33 -15.51 5.37
CA VAL A 161 31.44 -16.70 6.21
C VAL A 161 30.90 -16.41 7.60
N ARG A 162 30.53 -17.47 8.32
CA ARG A 162 30.21 -17.42 9.74
C ARG A 162 31.20 -18.30 10.51
N VAL A 163 31.68 -17.80 11.65
CA VAL A 163 32.61 -18.54 12.50
C VAL A 163 32.12 -18.51 13.93
N ALA A 164 32.19 -19.65 14.60
CA ALA A 164 31.72 -19.78 15.99
C ALA A 164 32.82 -20.38 16.86
N LEU A 165 32.98 -19.85 18.06
CA LEU A 165 34.08 -20.26 18.94
C LEU A 165 33.61 -21.40 19.85
N ILE A 166 34.20 -22.58 19.69
CA ILE A 166 33.81 -23.78 20.43
C ILE A 166 35.08 -24.45 20.95
N ASP A 167 35.24 -24.48 22.27
CA ASP A 167 36.37 -25.14 22.94
C ASP A 167 37.72 -24.67 22.41
N GLY A 168 37.81 -23.38 22.11
CA GLY A 168 39.05 -22.82 21.60
C GLY A 168 39.27 -22.98 20.12
N THR A 169 38.28 -23.46 19.36
CA THR A 169 38.40 -23.60 17.92
C THR A 169 37.33 -22.76 17.24
N TRP A 170 37.72 -22.01 16.20
CA TRP A 170 36.78 -21.23 15.42
C TRP A 170 36.29 -22.09 14.26
N VAL A 171 35.05 -22.55 14.34
CA VAL A 171 34.46 -23.46 13.36
C VAL A 171 33.73 -22.65 12.30
N GLY A 172 33.98 -22.97 11.04
CA GLY A 172 33.35 -22.28 9.91
C GLY A 172 32.12 -23.02 9.40
N PHE A 173 31.10 -22.25 9.06
CA PHE A 173 29.78 -22.77 8.68
C PHE A 173 29.22 -23.77 9.68
N PRO A 174 29.04 -23.39 10.94
CA PRO A 174 28.55 -24.34 11.94
C PRO A 174 27.04 -24.59 11.83
N THR A 175 26.61 -25.70 12.41
CA THR A 175 25.20 -26.05 12.46
C THR A 175 24.54 -25.44 13.71
N VAL A 176 23.22 -25.59 13.81
CA VAL A 176 22.48 -25.06 14.96
C VAL A 176 22.94 -25.75 16.24
N ASP A 177 23.11 -27.07 16.20
CA ASP A 177 23.59 -27.80 17.37
C ASP A 177 24.97 -27.35 17.78
N GLN A 178 25.88 -27.13 16.81
CA GLN A 178 27.21 -26.66 17.15
C GLN A 178 27.17 -25.24 17.73
N ILE A 179 26.33 -24.37 17.18
CA ILE A 179 26.22 -23.00 17.70
C ILE A 179 25.71 -23.03 19.13
N GLU A 180 24.91 -24.04 19.48
CA GLU A 180 24.45 -24.19 20.84
C GLU A 180 25.58 -24.45 21.84
N ARG A 181 26.78 -24.80 21.38
CA ARG A 181 27.91 -25.08 22.25
C ARG A 181 28.95 -23.98 22.28
N ALA A 182 28.75 -22.89 21.55
CA ALA A 182 29.77 -21.86 21.39
C ALA A 182 29.52 -20.68 22.33
N VAL A 183 30.55 -19.85 22.48
CA VAL A 183 30.44 -18.63 23.29
C VAL A 183 30.26 -17.36 22.45
N PHE A 184 30.46 -17.44 21.14
CA PHE A 184 30.47 -16.25 20.29
C PHE A 184 30.36 -16.68 18.84
N ASP A 185 29.51 -16.00 18.07
CA ASP A 185 29.40 -16.30 16.64
C ASP A 185 29.34 -15.02 15.82
N MET A 186 30.05 -15.03 14.69
CA MET A 186 30.39 -13.81 13.98
C MET A 186 30.30 -14.04 12.48
N VAL A 187 29.64 -13.12 11.77
CA VAL A 187 29.53 -13.14 10.32
C VAL A 187 30.48 -12.09 9.75
N VAL A 188 31.32 -12.50 8.79
CA VAL A 188 32.38 -11.66 8.25
C VAL A 188 32.36 -11.74 6.73
N ALA A 189 32.51 -10.59 6.07
CA ALA A 189 32.55 -10.52 4.62
C ALA A 189 33.70 -9.63 4.16
N GLY A 190 34.40 -10.07 3.11
CA GLY A 190 35.55 -9.35 2.60
C GLY A 190 35.91 -9.71 1.17
N ARG A 191 37.00 -9.11 0.70
CA ARG A 191 37.50 -9.30 -0.67
C ARG A 191 39.01 -9.44 -0.64
N ILE A 192 39.60 -9.72 -1.80
CA ILE A 192 41.03 -9.97 -1.92
C ILE A 192 41.71 -8.77 -2.58
N VAL A 193 42.77 -8.28 -1.95
CA VAL A 193 43.54 -7.15 -2.47
C VAL A 193 45.01 -7.53 -2.44
N GLU A 194 45.63 -7.63 -3.61
CA GLU A 194 47.06 -7.90 -3.73
C GLU A 194 47.47 -9.18 -3.02
N GLY A 195 46.64 -10.22 -3.11
CA GLY A 195 46.94 -11.48 -2.47
C GLY A 195 46.59 -11.56 -1.01
N ASP A 196 45.99 -10.53 -0.43
CA ASP A 196 45.58 -10.53 0.97
C ASP A 196 44.09 -10.21 1.06
N VAL A 197 43.50 -10.62 2.17
CA VAL A 197 42.07 -10.40 2.41
C VAL A 197 41.89 -9.07 3.13
N ALA A 198 40.98 -8.25 2.63
CA ALA A 198 40.57 -7.02 3.29
C ALA A 198 39.13 -7.16 3.77
N ILE A 199 38.92 -7.01 5.07
CA ILE A 199 37.61 -7.19 5.67
C ILE A 199 36.74 -5.99 5.37
N MET A 200 35.49 -6.24 4.98
CA MET A 200 34.55 -5.19 4.62
C MET A 200 33.39 -5.04 5.60
N MET A 201 32.82 -6.14 6.09
CA MET A 201 31.66 -6.07 6.97
C MET A 201 31.75 -7.12 8.07
N VAL A 202 31.27 -6.76 9.27
CA VAL A 202 31.22 -7.66 10.41
C VAL A 202 29.90 -7.49 11.16
N GLU A 203 29.29 -8.60 11.55
CA GLU A 203 28.06 -8.61 12.35
C GLU A 203 28.14 -9.78 13.33
N ALA A 204 28.28 -9.50 14.63
CA ALA A 204 28.66 -10.55 15.58
C ALA A 204 27.91 -10.42 16.89
N GLU A 205 27.70 -11.57 17.56
CA GLU A 205 27.01 -11.57 18.84
C GLU A 205 27.52 -12.71 19.72
N ALA A 206 27.35 -12.50 21.03
CA ALA A 206 27.52 -13.58 22.00
C ALA A 206 26.26 -14.45 22.06
N THR A 207 26.43 -15.70 22.44
CA THR A 207 25.33 -16.65 22.43
C THR A 207 24.53 -16.58 23.73
N GLU A 208 23.40 -17.29 23.75
CA GLU A 208 22.50 -17.23 24.88
C GLU A 208 22.98 -18.05 26.08
N ASN A 209 23.97 -18.94 25.90
CA ASN A 209 24.48 -19.76 26.98
C ASN A 209 25.88 -19.34 27.44
N VAL A 210 26.31 -18.12 27.12
CA VAL A 210 27.71 -17.75 27.33
C VAL A 210 28.07 -17.75 28.81
N VAL A 211 27.19 -17.24 29.68
CA VAL A 211 27.52 -17.13 31.10
C VAL A 211 27.72 -18.51 31.72
N GLU A 212 26.80 -19.44 31.42
CA GLU A 212 26.90 -20.77 31.98
C GLU A 212 28.10 -21.53 31.43
N LEU A 213 28.42 -21.35 30.15
CA LEU A 213 29.60 -21.98 29.59
C LEU A 213 30.87 -21.43 30.22
N VAL A 214 30.93 -20.12 30.46
CA VAL A 214 32.11 -19.53 31.06
C VAL A 214 32.27 -19.99 32.50
N GLU A 215 31.17 -20.16 33.23
CA GLU A 215 31.27 -20.71 34.58
C GLU A 215 31.82 -22.13 34.57
N GLY A 216 31.59 -22.87 33.49
CA GLY A 216 32.10 -24.22 33.35
C GLY A 216 33.54 -24.34 32.92
N GLY A 217 34.22 -23.22 32.63
CA GLY A 217 35.64 -23.25 32.31
C GLY A 217 36.01 -22.71 30.94
N ALA A 218 35.09 -22.20 30.13
CA ALA A 218 35.44 -21.72 28.80
C ALA A 218 36.01 -20.31 28.86
N GLN A 219 36.70 -19.93 27.79
CA GLN A 219 37.25 -18.59 27.64
C GLN A 219 36.15 -17.59 27.34
N ALA A 220 36.17 -16.44 28.04
CA ALA A 220 35.21 -15.39 27.81
C ALA A 220 35.58 -14.55 26.60
N PRO A 221 34.60 -14.11 25.81
CA PRO A 221 34.91 -13.37 24.58
C PRO A 221 35.25 -11.90 24.81
N THR A 222 36.51 -11.63 25.12
CA THR A 222 37.00 -10.27 25.30
C THR A 222 37.45 -9.70 23.95
N GLU A 223 38.13 -8.55 23.99
CA GLU A 223 38.51 -7.86 22.75
C GLU A 223 39.55 -8.64 21.96
N SER A 224 40.58 -9.15 22.63
CA SER A 224 41.63 -9.87 21.91
C SER A 224 41.10 -11.18 21.30
N VAL A 225 40.19 -11.84 22.01
CA VAL A 225 39.57 -13.06 21.47
C VAL A 225 38.79 -12.75 20.21
N VAL A 226 38.04 -11.64 20.21
CA VAL A 226 37.28 -11.26 19.02
C VAL A 226 38.22 -10.93 17.87
N ALA A 227 39.34 -10.26 18.15
CA ALA A 227 40.31 -9.98 17.10
C ALA A 227 40.90 -11.27 16.51
N ALA A 228 41.18 -12.25 17.36
CA ALA A 228 41.67 -13.53 16.87
C ALA A 228 40.62 -14.21 15.98
N GLY A 229 39.36 -14.11 16.38
CA GLY A 229 38.30 -14.66 15.54
C GLY A 229 38.22 -13.99 14.19
N LEU A 230 38.40 -12.67 14.15
CA LEU A 230 38.50 -11.99 12.85
C LEU A 230 39.65 -12.52 12.03
N GLU A 231 40.78 -12.82 12.70
CA GLU A 231 41.91 -13.36 11.97
C GLU A 231 41.64 -14.76 11.43
N ALA A 232 40.77 -15.53 12.09
CA ALA A 232 40.56 -16.92 11.67
C ALA A 232 39.60 -17.07 10.50
N ALA A 233 38.91 -16.01 10.08
CA ALA A 233 37.95 -16.10 8.99
C ALA A 233 38.56 -15.85 7.61
N LYS A 234 39.81 -15.38 7.54
CA LYS A 234 40.39 -14.98 6.26
C LYS A 234 40.62 -16.14 5.29
N PRO A 235 41.18 -17.28 5.70
CA PRO A 235 41.35 -18.38 4.73
C PRO A 235 40.07 -18.87 4.07
N PHE A 236 38.98 -18.94 4.82
CA PHE A 236 37.70 -19.35 4.26
C PHE A 236 37.23 -18.35 3.18
N ILE A 237 37.36 -17.05 3.46
CA ILE A 237 36.98 -16.03 2.51
C ILE A 237 37.84 -16.12 1.25
N ALA A 238 39.14 -16.38 1.41
CA ALA A 238 40.01 -16.52 0.25
C ALA A 238 39.59 -17.70 -0.61
N ALA A 239 39.27 -18.85 0.01
CA ALA A 239 38.83 -20.00 -0.76
C ALA A 239 37.55 -19.72 -1.54
N LEU A 240 36.58 -19.06 -0.90
CA LEU A 240 35.34 -18.75 -1.60
C LEU A 240 35.55 -17.78 -2.76
N CYS A 241 36.39 -16.76 -2.56
CA CYS A 241 36.69 -15.83 -3.64
C CYS A 241 37.35 -16.54 -4.82
N THR A 242 38.27 -17.46 -4.53
CA THR A 242 38.94 -18.19 -5.59
C THR A 242 37.95 -19.04 -6.39
N ALA A 243 37.03 -19.72 -5.70
CA ALA A 243 36.04 -20.53 -6.42
C ALA A 243 35.17 -19.66 -7.32
N GLN A 244 34.73 -18.50 -6.81
CA GLN A 244 33.91 -17.62 -7.63
C GLN A 244 34.66 -17.13 -8.87
N GLN A 245 35.92 -16.75 -8.70
CA GLN A 245 36.71 -16.28 -9.84
C GLN A 245 36.93 -17.38 -10.87
N GLU A 246 37.17 -18.60 -10.42
CA GLU A 246 37.31 -19.71 -11.37
C GLU A 246 36.02 -19.93 -12.14
N LEU A 247 34.87 -19.85 -11.48
CA LEU A 247 33.60 -19.98 -12.19
C LEU A 247 33.45 -18.89 -13.24
N ALA A 248 33.79 -17.65 -12.89
CA ALA A 248 33.67 -16.57 -13.87
C ALA A 248 34.58 -16.80 -15.06
N ASP A 249 35.80 -17.29 -14.83
CA ASP A 249 36.72 -17.52 -15.93
C ASP A 249 36.27 -18.66 -16.83
N ALA A 250 35.75 -19.74 -16.25
CA ALA A 250 35.38 -20.90 -17.07
C ALA A 250 34.24 -20.59 -18.02
N ALA A 251 33.23 -19.85 -17.57
CA ALA A 251 32.03 -19.60 -18.37
C ALA A 251 32.15 -18.33 -19.20
N GLY A 252 33.25 -18.20 -19.94
CA GLY A 252 33.48 -16.98 -20.70
C GLY A 252 33.55 -15.80 -19.77
N LYS A 253 32.80 -14.75 -20.11
CA LYS A 253 32.66 -13.56 -19.26
C LYS A 253 34.04 -12.93 -19.08
N SER A 254 34.48 -12.65 -17.86
CA SER A 254 35.78 -12.03 -17.61
C SER A 254 35.87 -10.67 -18.29
N GLY A 255 36.45 -10.64 -19.49
CA GLY A 255 36.59 -9.40 -20.23
C GLY A 255 35.38 -9.08 -21.08
N LYS A 256 35.59 -8.18 -22.05
CA LYS A 256 34.62 -7.68 -23.03
C LYS A 256 33.26 -7.38 -22.39
N PRO A 257 33.15 -6.30 -21.62
CA PRO A 257 31.86 -5.98 -20.99
C PRO A 257 30.73 -5.72 -21.98
N THR A 258 31.05 -5.39 -23.23
CA THR A 258 30.04 -5.22 -24.27
C THR A 258 29.14 -4.02 -23.98
N VAL A 259 28.24 -4.15 -23.02
CA VAL A 259 27.35 -3.05 -22.67
C VAL A 259 28.13 -2.04 -21.82
N ASP A 260 28.04 -0.77 -22.19
CA ASP A 260 28.69 0.31 -21.48
C ASP A 260 27.64 1.15 -20.76
N PHE A 261 27.87 1.43 -19.49
CA PHE A 261 26.93 2.18 -18.67
C PHE A 261 27.47 3.58 -18.43
N PRO A 262 26.70 4.62 -18.77
CA PRO A 262 27.14 5.98 -18.50
C PRO A 262 27.16 6.29 -17.01
N VAL A 263 28.02 7.23 -16.63
CA VAL A 263 28.14 7.68 -15.25
C VAL A 263 27.83 9.17 -15.21
N PHE A 264 27.34 9.63 -14.05
CA PHE A 264 26.89 11.01 -13.86
C PHE A 264 27.55 11.59 -12.62
N PRO A 265 28.77 12.13 -12.74
CA PRO A 265 29.44 12.70 -11.58
C PRO A 265 28.70 13.90 -11.02
N ASP A 266 28.87 14.12 -9.71
CA ASP A 266 28.22 15.26 -9.05
C ASP A 266 28.76 16.59 -9.57
N TYR A 267 30.06 16.68 -9.82
CA TYR A 267 30.65 17.92 -10.31
C TYR A 267 31.79 17.61 -11.27
N GLY A 268 32.06 18.54 -12.19
CA GLY A 268 33.21 18.41 -13.04
C GLY A 268 34.44 19.02 -12.40
N GLU A 269 35.61 18.65 -12.94
CA GLU A 269 36.87 19.15 -12.39
C GLU A 269 36.98 20.65 -12.56
N ASP A 270 36.49 21.18 -13.67
CA ASP A 270 36.57 22.61 -13.92
C ASP A 270 35.80 23.41 -12.88
N VAL A 271 34.63 22.93 -12.46
CA VAL A 271 33.89 23.61 -11.40
C VAL A 271 34.59 23.48 -10.06
N TYR A 272 35.17 22.32 -9.75
CA TYR A 272 35.83 22.11 -8.47
C TYR A 272 37.06 22.99 -8.34
N TYR A 273 37.79 23.16 -9.43
CA TYR A 273 39.02 23.96 -9.42
C TYR A 273 38.73 25.41 -9.04
N SER A 274 37.69 25.99 -9.64
CA SER A 274 37.34 27.36 -9.37
C SER A 274 36.95 27.56 -7.91
N VAL A 275 36.13 26.65 -7.37
CA VAL A 275 35.68 26.77 -5.98
C VAL A 275 36.87 26.69 -5.04
N SER A 276 37.79 25.76 -5.29
CA SER A 276 38.98 25.67 -4.46
C SER A 276 39.79 26.96 -4.51
N SER A 277 40.13 27.41 -5.72
CA SER A 277 40.97 28.60 -5.86
C SER A 277 40.31 29.85 -5.33
N VAL A 278 38.97 29.86 -5.21
CA VAL A 278 38.29 31.06 -4.72
C VAL A 278 38.10 31.02 -3.21
N ALA A 279 37.87 29.83 -2.63
CA ALA A 279 37.42 29.77 -1.25
C ALA A 279 38.29 28.93 -0.32
N THR A 280 39.48 28.49 -0.75
CA THR A 280 40.32 27.64 0.10
C THR A 280 40.69 28.36 1.40
N ASP A 281 41.27 29.56 1.29
CA ASP A 281 41.74 30.26 2.47
C ASP A 281 40.59 30.71 3.36
N GLU A 282 39.48 31.15 2.76
CA GLU A 282 38.32 31.55 3.54
C GLU A 282 37.78 30.38 4.34
N LEU A 283 37.65 29.20 3.72
CA LEU A 283 37.18 28.03 4.45
C LEU A 283 38.17 27.62 5.53
N ALA A 284 39.47 27.65 5.23
CA ALA A 284 40.46 27.25 6.22
C ALA A 284 40.42 28.15 7.45
N ALA A 285 40.30 29.47 7.24
CA ALA A 285 40.24 30.39 8.35
C ALA A 285 38.90 30.29 9.10
N ALA A 286 37.82 30.01 8.37
CA ALA A 286 36.49 30.05 8.98
C ALA A 286 36.31 28.95 10.02
N LEU A 287 36.97 27.80 9.83
CA LEU A 287 36.80 26.68 10.74
C LEU A 287 37.33 26.97 12.14
N THR A 288 38.33 27.84 12.27
CA THR A 288 38.94 28.14 13.56
C THR A 288 37.98 28.87 14.50
N ILE A 289 36.88 29.42 13.98
CA ILE A 289 35.94 30.17 14.81
C ILE A 289 35.36 29.28 15.89
N GLY A 290 34.83 28.12 15.50
CA GLY A 290 34.31 27.17 16.46
C GLY A 290 33.23 27.71 17.37
N GLY A 291 32.27 28.45 16.81
CA GLY A 291 31.26 29.07 17.64
C GLY A 291 29.83 28.67 17.30
N LYS A 292 29.67 27.57 16.58
CA LYS A 292 28.35 27.10 16.16
C LYS A 292 27.66 28.15 15.28
N ALA A 293 26.97 29.09 15.93
CA ALA A 293 26.25 30.12 15.18
C ALA A 293 27.20 30.96 14.35
N GLU A 294 28.32 31.38 14.93
CA GLU A 294 29.31 32.14 14.17
C GLU A 294 29.91 31.30 13.06
N ARG A 295 30.27 30.05 13.37
CA ARG A 295 30.81 29.14 12.35
C ARG A 295 29.81 28.91 11.23
N ASP A 296 28.56 28.62 11.59
CA ASP A 296 27.52 28.37 10.58
C ASP A 296 27.28 29.62 9.73
N GLN A 297 27.24 30.80 10.37
CA GLN A 297 27.01 32.03 9.62
C GLN A 297 28.15 32.32 8.67
N ARG A 298 29.40 32.13 9.11
CA ARG A 298 30.53 32.36 8.23
C ARG A 298 30.51 31.40 7.05
N ILE A 299 30.20 30.12 7.32
CA ILE A 299 30.13 29.12 6.26
C ILE A 299 29.04 29.48 5.27
N ASP A 300 27.86 29.85 5.76
CA ASP A 300 26.75 30.19 4.88
C ASP A 300 27.06 31.43 4.04
N GLU A 301 27.69 32.43 4.65
CA GLU A 301 28.04 33.64 3.91
C GLU A 301 29.05 33.34 2.81
N ILE A 302 30.09 32.56 3.13
CA ILE A 302 31.08 32.22 2.12
C ILE A 302 30.44 31.41 1.00
N LYS A 303 29.56 30.48 1.36
CA LYS A 303 28.86 29.68 0.35
C LYS A 303 28.01 30.57 -0.55
N THR A 304 27.28 31.52 0.03
CA THR A 304 26.43 32.41 -0.77
C THR A 304 27.27 33.24 -1.72
N GLN A 305 28.39 33.80 -1.23
CA GLN A 305 29.25 34.59 -2.10
C GLN A 305 29.80 33.75 -3.24
N VAL A 306 30.31 32.55 -2.92
CA VAL A 306 30.90 31.70 -3.95
C VAL A 306 29.85 31.28 -4.96
N VAL A 307 28.66 30.92 -4.50
CA VAL A 307 27.61 30.45 -5.41
C VAL A 307 27.15 31.60 -6.29
N GLN A 308 27.06 32.82 -5.74
CA GLN A 308 26.68 33.96 -6.56
C GLN A 308 27.71 34.21 -7.66
N ARG A 309 28.99 34.25 -7.30
CA ARG A 309 30.03 34.52 -8.30
C ARG A 309 30.07 33.42 -9.35
N LEU A 310 30.01 32.16 -8.92
CA LEU A 310 30.11 31.06 -9.88
C LEU A 310 28.83 30.87 -10.68
N ALA A 311 27.69 31.35 -10.20
CA ALA A 311 26.48 31.37 -11.02
C ALA A 311 26.56 32.47 -12.06
N ASP A 312 27.16 33.61 -11.72
CA ASP A 312 27.43 34.61 -12.74
C ASP A 312 28.41 34.07 -13.79
N THR A 313 29.35 33.23 -13.37
CA THR A 313 30.38 32.75 -14.29
C THR A 313 29.89 31.59 -15.15
N TYR A 314 29.53 30.47 -14.54
CA TYR A 314 29.27 29.22 -15.26
C TYR A 314 27.90 29.19 -15.93
N GLU A 315 27.07 30.18 -15.63
CA GLU A 315 25.80 30.35 -16.34
C GLU A 315 24.87 29.15 -16.18
N GLY A 316 24.41 28.89 -14.97
CA GLY A 316 23.35 27.93 -14.77
C GLY A 316 23.78 26.53 -14.36
N ARG A 317 24.82 26.43 -13.53
CA ARG A 317 25.21 25.16 -12.90
C ARG A 317 25.40 25.45 -11.41
N GLU A 318 24.30 25.35 -10.65
CA GLU A 318 24.31 25.65 -9.23
C GLU A 318 24.52 24.44 -8.35
N LYS A 319 23.98 23.28 -8.75
CA LYS A 319 24.18 22.07 -7.97
C LYS A 319 25.64 21.66 -7.96
N GLU A 320 26.33 21.81 -9.10
CA GLU A 320 27.72 21.39 -9.18
C GLU A 320 28.60 22.19 -8.23
N VAL A 321 28.42 23.51 -8.18
CA VAL A 321 29.22 24.32 -7.26
C VAL A 321 28.87 24.00 -5.82
N GLY A 322 27.59 23.75 -5.53
CA GLY A 322 27.20 23.35 -4.19
C GLY A 322 27.84 22.06 -3.73
N ALA A 323 27.91 21.05 -4.61
CA ALA A 323 28.60 19.81 -4.29
C ALA A 323 30.10 19.98 -4.15
N ALA A 324 30.73 20.77 -5.03
CA ALA A 324 32.17 20.99 -4.94
C ALA A 324 32.54 21.70 -3.64
N PHE A 325 31.72 22.65 -3.20
CA PHE A 325 31.98 23.34 -1.95
C PHE A 325 31.97 22.37 -0.77
N ARG A 326 30.98 21.47 -0.73
CA ARG A 326 30.91 20.48 0.33
C ARG A 326 32.11 19.54 0.29
N ALA A 327 32.52 19.13 -0.91
CA ALA A 327 33.69 18.28 -1.04
C ALA A 327 34.95 18.96 -0.50
N LEU A 328 35.13 20.24 -0.83
CA LEU A 328 36.29 20.97 -0.32
C LEU A 328 36.26 21.10 1.20
N THR A 329 35.06 21.35 1.75
CA THR A 329 34.93 21.45 3.20
C THR A 329 35.33 20.15 3.88
N LYS A 330 34.83 19.03 3.36
CA LYS A 330 35.17 17.72 3.94
C LYS A 330 36.66 17.44 3.81
N LYS A 331 37.26 17.77 2.67
CA LYS A 331 38.69 17.57 2.50
C LYS A 331 39.51 18.39 3.49
N LEU A 332 39.16 19.64 3.73
CA LEU A 332 39.88 20.43 4.73
C LEU A 332 39.71 19.87 6.13
N VAL A 333 38.49 19.46 6.49
CA VAL A 333 38.24 18.96 7.83
C VAL A 333 39.04 17.69 8.10
N ARG A 334 39.11 16.79 7.11
CA ARG A 334 39.87 15.56 7.32
C ARG A 334 41.34 15.82 7.57
N GLN A 335 41.95 16.72 6.79
CA GLN A 335 43.34 17.09 7.01
C GLN A 335 43.54 17.73 8.37
N ARG A 336 42.60 18.58 8.80
CA ARG A 336 42.75 19.19 10.10
C ARG A 336 42.67 18.16 11.23
N ILE A 337 41.77 17.18 11.10
CA ILE A 337 41.72 16.10 12.09
C ILE A 337 43.02 15.32 12.13
N LEU A 338 43.56 14.98 10.96
CA LEU A 338 44.77 14.17 10.94
C LEU A 338 45.98 14.93 11.46
N THR A 339 46.02 16.25 11.25
CA THR A 339 47.19 17.03 11.64
C THR A 339 47.14 17.46 13.10
N ASP A 340 46.05 18.09 13.53
CA ASP A 340 46.01 18.73 14.85
C ASP A 340 45.10 18.05 15.86
N HIS A 341 44.49 16.92 15.51
CA HIS A 341 43.49 16.28 16.38
C HIS A 341 42.34 17.24 16.68
N PHE A 342 41.90 17.94 15.64
CA PHE A 342 40.83 18.92 15.68
C PHE A 342 39.49 18.24 15.42
N ARG A 343 38.51 18.47 16.28
CA ARG A 343 37.16 17.99 16.05
C ARG A 343 36.20 19.16 15.86
N ILE A 344 35.15 18.90 15.07
CA ILE A 344 34.26 19.97 14.64
C ILE A 344 33.51 20.64 15.78
N ASP A 345 33.34 19.96 16.93
CA ASP A 345 32.66 20.56 18.06
C ASP A 345 33.59 20.88 19.23
N GLY A 346 34.90 20.73 19.05
CA GLY A 346 35.85 21.14 20.07
C GLY A 346 36.26 20.09 21.08
N ARG A 347 35.72 18.87 21.00
CA ARG A 347 36.09 17.82 21.93
C ARG A 347 37.46 17.24 21.58
N GLY A 348 38.10 16.62 22.57
CA GLY A 348 39.24 15.77 22.30
C GLY A 348 38.82 14.45 21.68
N ILE A 349 39.80 13.70 21.17
CA ILE A 349 39.48 12.50 20.42
C ILE A 349 39.00 11.36 21.30
N THR A 350 39.14 11.47 22.62
CA THR A 350 38.67 10.44 23.55
C THR A 350 37.57 10.93 24.47
N ASP A 351 36.91 12.04 24.14
CA ASP A 351 35.90 12.62 25.00
C ASP A 351 34.49 12.19 24.60
N ILE A 352 33.66 11.93 25.61
CA ILE A 352 32.25 11.61 25.42
C ILE A 352 31.43 12.87 25.68
N ARG A 353 30.29 12.96 25.00
CA ARG A 353 29.38 14.08 25.21
C ARG A 353 28.73 13.99 26.59
N ALA A 354 27.96 15.03 26.93
CA ALA A 354 27.33 15.09 28.25
C ALA A 354 26.30 13.97 28.40
N LEU A 355 26.28 13.35 29.57
CA LEU A 355 25.51 12.14 29.84
C LEU A 355 24.49 12.38 30.93
N SER A 356 23.33 11.75 30.80
CA SER A 356 22.36 11.75 31.88
C SER A 356 21.43 10.55 31.77
N ALA A 357 21.00 10.03 32.93
CA ALA A 357 20.15 8.85 33.01
C ALA A 357 19.15 9.00 34.13
N GLU A 358 17.90 8.62 33.86
CA GLU A 358 16.83 8.72 34.86
C GLU A 358 15.85 7.57 34.70
N VAL A 359 15.23 7.14 35.80
CA VAL A 359 14.24 6.07 35.77
C VAL A 359 12.91 6.57 36.32
N ALA A 360 11.86 5.80 36.06
CA ALA A 360 10.50 6.08 36.54
C ALA A 360 9.96 7.40 35.99
N VAL A 361 9.87 7.45 34.66
CA VAL A 361 9.40 8.67 34.00
C VAL A 361 7.97 8.57 33.46
N VAL A 362 7.43 7.38 33.31
CA VAL A 362 6.07 7.18 32.82
C VAL A 362 5.24 6.62 33.97
N PRO A 363 4.15 7.29 34.37
CA PRO A 363 3.48 6.97 35.64
C PRO A 363 2.97 5.54 35.81
N ARG A 364 2.24 4.98 34.85
CA ARG A 364 1.63 3.67 35.04
C ARG A 364 2.38 2.55 34.32
N ALA A 365 3.57 2.80 33.80
CA ALA A 365 4.33 1.76 33.11
C ALA A 365 4.98 0.80 34.11
N HIS A 366 5.17 -0.45 33.67
CA HIS A 366 5.83 -1.43 34.53
C HIS A 366 7.28 -1.04 34.80
N GLY A 367 7.92 -0.34 33.86
CA GLY A 367 9.25 0.21 34.04
C GLY A 367 9.60 1.16 32.92
N SER A 368 10.39 2.20 33.19
CA SER A 368 10.71 3.16 32.14
C SER A 368 11.99 3.90 32.49
N ALA A 369 12.58 4.53 31.48
CA ALA A 369 13.84 5.25 31.65
C ALA A 369 14.03 6.26 30.54
N LEU A 370 14.83 7.28 30.84
CA LEU A 370 15.23 8.30 29.89
C LEU A 370 16.75 8.40 29.88
N PHE A 371 17.34 8.26 28.69
CA PHE A 371 18.80 8.28 28.52
C PHE A 371 19.19 9.37 27.53
N GLU A 372 20.19 10.18 27.88
CA GLU A 372 20.62 11.30 27.06
C GLU A 372 22.12 11.34 26.92
N ARG A 373 22.58 11.52 25.68
CA ARG A 373 24.00 11.68 25.33
C ARG A 373 24.07 12.80 24.29
N GLY A 374 24.48 13.98 24.73
CA GLY A 374 24.46 15.13 23.85
C GLY A 374 23.04 15.42 23.40
N GLU A 375 22.84 15.53 22.09
CA GLU A 375 21.51 15.74 21.54
C GLU A 375 20.74 14.45 21.29
N THR A 376 21.34 13.30 21.56
CA THR A 376 20.60 12.03 21.44
C THR A 376 19.80 11.77 22.71
N GLN A 377 18.52 11.47 22.52
CA GLN A 377 17.58 11.28 23.63
C GLN A 377 16.69 10.08 23.32
N ILE A 378 16.74 9.07 24.19
CA ILE A 378 16.02 7.81 24.05
C ILE A 378 15.12 7.59 25.26
N LEU A 379 13.86 7.24 25.01
CA LEU A 379 12.89 6.87 26.03
C LEU A 379 12.59 5.38 25.93
N GLY A 380 12.79 4.64 27.01
CA GLY A 380 12.55 3.20 27.02
C GLY A 380 11.44 2.82 27.98
N VAL A 381 10.59 1.87 27.57
CA VAL A 381 9.44 1.42 28.35
C VAL A 381 9.39 -0.11 28.32
N THR A 382 9.11 -0.71 29.47
CA THR A 382 9.05 -2.16 29.64
C THR A 382 7.64 -2.57 30.05
N THR A 383 7.19 -3.73 29.56
CA THR A 383 5.90 -4.29 29.96
C THR A 383 6.02 -5.81 30.09
N LEU A 384 5.43 -6.34 31.16
CA LEU A 384 5.47 -7.75 31.49
C LEU A 384 4.08 -8.36 31.36
N ASP A 385 4.03 -9.63 30.94
CA ASP A 385 2.75 -10.30 30.70
C ASP A 385 2.94 -11.80 30.90
N MET A 386 1.83 -12.53 30.80
CA MET A 386 1.85 -13.97 30.93
C MET A 386 2.61 -14.61 29.77
N ILE A 387 3.16 -15.81 30.02
CA ILE A 387 4.06 -16.44 29.07
C ILE A 387 3.37 -16.86 27.78
N LYS A 388 2.04 -16.95 27.78
CA LYS A 388 1.35 -17.29 26.55
C LYS A 388 1.33 -16.15 25.54
N MET A 389 1.73 -14.94 25.93
CA MET A 389 1.77 -13.82 25.01
C MET A 389 3.11 -13.70 24.28
N ALA A 390 4.00 -14.68 24.45
CA ALA A 390 5.20 -14.73 23.64
C ALA A 390 4.83 -14.87 22.17
N GLN A 391 5.63 -14.27 21.31
CA GLN A 391 5.36 -14.31 19.88
C GLN A 391 5.55 -15.72 19.33
N GLN A 392 4.59 -16.18 18.54
CA GLN A 392 4.69 -17.45 17.83
C GLN A 392 5.19 -17.20 16.43
N ILE A 393 6.22 -17.92 16.02
CA ILE A 393 6.90 -17.69 14.75
C ILE A 393 6.64 -18.88 13.83
N ASP A 394 6.30 -18.58 12.59
CA ASP A 394 5.96 -19.57 11.56
C ASP A 394 6.82 -19.34 10.32
N SER A 395 8.13 -19.32 10.51
CA SER A 395 9.06 -18.97 9.44
C SER A 395 9.75 -20.21 8.90
N LEU A 396 10.65 -20.01 7.95
CA LEU A 396 11.43 -21.09 7.35
C LEU A 396 12.55 -21.58 8.26
N GLY A 397 13.10 -20.69 9.09
CA GLY A 397 14.22 -21.04 9.93
C GLY A 397 13.82 -21.81 11.16
N PRO A 398 14.81 -22.12 12.00
CA PRO A 398 14.57 -23.03 13.13
C PRO A 398 13.84 -22.40 14.31
N GLU A 399 13.84 -21.08 14.45
CA GLU A 399 13.19 -20.43 15.58
C GLU A 399 11.68 -20.68 15.54
N THR A 400 11.08 -20.86 16.72
CA THR A 400 9.64 -21.10 16.81
C THR A 400 8.91 -20.17 17.76
N SER A 401 9.58 -19.48 18.67
CA SER A 401 8.91 -18.54 19.56
C SER A 401 9.94 -17.56 20.09
N LYS A 402 9.45 -16.42 20.56
CA LYS A 402 10.30 -15.32 21.00
C LYS A 402 9.80 -14.80 22.35
N ARG A 403 10.48 -15.19 23.42
CA ARG A 403 10.17 -14.72 24.77
C ARG A 403 10.41 -13.23 24.96
N TYR A 404 11.49 -12.69 24.41
CA TYR A 404 11.88 -11.29 24.62
C TYR A 404 11.79 -10.57 23.29
N MET A 405 10.99 -9.51 23.23
CA MET A 405 10.79 -8.74 22.00
C MET A 405 11.26 -7.30 22.22
N HIS A 406 11.93 -6.73 21.23
CA HIS A 406 12.38 -5.34 21.28
C HIS A 406 11.96 -4.63 20.00
N HIS A 407 11.26 -3.52 20.14
CA HIS A 407 10.79 -2.72 19.00
C HIS A 407 11.35 -1.31 19.09
N TYR A 408 11.79 -0.78 17.95
CA TYR A 408 12.48 0.50 17.86
C TYR A 408 11.71 1.44 16.93
N ASN A 409 11.46 2.67 17.38
CA ASN A 409 10.70 3.64 16.61
C ASN A 409 11.50 4.92 16.41
N PHE A 410 11.44 5.45 15.18
CA PHE A 410 12.21 6.62 14.75
C PHE A 410 11.28 7.59 14.02
N PRO A 411 10.63 8.50 14.74
CA PRO A 411 9.67 9.41 14.10
C PRO A 411 10.35 10.57 13.39
N PRO A 412 9.66 11.19 12.43
CA PRO A 412 10.30 12.30 11.68
C PRO A 412 10.71 13.49 12.53
N PHE A 413 9.97 13.83 13.59
CA PHE A 413 10.29 15.01 14.37
C PHE A 413 11.58 14.84 15.17
N SER A 414 12.13 13.63 15.22
CA SER A 414 13.36 13.36 15.96
C SER A 414 14.52 14.20 15.44
N THR A 415 14.52 14.52 14.14
CA THR A 415 15.48 15.43 13.55
C THR A 415 14.83 16.71 13.02
N GLY A 416 13.53 16.89 13.24
CA GLY A 416 12.89 18.13 12.86
C GLY A 416 12.31 18.18 11.48
N GLU A 417 12.08 17.04 10.83
CA GLU A 417 11.43 16.96 9.54
C GLU A 417 9.97 16.53 9.66
N THR A 418 9.27 16.53 8.52
CA THR A 418 7.93 15.98 8.38
C THR A 418 8.01 14.75 7.50
N GLY A 419 7.10 13.81 7.69
CA GLY A 419 7.09 12.62 6.87
C GLY A 419 6.02 11.66 7.28
N ARG A 420 5.95 10.54 6.55
CA ARG A 420 4.92 9.54 6.81
C ARG A 420 5.20 8.79 8.10
N VAL A 421 4.15 8.51 8.84
CA VAL A 421 4.21 7.67 10.03
C VAL A 421 3.41 6.42 9.71
N GLY A 422 4.09 5.28 9.62
CA GLY A 422 3.43 4.05 9.24
C GLY A 422 4.18 2.82 9.69
N SER A 423 4.24 1.81 8.83
CA SER A 423 4.99 0.61 9.17
C SER A 423 6.49 0.92 9.22
N PRO A 424 7.23 0.25 10.09
CA PRO A 424 8.68 0.51 10.19
C PRO A 424 9.41 0.12 8.92
N LYS A 425 10.51 0.83 8.67
CA LYS A 425 11.35 0.60 7.50
C LYS A 425 12.43 -0.44 7.81
N ARG A 426 13.24 -0.76 6.80
CA ARG A 426 14.26 -1.80 6.98
C ARG A 426 15.33 -1.39 7.98
N ARG A 427 15.74 -0.12 7.96
CA ARG A 427 16.77 0.34 8.90
C ARG A 427 16.27 0.27 10.34
N GLU A 428 14.99 0.57 10.57
CA GLU A 428 14.43 0.45 11.91
C GLU A 428 14.49 -1.00 12.39
N ILE A 429 14.14 -1.94 11.51
CA ILE A 429 14.22 -3.36 11.86
C ILE A 429 15.64 -3.75 12.21
N GLY A 430 16.61 -3.29 11.41
CA GLY A 430 18.00 -3.64 11.68
C GLY A 430 18.51 -3.09 13.00
N HIS A 431 18.24 -1.81 13.28
CA HIS A 431 18.67 -1.22 14.54
C HIS A 431 18.02 -1.91 15.73
N GLY A 432 16.72 -2.21 15.62
CA GLY A 432 16.05 -2.92 16.71
C GLY A 432 16.64 -4.29 16.96
N ALA A 433 16.94 -5.02 15.89
CA ALA A 433 17.54 -6.35 16.05
C ALA A 433 18.90 -6.28 16.71
N LEU A 434 19.73 -5.31 16.30
CA LEU A 434 21.05 -5.18 16.91
C LEU A 434 20.94 -4.85 18.40
N ALA A 435 20.01 -3.96 18.77
CA ALA A 435 19.83 -3.68 20.19
C ALA A 435 19.25 -4.87 20.94
N GLU A 436 18.45 -5.71 20.26
CA GLU A 436 17.88 -6.89 20.92
C GLU A 436 18.96 -7.93 21.22
N ARG A 437 19.89 -8.14 20.30
CA ARG A 437 20.91 -9.17 20.53
C ARG A 437 21.87 -8.80 21.65
N ALA A 438 22.00 -7.52 22.00
CA ALA A 438 22.97 -7.11 23.02
C ALA A 438 22.50 -7.48 24.43
N LEU A 439 21.21 -7.68 24.64
CA LEU A 439 20.67 -7.92 25.98
C LEU A 439 20.34 -9.39 26.24
N VAL A 440 20.09 -10.17 25.20
CA VAL A 440 19.68 -11.57 25.31
C VAL A 440 20.61 -12.41 26.18
N PRO A 441 21.94 -12.31 26.08
CA PRO A 441 22.81 -13.18 26.90
C PRO A 441 22.74 -12.93 28.39
N VAL A 442 22.05 -11.88 28.86
CA VAL A 442 22.08 -11.54 30.27
C VAL A 442 20.71 -11.68 30.93
N LEU A 443 19.69 -12.12 30.19
CA LEU A 443 18.36 -12.29 30.73
C LEU A 443 18.29 -13.53 31.64
N PRO A 444 17.42 -13.52 32.64
CA PRO A 444 17.20 -14.72 33.45
C PRO A 444 16.39 -15.76 32.70
N SER A 445 16.52 -17.00 33.15
CA SER A 445 15.84 -18.11 32.50
C SER A 445 14.34 -18.11 32.83
N VAL A 446 13.58 -18.86 32.03
CA VAL A 446 12.13 -18.92 32.19
C VAL A 446 11.73 -19.56 33.52
N GLU A 447 12.48 -20.56 33.99
CA GLU A 447 12.10 -21.24 35.21
C GLU A 447 12.18 -20.33 36.43
N GLU A 448 13.03 -19.31 36.40
CA GLU A 448 13.18 -18.40 37.52
C GLU A 448 12.50 -17.05 37.30
N PHE A 449 11.96 -16.80 36.12
CA PHE A 449 11.23 -15.57 35.81
C PHE A 449 10.23 -15.86 34.70
N PRO A 450 9.08 -16.41 35.05
CA PRO A 450 8.13 -16.92 34.04
C PRO A 450 7.23 -15.85 33.44
N TYR A 451 7.82 -14.96 32.65
CA TYR A 451 7.09 -13.85 32.04
C TYR A 451 7.53 -13.66 30.60
N ALA A 452 6.62 -13.18 29.77
CA ALA A 452 6.97 -12.60 28.49
C ALA A 452 7.36 -11.14 28.68
N ILE A 453 8.32 -10.68 27.88
CA ILE A 453 8.90 -9.35 28.05
C ILE A 453 8.91 -8.61 26.71
N ARG A 454 8.34 -7.41 26.70
CA ARG A 454 8.35 -6.53 25.55
C ARG A 454 9.00 -5.20 25.92
N GLN A 455 9.95 -4.77 25.11
CA GLN A 455 10.68 -3.52 25.30
C GLN A 455 10.51 -2.63 24.08
N VAL A 456 10.27 -1.35 24.31
CA VAL A 456 10.05 -0.38 23.23
C VAL A 456 11.01 0.79 23.43
N SER A 457 11.69 1.18 22.35
CA SER A 457 12.56 2.35 22.34
C SER A 457 11.98 3.40 21.40
N GLU A 458 11.89 4.64 21.88
CA GLU A 458 11.45 5.78 21.08
C GLU A 458 12.63 6.71 20.93
N ALA A 459 13.02 7.02 19.70
CA ALA A 459 14.10 7.98 19.48
C ALA A 459 13.52 9.38 19.46
N LEU A 460 13.40 9.98 20.64
CA LEU A 460 12.84 11.33 20.72
C LEU A 460 13.82 12.38 20.18
N GLY A 461 15.12 12.10 20.20
CA GLY A 461 16.05 13.02 19.57
C GLY A 461 17.29 12.34 19.02
N SER A 462 17.71 12.71 17.81
CA SER A 462 18.78 11.99 17.12
C SER A 462 19.90 12.92 16.68
N ASN A 463 21.11 12.63 17.15
CA ASN A 463 22.31 13.24 16.58
C ASN A 463 23.45 12.23 16.52
N GLY A 464 23.15 10.98 16.19
CA GLY A 464 24.21 9.98 16.03
C GLY A 464 24.13 8.78 16.96
N SER A 465 23.98 7.60 16.37
CA SER A 465 23.98 6.33 17.08
C SER A 465 22.87 6.20 18.12
N THR A 466 21.61 6.20 17.66
CA THR A 466 20.51 5.89 18.56
C THR A 466 20.49 4.43 18.97
N SER A 467 21.05 3.53 18.16
CA SER A 467 21.02 2.11 18.48
C SER A 467 21.87 1.77 19.70
N MET A 468 22.99 2.48 19.91
CA MET A 468 23.78 2.25 21.11
C MET A 468 23.12 2.85 22.35
N GLY A 469 22.37 3.93 22.20
CA GLY A 469 21.62 4.47 23.32
C GLY A 469 20.44 3.60 23.71
N SER A 470 19.86 2.89 22.74
CA SER A 470 18.78 1.97 23.06
C SER A 470 19.23 0.85 24.00
N VAL A 471 20.48 0.42 23.91
CA VAL A 471 21.00 -0.61 24.80
C VAL A 471 20.98 -0.13 26.24
N CYS A 472 21.50 1.09 26.47
CA CYS A 472 21.55 1.64 27.81
C CYS A 472 20.15 1.87 28.38
N ALA A 473 19.26 2.42 27.56
CA ALA A 473 17.88 2.63 28.01
C ALA A 473 17.19 1.31 28.32
N SER A 474 17.46 0.27 27.53
CA SER A 474 16.89 -1.05 27.79
C SER A 474 17.34 -1.58 29.14
N THR A 475 18.63 -1.47 29.44
CA THR A 475 19.14 -1.95 30.72
C THR A 475 18.48 -1.22 31.88
N LEU A 476 18.44 0.12 31.81
CA LEU A 476 17.87 0.88 32.92
C LEU A 476 16.39 0.57 33.11
N ALA A 477 15.62 0.51 32.02
CA ALA A 477 14.19 0.25 32.15
C ALA A 477 13.92 -1.16 32.65
N LEU A 478 14.68 -2.15 32.19
CA LEU A 478 14.48 -3.51 32.68
C LEU A 478 14.79 -3.62 34.16
N LEU A 479 15.84 -2.95 34.64
CA LEU A 479 16.13 -2.97 36.06
C LEU A 479 15.03 -2.26 36.86
N ASN A 480 14.51 -1.14 36.33
CA ASN A 480 13.44 -0.42 37.01
C ASN A 480 12.17 -1.26 37.16
N ALA A 481 11.95 -2.22 36.26
CA ALA A 481 10.75 -3.05 36.33
C ALA A 481 10.91 -4.28 37.21
N GLY A 482 12.10 -4.55 37.74
CA GLY A 482 12.30 -5.68 38.61
C GLY A 482 12.82 -6.94 37.95
N VAL A 483 13.25 -6.88 36.70
CA VAL A 483 13.82 -8.04 36.02
C VAL A 483 15.22 -8.28 36.56
N PRO A 484 15.51 -9.47 37.09
CA PRO A 484 16.84 -9.72 37.68
C PRO A 484 17.91 -10.05 36.65
N LEU A 485 18.53 -9.03 36.07
CA LEU A 485 19.58 -9.24 35.08
C LEU A 485 20.82 -9.86 35.73
N LYS A 486 21.59 -10.58 34.91
CA LYS A 486 22.85 -11.15 35.38
C LYS A 486 23.94 -10.10 35.49
N ALA A 487 23.88 -9.05 34.68
CA ALA A 487 24.86 -7.97 34.69
C ALA A 487 24.39 -6.84 33.76
N PRO A 488 24.66 -5.58 34.09
CA PRO A 488 24.26 -4.48 33.20
C PRO A 488 25.09 -4.44 31.93
N VAL A 489 24.51 -3.85 30.88
CA VAL A 489 25.09 -3.78 29.55
C VAL A 489 25.08 -2.33 29.07
N ALA A 490 26.15 -1.91 28.39
CA ALA A 490 26.24 -0.57 27.80
C ALA A 490 26.93 -0.65 26.44
N GLY A 491 26.74 0.40 25.63
CA GLY A 491 27.27 0.42 24.28
C GLY A 491 27.79 1.78 23.87
N ILE A 492 28.57 1.79 22.77
CA ILE A 492 29.23 2.98 22.27
C ILE A 492 29.47 2.84 20.77
N ALA A 493 29.61 3.99 20.09
CA ALA A 493 29.85 4.05 18.65
C ALA A 493 31.12 4.85 18.38
N MET A 494 31.94 4.37 17.44
CA MET A 494 33.29 4.86 17.22
C MET A 494 33.58 5.03 15.74
N GLY A 495 34.52 5.93 15.44
CA GLY A 495 34.90 6.19 14.07
C GLY A 495 36.41 6.16 13.89
N LEU A 496 36.83 6.04 12.63
CA LEU A 496 38.25 6.01 12.31
C LEU A 496 38.53 6.75 11.01
N VAL A 497 39.49 7.67 11.06
CA VAL A 497 39.94 8.44 9.90
C VAL A 497 41.37 8.02 9.58
N SER A 498 41.74 8.05 8.29
CA SER A 498 43.09 7.67 7.91
C SER A 498 43.43 8.24 6.54
N ASP A 499 44.71 8.52 6.35
CA ASP A 499 45.16 9.06 5.06
C ASP A 499 46.69 9.15 5.05
N ASP A 500 47.24 9.60 3.92
CA ASP A 500 48.67 9.73 3.74
C ASP A 500 49.10 11.15 4.11
N ILE A 501 50.00 11.26 5.08
CA ILE A 501 50.49 12.54 5.57
C ILE A 501 52.00 12.56 5.44
N GLN A 502 52.54 13.61 4.83
CA GLN A 502 53.98 13.71 4.65
C GLN A 502 54.67 14.08 5.95
N VAL A 503 55.70 13.31 6.30
CA VAL A 503 56.46 13.55 7.52
C VAL A 503 57.36 14.76 7.32
N GLU A 504 57.86 15.33 8.40
CA GLU A 504 58.69 16.53 8.34
C GLU A 504 59.98 16.26 7.57
N GLY A 505 60.11 16.87 6.40
CA GLY A 505 61.28 16.65 5.56
C GLY A 505 61.02 17.15 4.15
N ALA A 506 61.47 16.35 3.18
CA ALA A 506 61.32 16.70 1.77
C ALA A 506 61.19 15.40 0.98
N VAL A 507 61.38 15.52 -0.34
CA VAL A 507 61.38 14.40 -1.30
C VAL A 507 59.95 13.98 -1.65
N ASP A 508 58.98 14.43 -0.85
CA ASP A 508 57.54 14.17 -1.00
C ASP A 508 57.21 12.73 -1.39
N GLY A 509 57.97 11.77 -0.87
CA GLY A 509 57.72 10.37 -1.14
C GLY A 509 57.75 9.56 0.14
N VAL A 510 58.02 10.25 1.25
CA VAL A 510 58.07 9.62 2.56
C VAL A 510 56.72 9.69 3.27
N VAL A 511 55.66 10.03 2.53
CA VAL A 511 54.31 9.99 3.10
C VAL A 511 53.98 8.57 3.51
N GLU A 512 53.39 8.41 4.69
CA GLU A 512 53.00 7.10 5.20
C GLU A 512 51.58 7.18 5.72
N ARG A 513 50.95 6.02 5.86
CA ARG A 513 49.59 5.96 6.37
C ARG A 513 49.54 6.44 7.82
N ARG A 514 48.51 7.23 8.12
CA ARG A 514 48.26 7.70 9.47
C ARG A 514 46.80 7.47 9.80
N PHE A 515 46.56 7.05 11.05
CA PHE A 515 45.25 6.65 11.55
C PHE A 515 44.90 7.44 12.80
N VAL A 516 43.63 7.81 12.94
CA VAL A 516 43.12 8.47 14.14
C VAL A 516 41.77 7.86 14.49
N THR A 517 41.56 7.59 15.78
CA THR A 517 40.33 6.98 16.27
C THR A 517 39.53 8.00 17.07
N LEU A 518 38.22 8.05 16.83
CA LEU A 518 37.34 9.01 17.47
C LEU A 518 36.27 8.30 18.29
N THR A 519 36.07 8.80 19.51
CA THR A 519 35.09 8.27 20.46
C THR A 519 33.79 9.04 20.37
N ASP A 520 32.67 8.31 20.29
CA ASP A 520 31.32 8.87 20.36
C ASP A 520 31.09 9.91 19.25
N ILE A 521 31.09 9.42 18.01
CA ILE A 521 31.08 10.29 16.85
C ILE A 521 29.70 10.91 16.64
N LEU A 522 29.70 12.12 16.10
CA LEU A 522 28.49 12.84 15.72
C LEU A 522 27.93 12.30 14.41
N GLY A 523 26.71 12.73 14.09
CA GLY A 523 26.11 12.32 12.83
C GLY A 523 26.90 12.79 11.63
N ALA A 524 27.41 14.02 11.67
CA ALA A 524 28.18 14.56 10.57
C ALA A 524 29.58 13.96 10.48
N GLU A 525 30.16 13.57 11.60
CA GLU A 525 31.50 12.96 11.59
C GLU A 525 31.52 11.61 10.90
N ASP A 526 30.38 10.93 10.78
CA ASP A 526 30.34 9.67 10.06
C ASP A 526 30.66 9.83 8.58
N ALA A 527 30.18 10.91 7.95
CA ALA A 527 30.48 11.18 6.55
C ALA A 527 31.96 11.43 6.29
N PHE A 528 32.66 12.09 7.22
CA PHE A 528 34.09 12.35 7.07
C PHE A 528 34.95 11.14 7.36
N GLY A 529 34.41 10.12 8.03
CA GLY A 529 35.22 9.03 8.51
C GLY A 529 35.48 7.98 7.46
N ASP A 530 36.42 7.09 7.80
CA ASP A 530 36.79 5.99 6.93
C ASP A 530 36.30 4.65 7.42
N MET A 531 36.04 4.50 8.72
CA MET A 531 35.44 3.27 9.23
C MET A 531 34.51 3.62 10.38
N ASP A 532 33.42 2.88 10.50
CA ASP A 532 32.42 3.03 11.55
C ASP A 532 32.29 1.70 12.29
N PHE A 533 32.24 1.74 13.62
CA PHE A 533 31.98 0.49 14.32
C PHE A 533 31.36 0.74 15.69
N LYS A 534 30.48 -0.18 16.10
CA LYS A 534 29.73 -0.08 17.34
C LYS A 534 29.99 -1.29 18.21
N VAL A 535 30.18 -1.06 19.52
CA VAL A 535 30.51 -2.14 20.45
C VAL A 535 29.63 -2.03 21.69
N ALA A 536 29.13 -3.16 22.17
CA ALA A 536 28.34 -3.21 23.39
C ALA A 536 28.75 -4.42 24.23
N GLY A 537 28.55 -4.31 25.54
CA GLY A 537 28.87 -5.42 26.42
C GLY A 537 28.75 -5.05 27.88
N THR A 538 29.16 -5.99 28.72
CA THR A 538 29.25 -5.83 30.16
C THR A 538 30.66 -5.37 30.52
N LYS A 539 31.00 -5.41 31.80
CA LYS A 539 32.36 -5.10 32.21
C LYS A 539 33.34 -6.26 32.03
N ASP A 540 32.86 -7.44 31.63
CA ASP A 540 33.72 -8.60 31.48
C ASP A 540 33.89 -9.08 30.04
N PHE A 541 32.89 -8.94 29.18
CA PHE A 541 33.00 -9.43 27.81
C PHE A 541 32.05 -8.65 26.92
N VAL A 542 32.25 -8.78 25.61
CA VAL A 542 31.44 -8.09 24.61
C VAL A 542 30.22 -8.94 24.28
N THR A 543 29.09 -8.28 24.01
CA THR A 543 27.88 -9.00 23.64
C THR A 543 27.43 -8.77 22.21
N ALA A 544 27.66 -7.59 21.64
CA ALA A 544 27.28 -7.33 20.24
C ALA A 544 28.37 -6.51 19.57
N LEU A 545 28.52 -6.66 18.26
CA LEU A 545 29.49 -5.87 17.52
C LEU A 545 29.08 -5.75 16.05
N GLN A 546 29.31 -4.56 15.48
CA GLN A 546 28.94 -4.28 14.10
C GLN A 546 30.00 -3.38 13.46
N LEU A 547 30.30 -3.63 12.19
CA LEU A 547 31.38 -2.88 11.54
C LEU A 547 31.23 -2.91 10.03
N ASP A 548 31.64 -1.82 9.38
CA ASP A 548 31.78 -1.78 7.93
C ASP A 548 32.81 -0.74 7.52
N THR A 549 33.57 -1.05 6.48
CA THR A 549 34.69 -0.20 6.08
C THR A 549 35.01 -0.38 4.60
N LYS A 550 35.88 0.49 4.09
CA LYS A 550 36.35 0.44 2.71
C LYS A 550 37.87 0.35 2.57
N LEU A 551 38.62 0.41 3.66
CA LEU A 551 40.07 0.43 3.57
C LEU A 551 40.62 -0.89 3.04
N ASP A 552 41.75 -0.79 2.34
CA ASP A 552 42.42 -1.97 1.80
C ASP A 552 43.02 -2.86 2.87
N GLY A 553 43.36 -2.30 4.02
CA GLY A 553 43.90 -3.10 5.10
C GLY A 553 44.00 -2.26 6.35
N ILE A 554 44.12 -2.97 7.48
CA ILE A 554 44.26 -2.32 8.78
C ILE A 554 45.29 -3.10 9.59
N PRO A 555 46.33 -2.44 10.12
CA PRO A 555 47.27 -3.15 10.98
C PRO A 555 46.61 -3.65 12.26
N SER A 556 47.15 -4.73 12.80
CA SER A 556 46.56 -5.36 13.97
C SER A 556 46.59 -4.43 15.18
N GLN A 557 47.71 -3.72 15.38
CA GLN A 557 47.83 -2.83 16.52
C GLN A 557 46.83 -1.68 16.49
N VAL A 558 46.51 -1.16 15.30
CA VAL A 558 45.52 -0.09 15.19
C VAL A 558 44.15 -0.59 15.65
N LEU A 559 43.75 -1.77 15.18
CA LEU A 559 42.47 -2.34 15.58
C LEU A 559 42.43 -2.64 17.08
N ALA A 560 43.52 -3.17 17.63
CA ALA A 560 43.56 -3.45 19.06
C ALA A 560 43.41 -2.17 19.88
N GLY A 561 44.12 -1.11 19.49
CA GLY A 561 43.98 0.15 20.19
C GLY A 561 42.57 0.71 20.12
N ALA A 562 41.94 0.62 18.95
CA ALA A 562 40.57 1.10 18.82
C ALA A 562 39.61 0.33 19.72
N LEU A 563 39.74 -1.00 19.76
CA LEU A 563 38.88 -1.78 20.62
C LEU A 563 39.08 -1.45 22.10
N GLU A 564 40.33 -1.24 22.52
CA GLU A 564 40.59 -0.85 23.90
C GLU A 564 39.97 0.51 24.25
N GLN A 565 40.07 1.47 23.33
CA GLN A 565 39.46 2.77 23.56
C GLN A 565 37.94 2.65 23.72
N ALA A 566 37.31 1.83 22.89
CA ALA A 566 35.88 1.58 23.04
C ALA A 566 35.54 0.96 24.40
N LYS A 567 36.36 0.03 24.88
CA LYS A 567 36.11 -0.55 26.19
C LYS A 567 36.18 0.48 27.30
N ASP A 568 37.16 1.40 27.24
CA ASP A 568 37.24 2.45 28.24
C ASP A 568 35.99 3.32 28.26
N ALA A 569 35.51 3.70 27.07
CA ALA A 569 34.28 4.49 27.01
C ALA A 569 33.10 3.72 27.62
N ARG A 570 32.99 2.42 27.34
CA ARG A 570 31.91 1.62 27.90
C ARG A 570 31.95 1.61 29.42
N LEU A 571 33.13 1.47 30.00
CA LEU A 571 33.22 1.47 31.46
C LEU A 571 32.79 2.81 32.05
N THR A 572 33.21 3.91 31.42
CA THR A 572 32.79 5.23 31.88
C THR A 572 31.27 5.36 31.88
N ILE A 573 30.62 4.87 30.83
CA ILE A 573 29.16 4.97 30.78
C ILE A 573 28.49 4.09 31.84
N LEU A 574 29.03 2.89 32.09
CA LEU A 574 28.44 2.03 33.11
C LEU A 574 28.50 2.67 34.49
N GLU A 575 29.56 3.42 34.78
CA GLU A 575 29.61 4.10 36.07
C GLU A 575 28.48 5.11 36.24
N VAL A 576 28.17 5.87 35.20
CA VAL A 576 27.05 6.82 35.28
C VAL A 576 25.73 6.07 35.41
N MET A 577 25.58 4.96 34.71
CA MET A 577 24.33 4.20 34.78
C MET A 577 24.09 3.68 36.20
N ALA A 578 25.15 3.22 36.87
CA ALA A 578 24.98 2.62 38.19
C ALA A 578 24.44 3.61 39.21
N GLU A 579 24.68 4.90 39.02
CA GLU A 579 24.23 5.89 40.00
C GLU A 579 22.72 6.08 39.96
N ALA A 580 22.09 5.90 38.81
CA ALA A 580 20.64 6.00 38.72
C ALA A 580 19.97 4.80 39.38
N ILE A 581 20.46 3.60 39.09
CA ILE A 581 19.92 2.37 39.66
C ILE A 581 20.99 1.30 39.56
N ASP A 582 21.19 0.54 40.65
CA ASP A 582 22.24 -0.47 40.69
C ASP A 582 21.75 -1.87 41.02
N ARG A 583 20.45 -2.08 41.19
CA ARG A 583 19.90 -3.39 41.48
C ARG A 583 18.43 -3.38 41.12
N PRO A 584 17.83 -4.56 40.92
CA PRO A 584 16.40 -4.59 40.54
C PRO A 584 15.51 -3.99 41.60
N ASP A 585 14.48 -3.28 41.14
CA ASP A 585 13.49 -2.68 42.02
C ASP A 585 12.42 -3.72 42.37
N GLU A 586 11.44 -3.31 43.18
CA GLU A 586 10.27 -4.13 43.43
C GLU A 586 9.37 -4.13 42.21
N MET A 587 8.70 -5.26 41.97
CA MET A 587 7.79 -5.35 40.84
C MET A 587 6.61 -4.40 41.02
N SER A 588 6.10 -3.88 39.90
CA SER A 588 5.05 -2.88 39.94
C SER A 588 3.75 -3.47 40.47
N PRO A 589 2.96 -2.69 41.22
CA PRO A 589 1.62 -3.16 41.60
C PRO A 589 0.71 -3.44 40.41
N TYR A 590 0.92 -2.75 39.29
CA TYR A 590 0.10 -2.95 38.11
C TYR A 590 0.45 -4.21 37.32
N ALA A 591 1.64 -4.76 37.51
CA ALA A 591 2.04 -5.96 36.80
C ALA A 591 1.39 -7.19 37.42
N PRO A 592 1.20 -8.24 36.62
CA PRO A 592 0.60 -9.48 37.13
C PRO A 592 1.61 -10.26 37.97
N ARG A 593 1.16 -11.40 38.47
CA ARG A 593 2.01 -12.25 39.30
C ARG A 593 1.98 -13.71 38.87
N ALA B 1 6.27 28.64 34.93
CA ALA B 1 7.10 28.42 36.11
C ALA B 1 8.28 27.51 35.78
N GLU B 2 9.49 28.05 35.89
CA GLU B 2 10.71 27.32 35.55
C GLU B 2 11.08 26.43 36.72
N ILE B 3 10.53 25.21 36.72
CA ILE B 3 10.86 24.23 37.76
C ILE B 3 12.31 23.80 37.66
N ASP B 4 12.82 23.65 36.43
CA ASP B 4 14.21 23.29 36.18
C ASP B 4 14.73 24.19 35.08
N GLU B 5 16.06 24.26 34.96
CA GLU B 5 16.69 25.15 34.00
C GLU B 5 16.28 24.82 32.58
N GLY B 6 15.52 25.72 31.95
CA GLY B 6 14.99 25.50 30.62
C GLY B 6 13.65 24.81 30.56
N VAL B 7 13.09 24.43 31.71
CA VAL B 7 11.82 23.71 31.77
C VAL B 7 10.77 24.64 32.37
N PHE B 8 9.60 24.71 31.75
CA PHE B 8 8.53 25.59 32.20
C PHE B 8 7.22 24.81 32.32
N GLU B 9 6.36 25.26 33.23
CA GLU B 9 5.17 24.53 33.63
C GLU B 9 4.01 25.48 33.89
N THR B 10 2.78 25.00 33.64
CA THR B 10 1.57 25.79 33.86
C THR B 10 0.41 24.85 34.17
N THR B 11 -0.58 25.36 34.90
CA THR B 11 -1.68 24.54 35.44
C THR B 11 -3.03 25.20 35.20
N ALA B 12 -4.05 24.36 35.00
CA ALA B 12 -5.44 24.79 34.93
C ALA B 12 -6.32 23.92 35.81
N THR B 13 -7.32 24.51 36.45
CA THR B 13 -8.19 23.84 37.40
C THR B 13 -9.61 23.76 36.87
N ILE B 14 -10.24 22.60 37.03
CA ILE B 14 -11.61 22.35 36.62
C ILE B 14 -12.39 21.98 37.89
N ASP B 15 -13.34 22.83 38.28
CA ASP B 15 -14.04 22.67 39.55
C ASP B 15 -15.47 22.21 39.28
N ASN B 16 -15.82 21.02 39.77
CA ASN B 16 -17.13 20.42 39.56
C ASN B 16 -17.96 20.36 40.84
N GLY B 17 -17.60 21.14 41.84
CA GLY B 17 -18.37 21.17 43.07
C GLY B 17 -18.32 19.84 43.81
N SER B 18 -19.49 19.28 44.08
CA SER B 18 -19.60 18.03 44.81
C SER B 18 -19.21 16.81 43.99
N PHE B 19 -18.95 16.98 42.69
CA PHE B 19 -18.48 15.89 41.85
C PHE B 19 -16.96 15.79 41.81
N GLY B 20 -16.25 16.72 42.43
CA GLY B 20 -14.80 16.69 42.49
C GLY B 20 -14.17 17.81 41.70
N THR B 21 -12.85 17.83 41.72
CA THR B 21 -12.05 18.82 41.01
C THR B 21 -10.89 18.12 40.32
N ARG B 22 -10.50 18.62 39.15
CA ARG B 22 -9.43 18.04 38.36
C ARG B 22 -8.44 19.11 37.93
N THR B 23 -7.22 18.66 37.58
CA THR B 23 -6.12 19.55 37.22
C THR B 23 -5.47 19.10 35.91
N ILE B 24 -5.13 20.06 35.06
CA ILE B 24 -4.40 19.79 33.82
C ILE B 24 -3.09 20.56 33.85
N ARG B 25 -1.98 19.86 33.59
CA ARG B 25 -0.66 20.47 33.58
C ARG B 25 -0.03 20.43 32.20
N PHE B 26 0.60 21.54 31.81
CA PHE B 26 1.37 21.67 30.59
C PHE B 26 2.83 21.89 30.95
N GLU B 27 3.73 21.13 30.30
CA GLU B 27 5.17 21.24 30.55
C GLU B 27 5.93 21.31 29.23
N THR B 28 6.97 22.14 29.20
CA THR B 28 7.77 22.27 27.99
C THR B 28 9.24 22.43 28.36
N GLY B 29 10.10 22.01 27.44
CA GLY B 29 11.53 22.22 27.54
C GLY B 29 12.36 21.02 27.93
N ARG B 30 11.78 19.82 27.95
CA ARG B 30 12.51 18.65 28.42
C ARG B 30 12.46 17.46 27.46
N LEU B 31 11.44 17.35 26.61
CA LEU B 31 11.32 16.26 25.67
C LEU B 31 11.21 16.77 24.24
N ALA B 32 11.90 16.08 23.33
CA ALA B 32 11.81 16.32 21.88
C ALA B 32 12.20 17.75 21.52
N LEU B 33 13.46 18.07 21.79
CA LEU B 33 13.93 19.44 21.64
C LEU B 33 14.30 19.82 20.21
N GLN B 34 14.26 18.91 19.25
CA GLN B 34 14.54 19.26 17.87
C GLN B 34 13.29 19.55 17.05
N ALA B 35 12.11 19.38 17.63
CA ALA B 35 10.90 19.76 16.92
C ALA B 35 10.73 21.29 16.96
N ALA B 36 9.87 21.79 16.08
CA ALA B 36 9.54 23.21 16.13
C ALA B 36 8.85 23.55 17.46
N GLY B 37 7.94 22.69 17.91
CA GLY B 37 7.38 22.86 19.25
C GLY B 37 6.99 21.55 19.88
N ALA B 38 7.09 21.42 21.20
CA ALA B 38 6.72 20.16 21.86
C ALA B 38 6.22 20.44 23.26
N VAL B 39 5.15 19.73 23.65
CA VAL B 39 4.51 19.93 24.95
C VAL B 39 4.08 18.59 25.53
N VAL B 40 4.27 18.42 26.83
CA VAL B 40 3.79 17.25 27.56
C VAL B 40 2.58 17.68 28.39
N ALA B 41 1.51 16.88 28.34
CA ALA B 41 0.27 17.21 29.04
C ALA B 41 -0.11 16.10 30.02
N TYR B 42 -0.53 16.51 31.22
CA TYR B 42 -0.98 15.61 32.28
C TYR B 42 -2.39 15.93 32.72
N LEU B 43 -3.16 14.89 33.02
CA LEU B 43 -4.48 15.00 33.67
C LEU B 43 -4.47 14.17 34.94
N ASP B 44 -4.41 14.83 36.09
CA ASP B 44 -4.48 14.18 37.41
C ASP B 44 -3.40 13.11 37.59
N ASP B 45 -2.18 13.45 37.15
CA ASP B 45 -0.92 12.72 37.38
C ASP B 45 -0.94 11.20 37.23
N ASP B 46 -1.83 10.65 36.40
CA ASP B 46 -1.70 9.31 35.84
C ASP B 46 -1.98 9.25 34.35
N ASN B 47 -2.47 10.33 33.76
CA ASN B 47 -2.71 10.40 32.32
C ASN B 47 -1.70 11.37 31.72
N MET B 48 -0.90 10.87 30.79
CA MET B 48 0.23 11.63 30.25
C MET B 48 0.37 11.39 28.77
N LEU B 49 0.53 12.47 28.00
CA LEU B 49 0.76 12.36 26.56
C LEU B 49 1.68 13.47 26.08
N LEU B 50 2.24 13.26 24.89
CA LEU B 50 3.22 14.16 24.28
C LEU B 50 2.73 14.61 22.91
N SER B 51 2.96 15.89 22.58
CA SER B 51 2.57 16.45 21.29
C SER B 51 3.74 17.23 20.71
N ALA B 52 4.02 17.03 19.42
CA ALA B 52 5.13 17.67 18.72
C ALA B 52 4.68 18.20 17.37
N THR B 53 5.16 19.40 17.01
CA THR B 53 4.82 20.07 15.77
C THR B 53 6.08 20.44 15.02
N THR B 54 6.10 20.19 13.71
CA THR B 54 7.21 20.52 12.83
C THR B 54 6.69 21.12 11.52
N ALA B 55 7.58 21.82 10.82
CA ALA B 55 7.25 22.46 9.55
C ALA B 55 8.35 22.21 8.53
N SER B 56 7.96 22.10 7.26
CA SER B 56 8.92 21.86 6.20
C SER B 56 9.70 23.14 5.87
N LYS B 57 10.90 22.94 5.32
CA LYS B 57 11.79 24.07 5.09
C LYS B 57 11.35 24.91 3.90
N ASN B 58 10.90 24.27 2.84
CA ASN B 58 10.56 24.95 1.59
C ASN B 58 9.08 24.79 1.29
N PRO B 59 8.48 25.77 0.63
CA PRO B 59 7.09 25.64 0.18
C PRO B 59 7.00 24.64 -0.97
N LYS B 60 5.76 24.39 -1.39
CA LYS B 60 5.49 23.53 -2.54
C LYS B 60 4.20 24.01 -3.21
N GLU B 61 4.36 24.86 -4.22
CA GLU B 61 3.23 25.57 -4.80
C GLU B 61 2.47 24.74 -5.81
N HIS B 62 2.98 23.57 -6.21
CA HIS B 62 2.25 22.74 -7.15
C HIS B 62 0.97 22.17 -6.53
N PHE B 63 0.84 22.18 -5.21
CA PHE B 63 -0.46 21.95 -4.59
C PHE B 63 -1.30 23.21 -4.62
N ASP B 64 -2.62 23.01 -4.56
CA ASP B 64 -3.57 24.10 -4.53
C ASP B 64 -4.34 24.20 -3.20
N PHE B 65 -3.90 23.48 -2.18
CA PHE B 65 -4.54 23.51 -0.88
C PHE B 65 -3.48 23.50 0.20
N PHE B 66 -3.89 23.85 1.42
CA PHE B 66 -2.98 23.88 2.55
C PHE B 66 -2.73 22.46 3.06
N PRO B 67 -1.52 21.95 2.96
CA PRO B 67 -1.26 20.58 3.43
C PRO B 67 -0.97 20.50 4.93
N LEU B 68 -1.93 19.99 5.68
CA LEU B 68 -1.81 19.77 7.11
C LEU B 68 -2.04 18.30 7.40
N THR B 69 -1.21 17.71 8.27
CA THR B 69 -1.36 16.31 8.63
C THR B 69 -1.38 16.15 10.13
N VAL B 70 -2.30 15.31 10.63
CA VAL B 70 -2.45 15.03 12.05
C VAL B 70 -2.40 13.52 12.24
N ASP B 71 -1.58 13.07 13.20
CA ASP B 71 -1.42 11.65 13.49
C ASP B 71 -1.53 11.40 14.99
N VAL B 72 -2.20 10.32 15.35
CA VAL B 72 -2.37 9.90 16.74
C VAL B 72 -1.80 8.49 16.87
N GLU B 73 -0.88 8.31 17.83
CA GLU B 73 -0.17 7.05 18.05
C GLU B 73 -0.57 6.51 19.42
N GLU B 74 -1.37 5.43 19.41
CA GLU B 74 -1.77 4.74 20.63
C GLU B 74 -0.77 3.64 20.94
N ARG B 75 -0.09 3.75 22.08
CA ARG B 75 0.86 2.73 22.49
C ARG B 75 0.19 1.79 23.50
N MET B 76 0.29 0.49 23.26
CA MET B 76 -0.39 -0.46 24.13
C MET B 76 0.25 -0.53 25.51
N TYR B 77 1.53 -0.13 25.65
CA TYR B 77 2.13 -0.12 26.97
C TYR B 77 1.50 0.94 27.87
N ALA B 78 0.77 1.90 27.31
CA ALA B 78 0.00 2.83 28.13
C ALA B 78 -1.11 2.13 28.90
N ALA B 79 -1.58 0.98 28.45
CA ALA B 79 -2.55 0.21 29.21
C ALA B 79 -1.92 -0.93 30.00
N GLY B 80 -0.61 -1.16 29.85
CA GLY B 80 0.06 -2.20 30.59
C GLY B 80 -0.13 -3.62 30.09
N ARG B 81 -0.19 -3.82 28.78
CA ARG B 81 -0.27 -5.17 28.24
C ARG B 81 0.33 -5.21 26.85
N ILE B 82 0.55 -6.43 26.36
CA ILE B 82 1.18 -6.68 25.06
C ILE B 82 0.11 -6.78 23.97
N PRO B 83 0.36 -6.25 22.77
CA PRO B 83 -0.65 -6.30 21.71
C PRO B 83 -1.01 -7.73 21.33
N GLY B 84 -2.28 -7.94 20.98
CA GLY B 84 -2.80 -9.26 20.71
C GLY B 84 -2.67 -9.76 19.28
N SER B 85 -2.19 -8.94 18.36
CA SER B 85 -2.07 -9.35 16.98
C SER B 85 -0.96 -10.39 16.81
N PHE B 86 -0.90 -11.00 15.63
CA PHE B 86 0.00 -12.12 15.39
C PHE B 86 1.47 -11.70 15.50
N PHE B 87 1.79 -10.48 15.09
CA PHE B 87 3.16 -9.99 15.15
C PHE B 87 3.46 -9.17 16.40
N ARG B 88 2.49 -9.03 17.30
CA ARG B 88 2.70 -8.41 18.62
C ARG B 88 3.15 -6.96 18.52
N ARG B 89 2.73 -6.26 17.47
CA ARG B 89 3.12 -4.87 17.27
C ARG B 89 1.91 -4.08 16.79
N GLU B 90 1.90 -2.78 17.12
CA GLU B 90 0.80 -1.91 16.71
C GLU B 90 0.84 -1.69 15.20
N GLY B 91 -0.31 -1.80 14.55
CA GLY B 91 -0.38 -1.68 13.11
C GLY B 91 -1.09 -0.43 12.61
N ARG B 92 -2.14 -0.61 11.83
CA ARG B 92 -2.91 0.51 11.32
C ARG B 92 -3.71 1.16 12.45
N PRO B 93 -3.96 2.47 12.36
CA PRO B 93 -4.70 3.14 13.43
C PRO B 93 -6.11 2.61 13.57
N SER B 94 -6.59 2.58 14.81
CA SER B 94 -7.95 2.13 15.07
C SER B 94 -8.94 3.24 14.80
N THR B 95 -10.23 2.90 14.92
CA THR B 95 -11.29 3.87 14.64
C THR B 95 -11.25 5.03 15.62
N ASP B 96 -10.94 4.76 16.89
CA ASP B 96 -10.87 5.80 17.90
C ASP B 96 -9.79 6.83 17.57
N ALA B 97 -8.61 6.37 17.16
CA ALA B 97 -7.53 7.28 16.83
C ALA B 97 -7.88 8.15 15.62
N ILE B 98 -8.55 7.57 14.62
CA ILE B 98 -8.97 8.34 13.45
C ILE B 98 -9.98 9.41 13.83
N LEU B 99 -10.94 9.07 14.69
CA LEU B 99 -11.90 10.07 15.13
C LEU B 99 -11.23 11.18 15.94
N THR B 100 -10.22 10.85 16.76
CA THR B 100 -9.47 11.88 17.46
C THR B 100 -8.71 12.78 16.49
N CYS B 101 -8.15 12.20 15.43
CA CYS B 101 -7.50 13.00 14.40
C CYS B 101 -8.48 14.00 13.78
N ARG B 102 -9.69 13.54 13.47
CA ARG B 102 -10.69 14.45 12.91
C ARG B 102 -11.05 15.55 13.90
N LEU B 103 -11.21 15.20 15.17
CA LEU B 103 -11.54 16.19 16.19
C LEU B 103 -10.47 17.27 16.28
N ILE B 104 -9.20 16.89 16.16
CA ILE B 104 -8.14 17.89 16.17
C ILE B 104 -8.14 18.71 14.88
N ASP B 105 -8.34 18.06 13.74
CA ASP B 105 -8.18 18.74 12.46
C ASP B 105 -9.29 19.75 12.20
N ARG B 106 -10.50 19.49 12.69
CA ARG B 106 -11.63 20.38 12.35
C ARG B 106 -11.44 21.81 12.85
N PRO B 107 -11.11 22.07 14.11
CA PRO B 107 -10.94 23.46 14.55
C PRO B 107 -9.60 24.09 14.19
N LEU B 108 -8.53 23.30 14.11
CA LEU B 108 -7.20 23.86 13.90
C LEU B 108 -6.94 24.30 12.46
N ARG B 109 -7.50 23.61 11.48
CA ARG B 109 -7.17 23.89 10.08
C ARG B 109 -7.51 25.32 9.66
N PRO B 110 -8.70 25.87 9.94
CA PRO B 110 -8.97 27.25 9.56
C PRO B 110 -8.28 28.30 10.42
N SER B 111 -7.44 27.91 11.37
CA SER B 111 -6.74 28.86 12.22
C SER B 111 -5.41 29.33 11.64
N PHE B 112 -4.98 28.77 10.52
CA PHE B 112 -3.76 29.22 9.87
C PHE B 112 -4.09 30.29 8.83
N VAL B 113 -3.10 31.12 8.53
CA VAL B 113 -3.30 32.21 7.57
C VAL B 113 -3.54 31.64 6.18
N ASP B 114 -4.31 32.36 5.37
CA ASP B 114 -4.66 31.89 4.04
C ASP B 114 -3.44 31.91 3.11
N GLY B 115 -3.40 30.95 2.19
CA GLY B 115 -2.36 30.89 1.20
C GLY B 115 -1.09 30.18 1.62
N LEU B 116 -1.04 29.63 2.82
CA LEU B 116 0.15 28.95 3.30
C LEU B 116 0.35 27.64 2.54
N ARG B 117 1.60 27.37 2.15
CA ARG B 117 1.91 26.19 1.35
C ARG B 117 3.02 25.31 1.92
N ASN B 118 3.64 25.69 3.03
CA ASN B 118 4.56 24.81 3.71
C ASN B 118 3.81 23.64 4.33
N GLU B 119 4.46 22.47 4.35
CA GLU B 119 3.87 21.30 5.01
C GLU B 119 3.96 21.45 6.53
N ILE B 120 2.89 21.05 7.21
CA ILE B 120 2.82 21.11 8.67
C ILE B 120 2.27 19.79 9.18
N GLN B 121 2.98 19.19 10.15
CA GLN B 121 2.61 17.91 10.71
C GLN B 121 2.54 17.98 12.23
N ILE B 122 1.51 17.33 12.79
CA ILE B 122 1.33 17.23 14.24
C ILE B 122 1.21 15.76 14.59
N VAL B 123 1.99 15.32 15.57
CA VAL B 123 2.00 13.92 16.01
C VAL B 123 1.76 13.90 17.51
N VAL B 124 0.78 13.11 17.94
CA VAL B 124 0.40 13.01 19.35
C VAL B 124 0.55 11.56 19.78
N THR B 125 1.36 11.32 20.81
CA THR B 125 1.67 9.98 21.29
C THR B 125 1.09 9.77 22.69
N ILE B 126 0.32 8.70 22.87
CA ILE B 126 -0.30 8.40 24.16
C ILE B 126 0.67 7.54 24.98
N LEU B 127 1.09 8.04 26.13
CA LEU B 127 2.08 7.36 26.95
C LEU B 127 1.51 6.69 28.19
N SER B 128 0.54 7.29 28.87
CA SER B 128 -0.01 6.66 30.07
C SER B 128 -1.47 7.02 30.23
N LEU B 129 -2.30 6.02 30.51
CA LEU B 129 -3.75 6.19 30.54
C LEU B 129 -4.38 5.44 31.70
N ASP B 130 -5.12 6.16 32.53
CA ASP B 130 -5.90 5.55 33.60
C ASP B 130 -7.07 4.76 33.02
N PRO B 131 -7.41 3.62 33.61
CA PRO B 131 -8.46 2.76 33.02
C PRO B 131 -9.84 3.41 32.95
N GLY B 132 -10.12 4.43 33.75
CA GLY B 132 -11.44 5.04 33.73
C GLY B 132 -11.52 6.42 33.12
N ASP B 133 -10.60 6.79 32.24
CA ASP B 133 -10.56 8.12 31.66
C ASP B 133 -10.51 8.06 30.14
N LEU B 134 -10.70 9.23 29.52
CA LEU B 134 -10.70 9.39 28.07
C LEU B 134 -9.64 10.42 27.69
N TYR B 135 -8.92 10.16 26.60
CA TYR B 135 -7.74 10.96 26.30
C TYR B 135 -7.94 12.02 25.21
N ASP B 136 -9.05 11.97 24.46
CA ASP B 136 -9.15 12.78 23.23
C ASP B 136 -9.19 14.29 23.51
N VAL B 137 -10.01 14.70 24.48
CA VAL B 137 -10.11 16.14 24.77
C VAL B 137 -8.79 16.68 25.31
N LEU B 138 -8.01 15.88 26.03
CA LEU B 138 -6.68 16.30 26.43
C LEU B 138 -5.78 16.48 25.20
N ALA B 139 -5.93 15.60 24.21
CA ALA B 139 -5.11 15.68 23.01
C ALA B 139 -5.37 16.97 22.24
N ILE B 140 -6.62 17.43 22.20
CA ILE B 140 -6.91 18.70 21.51
C ILE B 140 -6.08 19.85 22.10
N ASN B 141 -6.09 19.95 23.44
CA ASN B 141 -5.34 21.01 24.11
C ASN B 141 -3.85 20.88 23.86
N ALA B 142 -3.33 19.65 23.90
CA ALA B 142 -1.88 19.47 23.69
C ALA B 142 -1.46 19.86 22.28
N ALA B 143 -2.25 19.48 21.27
CA ALA B 143 -1.93 19.86 19.90
C ALA B 143 -1.93 21.37 19.72
N SER B 144 -2.93 22.04 20.32
CA SER B 144 -2.95 23.50 20.26
C SER B 144 -1.71 24.11 20.93
N ALA B 145 -1.31 23.58 22.09
CA ALA B 145 -0.19 24.18 22.81
C ALA B 145 1.12 24.03 22.06
N SER B 146 1.40 22.83 21.52
CA SER B 146 2.63 22.67 20.76
C SER B 146 2.66 23.53 19.52
N THR B 147 1.53 23.64 18.80
CA THR B 147 1.51 24.53 17.64
C THR B 147 1.74 25.98 18.05
N GLN B 148 1.14 26.42 19.15
CA GLN B 148 1.35 27.79 19.62
C GLN B 148 2.79 28.06 20.02
N LEU B 149 3.49 27.09 20.59
CA LEU B 149 4.90 27.25 20.91
C LEU B 149 5.81 27.16 19.70
N GLY B 150 5.35 26.57 18.60
CA GLY B 150 6.21 26.44 17.44
C GLY B 150 6.57 27.69 16.68
N GLY B 151 5.98 28.84 17.01
CA GLY B 151 6.30 30.07 16.32
C GLY B 151 5.89 30.11 14.85
N LEU B 152 4.67 29.70 14.56
CA LEU B 152 4.12 29.65 13.22
C LEU B 152 3.03 30.70 13.04
N PRO B 153 2.60 30.94 11.81
CA PRO B 153 1.47 31.88 11.59
C PRO B 153 0.13 31.24 12.00
N PHE B 154 -0.04 31.12 13.31
CA PHE B 154 -1.15 30.42 13.92
C PHE B 154 -1.95 31.41 14.76
N SER B 155 -3.28 31.31 14.70
CA SER B 155 -4.14 32.32 15.31
C SER B 155 -4.63 31.86 16.68
N GLY B 156 -3.82 32.11 17.70
CA GLY B 156 -4.24 32.03 19.08
C GLY B 156 -4.49 30.63 19.56
N PRO B 157 -4.44 30.44 20.88
CA PRO B 157 -4.68 29.11 21.45
C PRO B 157 -6.14 28.69 21.33
N ILE B 158 -6.35 27.37 21.29
CA ILE B 158 -7.67 26.77 21.18
C ILE B 158 -7.88 25.82 22.34
N GLY B 159 -9.04 25.90 22.97
CA GLY B 159 -9.36 25.07 24.14
C GLY B 159 -10.53 24.16 23.88
N GLY B 160 -10.43 22.92 24.38
CA GLY B 160 -11.48 21.94 24.19
C GLY B 160 -11.80 21.22 25.49
N VAL B 161 -13.05 20.79 25.59
CA VAL B 161 -13.56 20.18 26.83
C VAL B 161 -14.72 19.27 26.50
N ARG B 162 -15.03 18.36 27.42
CA ARG B 162 -16.24 17.54 27.36
C ARG B 162 -17.09 17.84 28.59
N VAL B 163 -18.40 18.02 28.37
CA VAL B 163 -19.34 18.24 29.46
C VAL B 163 -20.46 17.21 29.36
N ALA B 164 -20.87 16.69 30.51
CA ALA B 164 -21.92 15.69 30.59
C ALA B 164 -22.99 16.12 31.58
N LEU B 165 -24.26 15.83 31.28
CA LEU B 165 -25.37 16.27 32.12
C LEU B 165 -25.76 15.16 33.10
N ILE B 166 -25.49 15.37 34.39
CA ILE B 166 -25.77 14.39 35.44
C ILE B 166 -26.59 15.08 36.52
N ASP B 167 -27.84 14.63 36.68
CA ASP B 167 -28.73 15.09 37.75
C ASP B 167 -28.87 16.61 37.77
N GLY B 168 -28.91 17.21 36.58
CA GLY B 168 -29.06 18.65 36.46
C GLY B 168 -27.78 19.46 36.54
N THR B 169 -26.61 18.82 36.61
CA THR B 169 -25.33 19.51 36.66
C THR B 169 -24.49 19.13 35.46
N TRP B 170 -23.87 20.12 34.82
CA TRP B 170 -22.96 19.87 33.71
C TRP B 170 -21.55 19.69 34.28
N VAL B 171 -21.00 18.50 34.12
CA VAL B 171 -19.72 18.11 34.72
C VAL B 171 -18.65 18.10 33.63
N GLY B 172 -17.51 18.73 33.92
CA GLY B 172 -16.42 18.79 32.96
C GLY B 172 -15.36 17.73 33.20
N PHE B 173 -14.85 17.18 32.11
CA PHE B 173 -13.94 16.03 32.13
C PHE B 173 -14.46 14.87 32.97
N PRO B 174 -15.65 14.35 32.67
CA PRO B 174 -16.20 13.24 33.46
C PRO B 174 -15.48 11.92 33.16
N THR B 175 -15.57 11.01 34.12
CA THR B 175 -15.01 9.67 33.96
C THR B 175 -16.02 8.75 33.29
N VAL B 176 -15.57 7.52 33.01
CA VAL B 176 -16.44 6.53 32.37
C VAL B 176 -17.61 6.17 33.28
N ASP B 177 -17.35 6.03 34.58
CA ASP B 177 -18.43 5.74 35.53
C ASP B 177 -19.45 6.87 35.58
N GLN B 178 -18.98 8.12 35.55
CA GLN B 178 -19.90 9.26 35.58
C GLN B 178 -20.73 9.36 34.31
N ILE B 179 -20.17 8.98 33.15
CA ILE B 179 -20.92 9.03 31.91
C ILE B 179 -22.11 8.07 31.96
N GLU B 180 -22.01 6.98 32.73
CA GLU B 180 -23.10 6.03 32.83
C GLU B 180 -24.32 6.61 33.54
N ARG B 181 -24.17 7.71 34.28
CA ARG B 181 -25.28 8.31 34.99
C ARG B 181 -25.79 9.58 34.33
N ALA B 182 -25.36 9.88 33.11
CA ALA B 182 -25.73 11.10 32.43
C ALA B 182 -26.73 10.84 31.30
N VAL B 183 -27.38 11.90 30.85
CA VAL B 183 -28.30 11.82 29.73
C VAL B 183 -27.71 12.38 28.43
N PHE B 184 -26.67 13.19 28.50
CA PHE B 184 -26.12 13.85 27.32
C PHE B 184 -24.63 14.11 27.51
N ASP B 185 -23.87 13.98 26.41
CA ASP B 185 -22.41 14.01 26.39
C ASP B 185 -21.96 14.88 25.21
N MET B 186 -21.16 15.92 25.49
CA MET B 186 -20.90 16.91 24.46
C MET B 186 -19.45 17.38 24.49
N VAL B 187 -18.79 17.40 23.33
CA VAL B 187 -17.43 17.88 23.18
C VAL B 187 -17.47 19.24 22.49
N VAL B 188 -16.79 20.23 23.07
CA VAL B 188 -16.86 21.62 22.61
C VAL B 188 -15.46 22.20 22.55
N ALA B 189 -15.16 22.93 21.47
CA ALA B 189 -13.88 23.61 21.32
C ALA B 189 -14.07 25.03 20.81
N GLY B 190 -13.29 25.95 21.37
CA GLY B 190 -13.39 27.36 21.04
C GLY B 190 -12.15 28.16 21.39
N ARG B 191 -12.26 29.48 21.23
CA ARG B 191 -11.16 30.42 21.45
C ARG B 191 -11.71 31.72 22.03
N ILE B 192 -10.79 32.62 22.39
CA ILE B 192 -11.13 33.86 23.08
C ILE B 192 -11.04 35.04 22.11
N VAL B 193 -12.08 35.86 22.09
CA VAL B 193 -12.15 37.04 21.22
C VAL B 193 -12.60 38.21 22.08
N GLU B 194 -11.68 39.13 22.36
CA GLU B 194 -11.97 40.36 23.11
C GLU B 194 -12.60 40.06 24.47
N GLY B 195 -12.02 39.08 25.16
CA GLY B 195 -12.44 38.73 26.50
C GLY B 195 -13.62 37.78 26.59
N ASP B 196 -14.12 37.29 25.45
CA ASP B 196 -15.22 36.34 25.44
C ASP B 196 -14.85 35.11 24.64
N VAL B 197 -15.54 34.01 24.93
CA VAL B 197 -15.31 32.74 24.27
C VAL B 197 -16.17 32.65 23.03
N ALA B 198 -15.56 32.32 21.90
CA ALA B 198 -16.27 32.06 20.65
C ALA B 198 -16.21 30.57 20.35
N ILE B 199 -17.37 29.93 20.24
CA ILE B 199 -17.42 28.51 19.94
C ILE B 199 -17.01 28.27 18.49
N MET B 200 -16.23 27.22 18.26
CA MET B 200 -15.84 26.86 16.90
C MET B 200 -16.27 25.47 16.48
N MET B 201 -16.28 24.49 17.39
CA MET B 201 -16.60 23.12 17.01
C MET B 201 -17.39 22.42 18.10
N VAL B 202 -18.39 21.63 17.70
CA VAL B 202 -19.24 20.88 18.62
C VAL B 202 -19.49 19.48 18.07
N GLU B 203 -19.45 18.48 18.97
CA GLU B 203 -19.75 17.09 18.61
C GLU B 203 -20.39 16.42 19.83
N ALA B 204 -21.69 16.09 19.74
CA ALA B 204 -22.46 15.70 20.91
C ALA B 204 -23.40 14.54 20.61
N GLU B 205 -23.74 13.78 21.66
CA GLU B 205 -24.63 12.64 21.52
C GLU B 205 -25.38 12.40 22.83
N ALA B 206 -26.54 11.75 22.70
CA ALA B 206 -27.24 11.21 23.85
C ALA B 206 -26.66 9.86 24.25
N THR B 207 -26.77 9.51 25.53
CA THR B 207 -26.18 8.30 26.04
C THR B 207 -27.10 7.09 25.82
N GLU B 208 -26.57 5.90 26.10
CA GLU B 208 -27.32 4.67 25.84
C GLU B 208 -28.38 4.40 26.89
N ASN B 209 -28.32 5.05 28.05
CA ASN B 209 -29.29 4.86 29.12
C ASN B 209 -30.30 5.98 29.23
N VAL B 210 -30.42 6.84 28.20
CA VAL B 210 -31.19 8.07 28.34
C VAL B 210 -32.67 7.78 28.57
N VAL B 211 -33.22 6.79 27.87
CA VAL B 211 -34.65 6.51 27.98
C VAL B 211 -35.01 6.04 29.38
N GLU B 212 -34.22 5.11 29.92
CA GLU B 212 -34.46 4.61 31.27
C GLU B 212 -34.26 5.68 32.33
N LEU B 213 -33.24 6.53 32.17
CA LEU B 213 -33.01 7.60 33.14
C LEU B 213 -34.14 8.63 33.11
N VAL B 214 -34.65 8.96 31.91
CA VAL B 214 -35.76 9.89 31.80
C VAL B 214 -37.03 9.30 32.39
N GLU B 215 -37.24 7.99 32.22
CA GLU B 215 -38.38 7.35 32.87
C GLU B 215 -38.30 7.43 34.39
N GLY B 216 -37.09 7.47 34.94
CA GLY B 216 -36.88 7.55 36.37
C GLY B 216 -36.95 8.92 36.97
N GLY B 217 -37.11 9.98 36.17
CA GLY B 217 -37.26 11.32 36.69
C GLY B 217 -36.29 12.35 36.13
N ALA B 218 -35.30 11.97 35.34
CA ALA B 218 -34.37 12.95 34.79
C ALA B 218 -35.05 13.77 33.70
N GLN B 219 -34.43 14.89 33.36
CA GLN B 219 -34.97 15.80 32.35
C GLN B 219 -34.45 15.42 30.97
N ALA B 220 -35.37 15.29 30.01
CA ALA B 220 -34.99 14.89 28.67
C ALA B 220 -34.19 16.01 27.98
N PRO B 221 -33.19 15.65 27.18
CA PRO B 221 -32.35 16.65 26.47
C PRO B 221 -33.01 17.25 25.22
N THR B 222 -33.82 18.28 25.44
CA THR B 222 -34.44 19.04 24.36
C THR B 222 -33.47 20.12 23.87
N GLU B 223 -33.96 20.98 22.98
CA GLU B 223 -33.09 21.96 22.33
C GLU B 223 -32.58 23.00 23.33
N SER B 224 -33.45 23.52 24.19
CA SER B 224 -33.02 24.53 25.16
C SER B 224 -32.02 23.96 26.16
N VAL B 225 -32.16 22.68 26.52
CA VAL B 225 -31.20 22.05 27.42
C VAL B 225 -29.81 22.00 26.78
N VAL B 226 -29.75 21.61 25.50
CA VAL B 226 -28.47 21.57 24.79
C VAL B 226 -27.88 22.97 24.67
N ALA B 227 -28.73 23.98 24.43
CA ALA B 227 -28.23 25.35 24.38
C ALA B 227 -27.62 25.77 25.70
N ALA B 228 -28.26 25.42 26.82
CA ALA B 228 -27.66 25.72 28.13
C ALA B 228 -26.36 24.98 28.34
N GLY B 229 -26.27 23.74 27.85
CA GLY B 229 -25.03 23.01 27.93
C GLY B 229 -23.90 23.69 27.17
N LEU B 230 -24.21 24.32 26.04
CA LEU B 230 -23.18 25.10 25.35
C LEU B 230 -22.69 26.27 26.20
N GLU B 231 -23.59 26.95 26.90
CA GLU B 231 -23.17 28.04 27.77
C GLU B 231 -22.30 27.55 28.91
N ALA B 232 -22.60 26.38 29.46
CA ALA B 232 -21.85 25.89 30.62
C ALA B 232 -20.40 25.55 30.31
N ALA B 233 -20.02 25.37 29.05
CA ALA B 233 -18.67 24.94 28.73
C ALA B 233 -17.68 26.09 28.59
N LYS B 234 -18.16 27.33 28.52
CA LYS B 234 -17.28 28.46 28.21
C LYS B 234 -16.23 28.75 29.29
N PRO B 235 -16.56 28.78 30.59
CA PRO B 235 -15.51 29.06 31.59
C PRO B 235 -14.36 28.06 31.57
N PHE B 236 -14.65 26.78 31.34
CA PHE B 236 -13.59 25.78 31.25
C PHE B 236 -12.65 26.09 30.08
N ILE B 237 -13.23 26.43 28.93
CA ILE B 237 -12.43 26.78 27.75
C ILE B 237 -11.57 28.00 28.03
N ALA B 238 -12.13 29.00 28.72
CA ALA B 238 -11.35 30.18 29.05
C ALA B 238 -10.16 29.85 29.94
N ALA B 239 -10.37 29.02 30.96
CA ALA B 239 -9.27 28.65 31.85
C ALA B 239 -8.17 27.90 31.10
N LEU B 240 -8.54 26.97 30.22
CA LEU B 240 -7.52 26.24 29.46
C LEU B 240 -6.75 27.15 28.51
N CYS B 241 -7.44 28.06 27.83
CA CYS B 241 -6.74 29.02 26.95
C CYS B 241 -5.78 29.89 27.74
N THR B 242 -6.19 30.32 28.95
CA THR B 242 -5.31 31.14 29.76
C THR B 242 -4.04 30.39 30.16
N ALA B 243 -4.17 29.13 30.55
CA ALA B 243 -2.98 28.35 30.91
C ALA B 243 -2.03 28.20 29.73
N GLN B 244 -2.57 27.94 28.54
CA GLN B 244 -1.71 27.82 27.36
C GLN B 244 -0.98 29.12 27.05
N GLN B 245 -1.69 30.25 27.15
CA GLN B 245 -1.04 31.53 26.87
C GLN B 245 0.05 31.84 27.88
N GLU B 246 -0.19 31.54 29.16
CA GLU B 246 0.84 31.75 30.16
C GLU B 246 2.09 30.91 29.86
N LEU B 247 1.89 29.66 29.46
CA LEU B 247 3.04 28.83 29.11
C LEU B 247 3.80 29.42 27.93
N ALA B 248 3.09 29.93 26.92
CA ALA B 248 3.77 30.53 25.77
C ALA B 248 4.58 31.75 26.19
N ASP B 249 4.03 32.58 27.08
CA ASP B 249 4.78 33.75 27.53
C ASP B 249 6.01 33.38 28.36
N ALA B 250 5.88 32.39 29.23
CA ALA B 250 6.99 32.08 30.14
C ALA B 250 8.23 31.59 29.39
N ALA B 251 8.05 30.75 28.38
CA ALA B 251 9.17 30.17 27.65
C ALA B 251 9.56 31.01 26.45
N GLY B 252 9.77 32.30 26.64
CA GLY B 252 10.05 33.17 25.51
C GLY B 252 8.87 33.18 24.56
N LYS B 253 9.14 32.91 23.28
CA LYS B 253 8.11 32.74 22.25
C LYS B 253 7.32 34.04 22.15
N SER B 254 5.99 34.02 22.26
CA SER B 254 5.18 35.23 22.22
C SER B 254 5.37 35.97 20.89
N GLY B 255 6.26 36.96 20.89
CA GLY B 255 6.57 37.69 19.67
C GLY B 255 7.70 37.07 18.89
N LYS B 256 8.45 37.89 18.17
CA LYS B 256 9.60 37.49 17.36
C LYS B 256 9.35 36.23 16.51
N PRO B 257 8.51 36.32 15.48
CA PRO B 257 8.28 35.15 14.61
C PRO B 257 9.55 34.64 13.93
N THR B 258 10.56 35.49 13.73
CA THR B 258 11.81 35.07 13.13
C THR B 258 11.61 34.55 11.71
N VAL B 259 11.43 33.24 11.57
CA VAL B 259 11.22 32.66 10.24
C VAL B 259 9.92 33.19 9.65
N ASP B 260 9.97 33.53 8.37
CA ASP B 260 8.82 34.08 7.64
C ASP B 260 8.38 33.08 6.59
N PHE B 261 7.07 32.87 6.49
CA PHE B 261 6.54 31.91 5.54
C PHE B 261 5.84 32.64 4.41
N PRO B 262 6.23 32.41 3.16
CA PRO B 262 5.54 33.04 2.04
C PRO B 262 4.13 32.50 1.87
N VAL B 263 3.26 33.33 1.30
CA VAL B 263 1.87 32.97 1.03
C VAL B 263 1.61 33.08 -0.47
N PHE B 264 0.64 32.32 -0.95
CA PHE B 264 0.30 32.25 -2.37
C PHE B 264 -1.19 32.43 -2.55
N PRO B 265 -1.67 33.67 -2.66
CA PRO B 265 -3.11 33.90 -2.83
C PRO B 265 -3.60 33.42 -4.18
N ASP B 266 -4.91 33.11 -4.23
CA ASP B 266 -5.51 32.62 -5.45
C ASP B 266 -5.50 33.66 -6.57
N TYR B 267 -5.73 34.93 -6.24
CA TYR B 267 -5.75 35.97 -7.25
C TYR B 267 -5.14 37.24 -6.69
N GLY B 268 -4.60 38.07 -7.58
CA GLY B 268 -4.14 39.38 -7.17
C GLY B 268 -5.26 40.40 -7.09
N GLU B 269 -5.01 41.47 -6.35
CA GLU B 269 -6.02 42.51 -6.17
C GLU B 269 -6.37 43.18 -7.49
N ASP B 270 -5.37 43.41 -8.34
CA ASP B 270 -5.62 44.07 -9.62
C ASP B 270 -6.53 43.23 -10.51
N VAL B 271 -6.30 41.91 -10.55
CA VAL B 271 -7.14 41.04 -11.37
C VAL B 271 -8.58 41.06 -10.87
N TYR B 272 -8.76 41.02 -9.55
CA TYR B 272 -10.10 41.05 -8.98
C TYR B 272 -10.80 42.36 -9.31
N TYR B 273 -10.07 43.48 -9.17
CA TYR B 273 -10.65 44.78 -9.48
C TYR B 273 -11.05 44.88 -10.94
N SER B 274 -10.19 44.41 -11.84
CA SER B 274 -10.52 44.42 -13.26
C SER B 274 -11.72 43.54 -13.57
N VAL B 275 -11.81 42.36 -12.94
CA VAL B 275 -12.96 41.51 -13.20
C VAL B 275 -14.23 42.11 -12.65
N SER B 276 -14.16 42.79 -11.50
CA SER B 276 -15.37 43.35 -10.90
C SER B 276 -15.87 44.55 -11.69
N SER B 277 -14.97 45.45 -12.08
CA SER B 277 -15.40 46.69 -12.73
C SER B 277 -15.96 46.42 -14.13
N VAL B 278 -15.73 45.22 -14.66
CA VAL B 278 -16.19 44.87 -16.00
C VAL B 278 -17.51 44.13 -15.94
N ALA B 279 -17.80 43.49 -14.81
CA ALA B 279 -18.94 42.56 -14.80
C ALA B 279 -19.88 42.68 -13.60
N THR B 280 -19.68 43.64 -12.69
CA THR B 280 -20.52 43.69 -11.49
C THR B 280 -22.00 43.90 -11.80
N ASP B 281 -22.31 44.96 -12.55
CA ASP B 281 -23.72 45.28 -12.82
C ASP B 281 -24.37 44.22 -13.70
N GLU B 282 -23.64 43.74 -14.71
CA GLU B 282 -24.18 42.70 -15.59
C GLU B 282 -24.46 41.42 -14.81
N LEU B 283 -23.54 41.04 -13.93
CA LEU B 283 -23.73 39.82 -13.14
C LEU B 283 -24.87 39.97 -12.15
N ALA B 284 -25.00 41.15 -11.54
CA ALA B 284 -26.12 41.38 -10.63
C ALA B 284 -27.45 41.30 -11.37
N ALA B 285 -27.50 41.90 -12.56
CA ALA B 285 -28.72 41.81 -13.37
C ALA B 285 -29.04 40.36 -13.74
N ALA B 286 -28.01 39.58 -14.07
CA ALA B 286 -28.22 38.16 -14.34
C ALA B 286 -28.75 37.44 -13.10
N LEU B 287 -28.27 37.81 -11.92
CA LEU B 287 -28.76 37.19 -10.69
C LEU B 287 -30.22 37.56 -10.44
N THR B 288 -30.62 38.77 -10.83
CA THR B 288 -31.98 39.22 -10.58
C THR B 288 -33.02 38.49 -11.42
N ILE B 289 -32.59 37.71 -12.42
CA ILE B 289 -33.53 37.04 -13.30
C ILE B 289 -33.95 35.72 -12.68
N GLY B 290 -35.27 35.49 -12.61
CA GLY B 290 -35.80 34.30 -11.97
C GLY B 290 -35.87 33.08 -12.86
N GLY B 291 -34.72 32.46 -13.11
CA GLY B 291 -34.66 31.23 -13.88
C GLY B 291 -33.37 30.46 -13.63
N LYS B 292 -33.45 29.15 -13.49
CA LYS B 292 -32.28 28.38 -13.11
C LYS B 292 -31.39 28.07 -14.31
N ALA B 293 -31.92 27.35 -15.29
CA ALA B 293 -31.12 26.99 -16.46
C ALA B 293 -30.71 28.23 -17.25
N GLU B 294 -31.62 29.21 -17.34
CA GLU B 294 -31.30 30.44 -18.04
C GLU B 294 -30.16 31.17 -17.36
N ARG B 295 -30.17 31.24 -16.03
CA ARG B 295 -29.09 31.91 -15.31
C ARG B 295 -27.80 31.12 -15.43
N ASP B 296 -27.90 29.79 -15.46
CA ASP B 296 -26.74 28.94 -15.66
C ASP B 296 -26.06 29.25 -16.99
N GLN B 297 -26.84 29.25 -18.07
CA GLN B 297 -26.27 29.53 -19.38
C GLN B 297 -25.76 30.96 -19.48
N ARG B 298 -26.49 31.92 -18.90
CA ARG B 298 -26.05 33.31 -18.93
C ARG B 298 -24.72 33.47 -18.23
N ILE B 299 -24.57 32.85 -17.06
CA ILE B 299 -23.31 32.94 -16.32
C ILE B 299 -22.20 32.28 -17.09
N ASP B 300 -22.48 31.13 -17.70
CA ASP B 300 -21.45 30.42 -18.45
C ASP B 300 -20.95 31.26 -19.63
N GLU B 301 -21.86 31.95 -20.32
CA GLU B 301 -21.42 32.79 -21.42
C GLU B 301 -20.72 34.05 -20.93
N ILE B 302 -21.14 34.59 -19.77
CA ILE B 302 -20.46 35.74 -19.21
C ILE B 302 -19.02 35.40 -18.87
N LYS B 303 -18.78 34.21 -18.33
CA LYS B 303 -17.41 33.79 -18.01
C LYS B 303 -16.56 33.74 -19.27
N THR B 304 -17.10 33.17 -20.34
CA THR B 304 -16.36 33.08 -21.60
C THR B 304 -16.07 34.46 -22.17
N GLN B 305 -17.04 35.36 -22.10
CA GLN B 305 -16.86 36.68 -22.72
C GLN B 305 -16.04 37.60 -21.83
N VAL B 306 -15.82 37.20 -20.58
CA VAL B 306 -14.97 38.01 -19.70
C VAL B 306 -13.53 37.49 -19.72
N VAL B 307 -13.36 36.18 -19.88
CA VAL B 307 -12.01 35.61 -19.95
C VAL B 307 -11.35 36.04 -21.25
N GLN B 308 -12.16 36.23 -22.30
CA GLN B 308 -11.63 36.53 -23.62
C GLN B 308 -11.13 37.95 -23.78
N ARG B 309 -11.72 38.92 -23.09
CA ARG B 309 -11.29 40.31 -23.23
C ARG B 309 -10.21 40.68 -22.24
N LEU B 310 -9.86 39.79 -21.32
CA LEU B 310 -8.78 40.03 -20.37
C LEU B 310 -7.58 39.13 -20.61
N ALA B 311 -7.67 38.19 -21.54
CA ALA B 311 -6.55 37.30 -21.84
C ALA B 311 -5.33 38.05 -22.35
N ASP B 312 -5.52 39.06 -23.20
CA ASP B 312 -4.42 39.87 -23.67
C ASP B 312 -3.84 40.77 -22.59
N THR B 313 -4.69 41.39 -21.76
CA THR B 313 -4.24 42.29 -20.73
C THR B 313 -3.44 41.60 -19.63
N TYR B 314 -3.71 40.33 -19.35
CA TYR B 314 -3.00 39.59 -18.31
C TYR B 314 -2.35 38.38 -18.96
N GLU B 315 -1.02 38.30 -18.84
CA GLU B 315 -0.24 37.31 -19.55
C GLU B 315 -0.31 35.93 -18.88
N GLY B 316 -1.11 35.03 -19.45
CA GLY B 316 -1.18 33.67 -18.92
C GLY B 316 -1.67 33.60 -17.49
N ARG B 317 -2.72 34.36 -17.17
CA ARG B 317 -3.22 34.41 -15.79
C ARG B 317 -4.70 34.04 -15.77
N GLU B 318 -5.08 33.01 -16.53
CA GLU B 318 -6.47 32.59 -16.62
C GLU B 318 -7.02 32.05 -15.31
N LYS B 319 -6.22 31.31 -14.54
CA LYS B 319 -6.67 30.85 -13.25
C LYS B 319 -6.98 32.00 -12.29
N GLU B 320 -6.17 33.06 -12.32
CA GLU B 320 -6.43 34.20 -11.46
C GLU B 320 -7.77 34.83 -11.76
N VAL B 321 -8.07 35.05 -13.06
CA VAL B 321 -9.34 35.68 -13.42
C VAL B 321 -10.50 34.75 -13.12
N GLY B 322 -10.31 33.44 -13.32
CA GLY B 322 -11.37 32.50 -12.95
C GLY B 322 -11.69 32.53 -11.47
N ALA B 323 -10.66 32.49 -10.63
CA ALA B 323 -10.85 32.58 -9.19
C ALA B 323 -11.50 33.89 -8.77
N ALA B 324 -11.07 35.02 -9.33
CA ALA B 324 -11.72 36.29 -9.02
C ALA B 324 -13.18 36.32 -9.43
N PHE B 325 -13.50 35.75 -10.60
CA PHE B 325 -14.89 35.69 -11.05
C PHE B 325 -15.73 34.87 -10.08
N ARG B 326 -15.21 33.72 -9.65
CA ARG B 326 -15.94 32.90 -8.69
C ARG B 326 -16.15 33.64 -7.36
N ALA B 327 -15.12 34.34 -6.88
CA ALA B 327 -15.28 35.10 -5.65
C ALA B 327 -16.33 36.19 -5.77
N LEU B 328 -16.35 36.91 -6.90
CA LEU B 328 -17.36 37.95 -7.09
C LEU B 328 -18.76 37.35 -7.14
N THR B 329 -18.91 36.20 -7.81
CA THR B 329 -20.20 35.51 -7.84
C THR B 329 -20.65 35.16 -6.44
N LYS B 330 -19.74 34.63 -5.62
CA LYS B 330 -20.07 34.28 -4.24
C LYS B 330 -20.53 35.50 -3.46
N LYS B 331 -19.82 36.61 -3.60
CA LYS B 331 -20.19 37.84 -2.89
C LYS B 331 -21.58 38.31 -3.28
N LEU B 332 -21.87 38.35 -4.58
CA LEU B 332 -23.18 38.83 -5.02
C LEU B 332 -24.30 37.90 -4.56
N VAL B 333 -24.08 36.58 -4.61
CA VAL B 333 -25.10 35.66 -4.16
C VAL B 333 -25.37 35.81 -2.67
N ARG B 334 -24.32 35.99 -1.87
CA ARG B 334 -24.51 36.18 -0.44
C ARG B 334 -25.31 37.46 -0.16
N GLN B 335 -24.98 38.54 -0.87
CA GLN B 335 -25.72 39.78 -0.70
C GLN B 335 -27.19 39.59 -1.05
N ARG B 336 -27.46 38.86 -2.13
CA ARG B 336 -28.85 38.64 -2.54
C ARG B 336 -29.59 37.79 -1.51
N ILE B 337 -28.94 36.78 -0.94
CA ILE B 337 -29.57 35.98 0.10
C ILE B 337 -29.92 36.85 1.29
N LEU B 338 -29.00 37.70 1.72
CA LEU B 338 -29.26 38.52 2.90
C LEU B 338 -30.33 39.57 2.64
N THR B 339 -30.46 40.04 1.40
CA THR B 339 -31.41 41.10 1.13
C THR B 339 -32.82 40.60 0.82
N ASP B 340 -32.95 39.64 -0.11
CA ASP B 340 -34.26 39.26 -0.63
C ASP B 340 -34.71 37.86 -0.23
N HIS B 341 -33.94 37.15 0.59
CA HIS B 341 -34.21 35.75 0.91
C HIS B 341 -34.22 34.91 -0.38
N PHE B 342 -33.14 35.05 -1.13
CA PHE B 342 -32.93 34.38 -2.40
C PHE B 342 -32.20 33.06 -2.19
N ARG B 343 -32.62 32.03 -2.92
CA ARG B 343 -31.90 30.78 -2.98
C ARG B 343 -31.67 30.40 -4.44
N ILE B 344 -30.54 29.74 -4.71
CA ILE B 344 -30.14 29.51 -6.09
C ILE B 344 -31.09 28.58 -6.83
N ASP B 345 -31.76 27.67 -6.13
CA ASP B 345 -32.70 26.76 -6.76
C ASP B 345 -34.16 27.22 -6.62
N GLY B 346 -34.39 28.40 -6.06
CA GLY B 346 -35.72 28.98 -6.00
C GLY B 346 -36.55 28.65 -4.78
N ARG B 347 -36.02 27.85 -3.85
CA ARG B 347 -36.78 27.47 -2.67
C ARG B 347 -36.89 28.64 -1.69
N GLY B 348 -37.88 28.54 -0.80
CA GLY B 348 -37.92 29.39 0.37
C GLY B 348 -36.93 28.93 1.42
N ILE B 349 -36.69 29.78 2.41
CA ILE B 349 -35.63 29.49 3.37
C ILE B 349 -35.99 28.37 4.34
N THR B 350 -37.27 28.02 4.45
CA THR B 350 -37.69 26.92 5.31
C THR B 350 -38.21 25.72 4.53
N ASP B 351 -37.85 25.61 3.24
CA ASP B 351 -38.40 24.56 2.38
C ASP B 351 -37.47 23.36 2.31
N ILE B 352 -38.06 22.17 2.31
CA ILE B 352 -37.33 20.92 2.12
C ILE B 352 -37.51 20.48 0.66
N ARG B 353 -36.53 19.74 0.16
CA ARG B 353 -36.65 19.16 -1.17
C ARG B 353 -37.66 18.02 -1.15
N ALA B 354 -37.96 17.49 -2.34
CA ALA B 354 -38.94 16.43 -2.47
C ALA B 354 -38.47 15.15 -1.79
N LEU B 355 -39.38 14.50 -1.06
CA LEU B 355 -39.05 13.36 -0.21
C LEU B 355 -39.73 12.09 -0.72
N SER B 356 -39.07 10.96 -0.51
CA SER B 356 -39.71 9.67 -0.75
C SER B 356 -39.02 8.59 0.07
N ALA B 357 -39.80 7.61 0.51
CA ALA B 357 -39.33 6.52 1.35
C ALA B 357 -40.01 5.22 0.92
N GLU B 358 -39.22 4.14 0.86
CA GLU B 358 -39.77 2.84 0.48
C GLU B 358 -39.00 1.74 1.19
N VAL B 359 -39.65 0.59 1.40
CA VAL B 359 -39.05 -0.53 2.11
C VAL B 359 -39.18 -1.80 1.27
N ALA B 360 -38.37 -2.79 1.64
CA ALA B 360 -38.36 -4.10 0.98
C ALA B 360 -37.96 -4.00 -0.49
N VAL B 361 -36.75 -3.49 -0.72
CA VAL B 361 -36.23 -3.30 -2.07
C VAL B 361 -35.20 -4.34 -2.47
N VAL B 362 -34.64 -5.09 -1.54
CA VAL B 362 -33.68 -6.15 -1.84
C VAL B 362 -34.32 -7.49 -1.48
N PRO B 363 -34.47 -8.41 -2.44
CA PRO B 363 -35.32 -9.59 -2.23
C PRO B 363 -34.97 -10.50 -1.05
N ARG B 364 -33.71 -10.87 -0.88
CA ARG B 364 -33.34 -11.84 0.15
C ARG B 364 -32.75 -11.20 1.41
N ALA B 365 -32.69 -9.87 1.48
CA ALA B 365 -32.11 -9.22 2.65
C ALA B 365 -33.06 -9.31 3.85
N HIS B 366 -32.46 -9.33 5.04
CA HIS B 366 -33.28 -9.35 6.25
C HIS B 366 -34.09 -8.07 6.40
N GLY B 367 -33.48 -6.91 6.13
CA GLY B 367 -34.26 -5.69 6.02
C GLY B 367 -33.65 -4.73 5.01
N SER B 368 -34.46 -3.91 4.35
CA SER B 368 -33.92 -3.02 3.31
C SER B 368 -34.83 -1.82 3.13
N ALA B 369 -34.23 -0.70 2.71
CA ALA B 369 -34.98 0.53 2.50
C ALA B 369 -34.26 1.45 1.53
N LEU B 370 -35.04 2.29 0.84
CA LEU B 370 -34.54 3.30 -0.08
C LEU B 370 -35.12 4.65 0.32
N PHE B 371 -34.26 5.64 0.53
CA PHE B 371 -34.65 6.97 0.99
C PHE B 371 -34.10 8.03 0.04
N GLU B 372 -34.97 8.95 -0.39
CA GLU B 372 -34.58 9.98 -1.33
C GLU B 372 -35.04 11.36 -0.85
N ARG B 373 -34.11 12.32 -0.97
CA ARG B 373 -34.40 13.73 -0.69
C ARG B 373 -33.68 14.54 -1.74
N GLY B 374 -34.43 15.14 -2.66
CA GLY B 374 -33.81 15.82 -3.78
C GLY B 374 -33.00 14.85 -4.61
N GLU B 375 -31.73 15.19 -4.84
CA GLU B 375 -30.82 14.32 -5.56
C GLU B 375 -30.03 13.38 -4.64
N THR B 376 -30.29 13.41 -3.33
CA THR B 376 -29.65 12.49 -2.41
C THR B 376 -30.47 11.20 -2.34
N GLN B 377 -29.80 10.07 -2.55
CA GLN B 377 -30.44 8.76 -2.62
C GLN B 377 -29.59 7.75 -1.86
N ILE B 378 -30.15 7.18 -0.80
CA ILE B 378 -29.47 6.25 0.09
C ILE B 378 -30.20 4.91 0.09
N LEU B 379 -29.42 3.83 0.02
CA LEU B 379 -29.91 2.47 0.17
C LEU B 379 -29.35 1.86 1.44
N GLY B 380 -30.23 1.33 2.28
CA GLY B 380 -29.83 0.73 3.55
C GLY B 380 -30.26 -0.71 3.67
N VAL B 381 -29.36 -1.55 4.16
CA VAL B 381 -29.60 -2.99 4.28
C VAL B 381 -29.17 -3.46 5.66
N THR B 382 -30.01 -4.26 6.31
CA THR B 382 -29.75 -4.79 7.64
C THR B 382 -29.74 -6.31 7.64
N THR B 383 -28.76 -6.88 8.36
CA THR B 383 -28.58 -8.31 8.54
C THR B 383 -28.45 -8.66 10.01
N LEU B 384 -29.03 -9.79 10.41
CA LEU B 384 -29.06 -10.26 11.78
C LEU B 384 -28.32 -11.58 11.89
N ASP B 385 -27.66 -11.79 13.04
CA ASP B 385 -26.83 -12.97 13.22
C ASP B 385 -26.78 -13.34 14.70
N MET B 386 -26.07 -14.42 15.01
CA MET B 386 -25.89 -14.86 16.38
C MET B 386 -25.01 -13.87 17.15
N ILE B 387 -25.25 -13.79 18.47
CA ILE B 387 -24.59 -12.79 19.29
C ILE B 387 -23.08 -12.98 19.36
N LYS B 388 -22.58 -14.18 19.06
CA LYS B 388 -21.15 -14.40 19.02
C LYS B 388 -20.48 -13.69 17.84
N MET B 389 -21.26 -13.19 16.88
CA MET B 389 -20.71 -12.50 15.72
C MET B 389 -20.47 -11.03 15.98
N ALA B 390 -20.71 -10.55 17.20
CA ALA B 390 -20.39 -9.19 17.56
C ALA B 390 -18.88 -8.95 17.47
N GLN B 391 -18.50 -7.73 17.11
CA GLN B 391 -17.10 -7.40 16.93
C GLN B 391 -16.37 -7.37 18.26
N GLN B 392 -15.18 -7.97 18.29
CA GLN B 392 -14.33 -7.99 19.48
C GLN B 392 -13.25 -6.93 19.31
N ILE B 393 -13.11 -6.06 20.30
CA ILE B 393 -12.28 -4.87 20.19
C ILE B 393 -11.10 -4.98 21.15
N ASP B 394 -9.90 -4.74 20.64
CA ASP B 394 -8.66 -4.76 21.41
C ASP B 394 -7.96 -3.43 21.19
N SER B 395 -8.10 -2.50 22.13
CA SER B 395 -7.57 -1.15 21.98
C SER B 395 -7.31 -0.55 23.35
N LEU B 396 -6.84 0.71 23.36
CA LEU B 396 -6.58 1.41 24.62
C LEU B 396 -7.86 1.71 25.38
N GLY B 397 -8.91 2.15 24.68
CA GLY B 397 -10.12 2.61 25.32
C GLY B 397 -10.83 1.52 26.09
N PRO B 398 -11.82 1.92 26.89
CA PRO B 398 -12.51 0.95 27.74
C PRO B 398 -13.47 0.04 27.00
N GLU B 399 -13.84 0.35 25.77
CA GLU B 399 -14.75 -0.50 25.01
C GLU B 399 -14.10 -1.85 24.69
N THR B 400 -14.89 -2.92 24.77
CA THR B 400 -14.39 -4.26 24.50
C THR B 400 -15.19 -5.05 23.47
N SER B 401 -16.43 -4.70 23.19
CA SER B 401 -17.22 -5.39 22.19
C SER B 401 -18.24 -4.43 21.60
N LYS B 402 -18.76 -4.80 20.42
CA LYS B 402 -19.66 -3.92 19.66
C LYS B 402 -20.80 -4.76 19.10
N ARG B 403 -21.96 -4.65 19.74
CA ARG B 403 -23.17 -5.37 19.32
C ARG B 403 -23.79 -4.79 18.05
N TYR B 404 -23.76 -3.48 17.87
CA TYR B 404 -24.35 -2.82 16.71
C TYR B 404 -23.24 -2.16 15.90
N MET B 405 -23.15 -2.52 14.62
CA MET B 405 -22.12 -1.98 13.73
C MET B 405 -22.79 -1.28 12.56
N HIS B 406 -22.26 -0.13 12.17
CA HIS B 406 -22.77 0.63 11.02
C HIS B 406 -21.62 0.99 10.10
N HIS B 407 -21.75 0.65 8.82
CA HIS B 407 -20.72 0.91 7.83
C HIS B 407 -21.29 1.72 6.68
N TYR B 408 -20.58 2.78 6.27
CA TYR B 408 -21.03 3.75 5.28
C TYR B 408 -20.09 3.72 4.08
N ASN B 409 -20.65 3.61 2.88
CA ASN B 409 -19.89 3.54 1.63
C ASN B 409 -20.25 4.70 0.70
N PHE B 410 -19.22 5.29 0.09
CA PHE B 410 -19.35 6.45 -0.79
C PHE B 410 -18.61 6.21 -2.09
N PRO B 411 -19.25 5.55 -3.07
CA PRO B 411 -18.54 5.24 -4.32
C PRO B 411 -18.41 6.48 -5.20
N PRO B 412 -17.42 6.51 -6.10
CA PRO B 412 -17.24 7.69 -6.95
C PRO B 412 -18.41 7.98 -7.88
N PHE B 413 -19.11 6.95 -8.37
CA PHE B 413 -20.17 7.21 -9.33
C PHE B 413 -21.36 7.95 -8.73
N SER B 414 -21.45 8.05 -7.41
CA SER B 414 -22.50 8.85 -6.80
C SER B 414 -22.39 10.32 -7.15
N THR B 415 -21.20 10.78 -7.57
CA THR B 415 -21.04 12.13 -8.08
C THR B 415 -20.88 12.15 -9.59
N GLY B 416 -20.62 11.01 -10.22
CA GLY B 416 -20.35 10.96 -11.64
C GLY B 416 -18.89 10.91 -11.98
N GLU B 417 -18.02 10.68 -11.01
CA GLU B 417 -16.57 10.70 -11.17
C GLU B 417 -16.04 9.29 -11.36
N THR B 418 -14.73 9.21 -11.59
CA THR B 418 -13.99 7.97 -11.55
C THR B 418 -12.95 8.07 -10.44
N GLY B 419 -12.61 6.93 -9.85
CA GLY B 419 -11.64 6.95 -8.76
C GLY B 419 -11.42 5.56 -8.22
N ARG B 420 -10.54 5.49 -7.23
CA ARG B 420 -10.18 4.20 -6.65
C ARG B 420 -11.31 3.68 -5.76
N VAL B 421 -11.55 2.38 -5.84
CA VAL B 421 -12.47 1.69 -4.95
C VAL B 421 -11.63 0.78 -4.08
N GLY B 422 -11.75 0.95 -2.77
CA GLY B 422 -10.87 0.24 -1.84
C GLY B 422 -11.16 0.53 -0.39
N SER B 423 -10.11 0.79 0.38
CA SER B 423 -10.29 1.07 1.79
C SER B 423 -11.05 2.37 1.99
N PRO B 424 -11.98 2.41 2.95
CA PRO B 424 -12.68 3.67 3.24
C PRO B 424 -11.74 4.73 3.79
N LYS B 425 -12.05 5.98 3.49
CA LYS B 425 -11.24 7.11 3.91
C LYS B 425 -11.67 7.58 5.31
N ARG B 426 -10.97 8.60 5.82
CA ARG B 426 -11.26 9.11 7.15
C ARG B 426 -12.66 9.74 7.22
N ARG B 427 -13.06 10.45 6.16
CA ARG B 427 -14.37 11.10 6.16
C ARG B 427 -15.50 10.08 6.17
N GLU B 428 -15.33 8.96 5.46
CA GLU B 428 -16.33 7.89 5.52
C GLU B 428 -16.46 7.34 6.93
N ILE B 429 -15.34 7.15 7.62
CA ILE B 429 -15.37 6.69 9.01
C ILE B 429 -16.11 7.68 9.90
N GLY B 430 -15.84 8.97 9.73
CA GLY B 430 -16.53 9.97 10.55
C GLY B 430 -18.04 10.00 10.32
N HIS B 431 -18.45 9.99 9.05
CA HIS B 431 -19.89 10.01 8.75
C HIS B 431 -20.58 8.76 9.29
N GLY B 432 -19.97 7.59 9.11
CA GLY B 432 -20.52 6.39 9.68
C GLY B 432 -20.66 6.43 11.18
N ALA B 433 -19.67 6.99 11.87
CA ALA B 433 -19.75 7.11 13.32
C ALA B 433 -20.90 8.01 13.76
N LEU B 434 -21.09 9.14 13.08
CA LEU B 434 -22.20 10.01 13.44
C LEU B 434 -23.55 9.30 13.27
N ALA B 435 -23.72 8.60 12.14
CA ALA B 435 -24.98 7.88 11.92
C ALA B 435 -25.18 6.78 12.95
N GLU B 436 -24.12 6.09 13.36
CA GLU B 436 -24.24 5.04 14.37
C GLU B 436 -24.65 5.60 15.73
N ARG B 437 -24.04 6.71 16.15
CA ARG B 437 -24.38 7.32 17.42
C ARG B 437 -25.81 7.85 17.44
N ALA B 438 -26.33 8.29 16.30
CA ALA B 438 -27.71 8.77 16.29
C ALA B 438 -28.71 7.66 16.62
N LEU B 439 -28.40 6.40 16.31
CA LEU B 439 -29.34 5.31 16.50
C LEU B 439 -29.10 4.48 17.76
N VAL B 440 -27.91 4.49 18.33
CA VAL B 440 -27.63 3.69 19.53
C VAL B 440 -28.62 3.90 20.68
N PRO B 441 -29.07 5.12 20.99
CA PRO B 441 -29.96 5.30 22.15
C PRO B 441 -31.32 4.61 22.09
N VAL B 442 -31.83 4.22 20.92
CA VAL B 442 -33.18 3.66 20.84
C VAL B 442 -33.18 2.15 20.60
N LEU B 443 -32.04 1.51 20.69
CA LEU B 443 -32.03 0.08 20.43
C LEU B 443 -32.54 -0.72 21.64
N PRO B 444 -33.13 -1.88 21.40
CA PRO B 444 -33.51 -2.77 22.50
C PRO B 444 -32.29 -3.42 23.14
N SER B 445 -32.49 -3.91 24.36
CA SER B 445 -31.40 -4.54 25.09
C SER B 445 -31.17 -5.97 24.61
N VAL B 446 -30.02 -6.52 24.99
CA VAL B 446 -29.65 -7.87 24.57
C VAL B 446 -30.60 -8.89 25.19
N GLU B 447 -31.11 -8.61 26.39
CA GLU B 447 -31.98 -9.56 27.06
C GLU B 447 -33.26 -9.80 26.28
N GLU B 448 -33.85 -8.74 25.74
CA GLU B 448 -35.11 -8.86 25.00
C GLU B 448 -34.91 -9.07 23.51
N PHE B 449 -33.69 -8.95 22.99
CA PHE B 449 -33.42 -9.12 21.56
C PHE B 449 -31.99 -9.61 21.38
N PRO B 450 -31.79 -10.92 21.50
CA PRO B 450 -30.42 -11.48 21.55
C PRO B 450 -29.82 -11.73 20.16
N TYR B 451 -29.45 -10.64 19.48
CA TYR B 451 -28.87 -10.73 18.15
C TYR B 451 -27.79 -9.68 17.98
N ALA B 452 -26.81 -10.00 17.14
CA ALA B 452 -25.87 -9.01 16.64
C ALA B 452 -26.44 -8.35 15.39
N ILE B 453 -26.20 -7.06 15.23
CA ILE B 453 -26.83 -6.27 14.17
C ILE B 453 -25.77 -5.52 13.38
N ARG B 454 -25.81 -5.67 12.07
CA ARG B 454 -24.94 -4.95 11.14
C ARG B 454 -25.80 -4.17 10.15
N GLN B 455 -25.55 -2.87 10.05
CA GLN B 455 -26.26 -1.98 9.14
C GLN B 455 -25.29 -1.37 8.15
N VAL B 456 -25.65 -1.39 6.88
CA VAL B 456 -24.80 -0.88 5.81
C VAL B 456 -25.57 0.20 5.04
N SER B 457 -24.94 1.36 4.87
CA SER B 457 -25.48 2.44 4.06
C SER B 457 -24.60 2.64 2.84
N GLU B 458 -25.23 2.89 1.69
CA GLU B 458 -24.51 3.10 0.44
C GLU B 458 -25.08 4.34 -0.23
N ALA B 459 -24.22 5.33 -0.45
CA ALA B 459 -24.66 6.59 -1.03
C ALA B 459 -24.69 6.43 -2.54
N LEU B 460 -25.83 5.99 -3.06
CA LEU B 460 -25.97 5.82 -4.50
C LEU B 460 -26.08 7.16 -5.22
N GLY B 461 -26.57 8.20 -4.56
CA GLY B 461 -26.54 9.52 -5.17
C GLY B 461 -26.37 10.61 -4.13
N SER B 462 -25.51 11.59 -4.38
CA SER B 462 -25.18 12.56 -3.35
C SER B 462 -25.23 13.98 -3.89
N ASN B 463 -26.03 14.83 -3.25
CA ASN B 463 -25.99 16.27 -3.48
C ASN B 463 -26.20 17.02 -2.18
N GLY B 464 -25.55 16.58 -1.10
CA GLY B 464 -25.64 17.30 0.16
C GLY B 464 -26.19 16.50 1.34
N SER B 465 -25.35 16.30 2.34
CA SER B 465 -25.72 15.67 3.60
C SER B 465 -26.25 14.25 3.44
N THR B 466 -25.40 13.35 2.94
CA THR B 466 -25.76 11.94 2.96
C THR B 466 -25.74 11.38 4.37
N SER B 467 -25.04 12.05 5.29
CA SER B 467 -24.94 11.59 6.66
C SER B 467 -26.31 11.57 7.35
N MET B 468 -27.10 12.62 7.13
CA MET B 468 -28.43 12.65 7.75
C MET B 468 -29.40 11.71 7.05
N GLY B 469 -29.27 11.53 5.73
CA GLY B 469 -30.12 10.58 5.04
C GLY B 469 -29.89 9.14 5.46
N SER B 470 -28.65 8.79 5.78
CA SER B 470 -28.37 7.46 6.27
C SER B 470 -29.06 7.16 7.61
N VAL B 471 -29.29 8.15 8.45
CA VAL B 471 -30.04 7.95 9.69
C VAL B 471 -31.48 7.50 9.39
N CYS B 472 -32.15 8.20 8.48
CA CYS B 472 -33.52 7.85 8.10
C CYS B 472 -33.58 6.47 7.46
N ALA B 473 -32.63 6.19 6.55
CA ALA B 473 -32.61 4.88 5.91
C ALA B 473 -32.39 3.77 6.92
N SER B 474 -31.53 4.01 7.92
CA SER B 474 -31.29 2.96 8.91
C SER B 474 -32.51 2.72 9.78
N THR B 475 -33.23 3.79 10.16
CA THR B 475 -34.48 3.58 10.90
C THR B 475 -35.47 2.74 10.10
N LEU B 476 -35.65 3.09 8.82
CA LEU B 476 -36.61 2.37 7.99
C LEU B 476 -36.23 0.90 7.83
N ALA B 477 -34.95 0.63 7.57
CA ALA B 477 -34.52 -0.75 7.36
C ALA B 477 -34.60 -1.57 8.64
N LEU B 478 -34.21 -0.97 9.78
CA LEU B 478 -34.31 -1.69 11.05
C LEU B 478 -35.75 -2.05 11.38
N LEU B 479 -36.69 -1.13 11.15
CA LEU B 479 -38.09 -1.49 11.35
C LEU B 479 -38.53 -2.58 10.37
N ASN B 480 -38.09 -2.50 9.12
CA ASN B 480 -38.48 -3.50 8.13
C ASN B 480 -37.94 -4.88 8.49
N ALA B 481 -36.84 -4.95 9.23
CA ALA B 481 -36.28 -6.24 9.62
C ALA B 481 -36.92 -6.81 10.90
N GLY B 482 -37.74 -6.04 11.60
CA GLY B 482 -38.40 -6.53 12.79
C GLY B 482 -37.78 -6.15 14.12
N VAL B 483 -36.79 -5.27 14.12
CA VAL B 483 -36.14 -4.83 15.36
C VAL B 483 -37.10 -3.91 16.11
N PRO B 484 -37.47 -4.21 17.36
CA PRO B 484 -38.42 -3.34 18.08
C PRO B 484 -37.78 -2.10 18.69
N LEU B 485 -37.61 -1.07 17.86
CA LEU B 485 -37.05 0.18 18.34
C LEU B 485 -37.96 0.84 19.36
N LYS B 486 -37.35 1.60 20.27
CA LYS B 486 -38.12 2.37 21.24
C LYS B 486 -38.79 3.58 20.61
N ALA B 487 -38.22 4.12 19.52
CA ALA B 487 -38.80 5.25 18.82
C ALA B 487 -38.05 5.50 17.51
N PRO B 488 -38.72 5.97 16.46
CA PRO B 488 -38.02 6.29 15.23
C PRO B 488 -37.23 7.59 15.31
N VAL B 489 -36.20 7.69 14.48
CA VAL B 489 -35.24 8.79 14.49
C VAL B 489 -35.07 9.34 13.09
N ALA B 490 -34.96 10.67 12.98
CA ALA B 490 -34.68 11.31 11.70
C ALA B 490 -33.71 12.46 11.91
N GLY B 491 -33.11 12.95 10.81
CA GLY B 491 -32.11 13.99 10.90
C GLY B 491 -32.22 15.00 9.76
N ILE B 492 -31.52 16.12 9.93
CA ILE B 492 -31.55 17.22 8.97
C ILE B 492 -30.26 18.03 9.06
N ALA B 493 -29.90 18.68 7.97
CA ALA B 493 -28.70 19.52 7.87
C ALA B 493 -29.09 20.95 7.53
N MET B 494 -28.43 21.92 8.17
CA MET B 494 -28.86 23.30 8.23
C MET B 494 -27.68 24.23 7.97
N GLY B 495 -27.96 25.42 7.42
CA GLY B 495 -26.93 26.39 7.18
C GLY B 495 -27.31 27.76 7.71
N LEU B 496 -26.31 28.63 7.85
CA LEU B 496 -26.51 29.97 8.35
C LEU B 496 -25.56 30.95 7.68
N VAL B 497 -26.11 32.09 7.24
CA VAL B 497 -25.40 33.13 6.52
C VAL B 497 -25.54 34.44 7.28
N SER B 498 -24.43 35.13 7.51
CA SER B 498 -24.44 36.33 8.33
C SER B 498 -23.51 37.39 7.73
N ASP B 499 -23.93 38.65 7.82
CA ASP B 499 -23.07 39.73 7.31
C ASP B 499 -23.71 41.09 7.63
N ASP B 500 -22.92 42.14 7.49
CA ASP B 500 -23.35 43.52 7.75
C ASP B 500 -24.06 44.09 6.53
N ILE B 501 -25.16 44.80 6.75
CA ILE B 501 -26.01 45.32 5.68
C ILE B 501 -26.37 46.76 6.00
N GLN B 502 -26.55 47.57 4.96
CA GLN B 502 -26.93 48.97 5.12
C GLN B 502 -28.28 49.10 5.79
N VAL B 503 -28.39 50.06 6.71
CA VAL B 503 -29.64 50.36 7.40
C VAL B 503 -30.59 51.04 6.41
N GLU B 504 -31.85 51.17 6.79
CA GLU B 504 -32.83 51.89 5.99
C GLU B 504 -32.78 53.40 6.21
N GLY B 505 -31.70 53.91 6.80
CA GLY B 505 -31.57 55.33 7.06
C GLY B 505 -30.76 56.05 6.00
N ALA B 506 -29.54 56.43 6.34
CA ALA B 506 -28.73 57.23 5.43
C ALA B 506 -27.25 57.05 5.80
N VAL B 507 -26.40 57.96 5.31
CA VAL B 507 -24.98 58.06 5.65
C VAL B 507 -24.15 57.14 4.78
N ASP B 508 -24.75 56.05 4.29
CA ASP B 508 -24.08 55.13 3.39
C ASP B 508 -22.82 54.55 4.03
N GLY B 509 -23.03 53.71 5.04
CA GLY B 509 -21.93 53.20 5.82
C GLY B 509 -22.31 52.93 7.27
N VAL B 510 -23.52 53.30 7.67
CA VAL B 510 -24.09 52.85 8.93
C VAL B 510 -24.77 51.52 8.62
N VAL B 511 -24.33 50.46 9.31
CA VAL B 511 -24.74 49.11 8.96
C VAL B 511 -25.09 48.32 10.22
N GLU B 512 -25.83 47.23 10.04
CA GLU B 512 -26.15 46.32 11.13
C GLU B 512 -25.81 44.90 10.68
N ARG B 513 -25.58 44.02 11.64
CA ARG B 513 -25.29 42.63 11.34
C ARG B 513 -26.58 41.83 11.26
N ARG B 514 -26.75 41.06 10.20
CA ARG B 514 -27.94 40.26 9.99
C ARG B 514 -27.58 38.78 9.81
N PHE B 515 -28.54 37.93 10.17
CA PHE B 515 -28.42 36.48 10.12
C PHE B 515 -29.61 35.90 9.36
N VAL B 516 -29.37 34.84 8.60
CA VAL B 516 -30.43 34.10 7.90
C VAL B 516 -30.12 32.62 8.00
N THR B 517 -31.15 31.82 8.26
CA THR B 517 -31.03 30.38 8.45
C THR B 517 -31.70 29.64 7.29
N LEU B 518 -31.03 28.62 6.78
CA LEU B 518 -31.51 27.86 5.63
C LEU B 518 -31.68 26.39 6.00
N THR B 519 -32.80 25.81 5.57
CA THR B 519 -33.15 24.42 5.84
C THR B 519 -32.75 23.54 4.66
N ASP B 520 -32.08 22.43 4.95
CA ASP B 520 -31.76 21.39 3.96
C ASP B 520 -30.93 21.95 2.81
N ILE B 521 -29.71 22.35 3.15
CA ILE B 521 -28.83 23.04 2.20
C ILE B 521 -28.28 22.06 1.17
N LEU B 522 -28.00 22.58 -0.02
CA LEU B 522 -27.34 21.82 -1.06
C LEU B 522 -25.83 21.81 -0.85
N GLY B 523 -25.14 21.03 -1.69
CA GLY B 523 -23.69 21.01 -1.62
C GLY B 523 -23.07 22.35 -1.96
N ALA B 524 -23.61 23.05 -2.96
CA ALA B 524 -23.10 24.35 -3.33
C ALA B 524 -23.36 25.41 -2.27
N GLU B 525 -24.47 25.32 -1.54
CA GLU B 525 -24.80 26.31 -0.53
C GLU B 525 -23.87 26.26 0.67
N ASP B 526 -23.19 25.14 0.90
CA ASP B 526 -22.27 25.05 2.02
C ASP B 526 -21.10 26.03 1.89
N ALA B 527 -20.70 26.35 0.66
CA ALA B 527 -19.62 27.32 0.46
C ALA B 527 -20.07 28.76 0.70
N PHE B 528 -21.34 29.07 0.47
CA PHE B 528 -21.83 30.42 0.72
C PHE B 528 -21.94 30.73 2.21
N GLY B 529 -22.30 29.74 3.02
CA GLY B 529 -22.67 30.00 4.39
C GLY B 529 -21.50 30.28 5.31
N ASP B 530 -21.83 30.80 6.47
CA ASP B 530 -20.86 31.06 7.53
C ASP B 530 -20.91 30.02 8.65
N MET B 531 -21.96 29.21 8.71
CA MET B 531 -21.97 28.11 9.67
C MET B 531 -22.88 27.00 9.15
N ASP B 532 -22.53 25.75 9.46
CA ASP B 532 -23.38 24.63 9.10
C ASP B 532 -23.47 23.65 10.27
N PHE B 533 -24.63 23.02 10.43
CA PHE B 533 -24.83 22.12 11.56
C PHE B 533 -25.88 21.06 11.22
N LYS B 534 -25.77 19.91 11.87
CA LYS B 534 -26.65 18.77 11.62
C LYS B 534 -27.29 18.32 12.93
N VAL B 535 -28.59 18.03 12.90
CA VAL B 535 -29.33 17.66 14.09
C VAL B 535 -30.18 16.44 13.80
N ALA B 536 -30.18 15.47 14.72
CA ALA B 536 -30.99 14.26 14.58
C ALA B 536 -31.65 13.91 15.91
N GLY B 537 -32.78 13.24 15.83
CA GLY B 537 -33.43 12.78 17.05
C GLY B 537 -34.82 12.22 16.78
N THR B 538 -35.54 12.01 17.88
CA THR B 538 -36.91 11.54 17.90
C THR B 538 -37.85 12.75 17.95
N LYS B 539 -39.13 12.51 18.21
CA LYS B 539 -40.06 13.62 18.40
C LYS B 539 -39.98 14.24 19.78
N ASP B 540 -39.19 13.67 20.69
CA ASP B 540 -39.11 14.15 22.07
C ASP B 540 -37.76 14.77 22.43
N PHE B 541 -36.64 14.24 21.94
CA PHE B 541 -35.34 14.79 22.32
C PHE B 541 -34.33 14.55 21.21
N VAL B 542 -33.16 15.16 21.37
CA VAL B 542 -32.05 15.10 20.42
C VAL B 542 -31.20 13.89 20.72
N THR B 543 -30.67 13.24 19.68
CA THR B 543 -29.71 12.16 19.89
C THR B 543 -28.31 12.44 19.36
N ALA B 544 -28.15 13.30 18.36
CA ALA B 544 -26.82 13.60 17.83
C ALA B 544 -26.75 15.04 17.33
N LEU B 545 -25.59 15.66 17.47
CA LEU B 545 -25.38 17.04 17.06
C LEU B 545 -23.94 17.25 16.59
N GLN B 546 -23.77 18.00 15.50
CA GLN B 546 -22.46 18.34 14.97
C GLN B 546 -22.47 19.78 14.47
N LEU B 547 -21.42 20.53 14.75
CA LEU B 547 -21.39 21.95 14.42
C LEU B 547 -19.98 22.44 14.15
N ASP B 548 -19.83 23.29 13.14
CA ASP B 548 -18.55 23.92 12.76
C ASP B 548 -18.81 25.36 12.38
N THR B 549 -17.95 26.29 12.85
CA THR B 549 -18.16 27.69 12.49
C THR B 549 -16.87 28.49 12.65
N LYS B 550 -16.90 29.71 12.11
CA LYS B 550 -15.80 30.67 12.26
C LYS B 550 -16.25 32.03 12.75
N LEU B 551 -17.53 32.23 13.05
CA LEU B 551 -18.02 33.52 13.48
C LEU B 551 -17.45 33.90 14.85
N ASP B 552 -17.25 35.20 15.05
CA ASP B 552 -16.72 35.72 16.31
C ASP B 552 -17.74 35.66 17.44
N GLY B 553 -19.02 35.46 17.14
CA GLY B 553 -20.03 35.38 18.17
C GLY B 553 -21.41 35.16 17.59
N ILE B 554 -22.34 34.64 18.40
CA ILE B 554 -23.69 34.38 17.95
C ILE B 554 -24.65 34.70 19.10
N PRO B 555 -25.61 35.60 18.91
CA PRO B 555 -26.58 35.87 19.98
C PRO B 555 -27.42 34.64 20.30
N SER B 556 -27.90 34.58 21.55
CA SER B 556 -28.61 33.38 22.01
C SER B 556 -29.92 33.18 21.27
N GLN B 557 -30.68 34.24 21.03
CA GLN B 557 -31.96 34.10 20.34
C GLN B 557 -31.80 33.58 18.91
N VAL B 558 -30.74 33.98 18.21
CA VAL B 558 -30.50 33.49 16.85
C VAL B 558 -30.27 31.98 16.84
N LEU B 559 -29.44 31.48 17.75
CA LEU B 559 -29.19 30.04 17.85
C LEU B 559 -30.43 29.27 18.27
N ALA B 560 -31.22 29.82 19.21
CA ALA B 560 -32.46 29.17 19.60
C ALA B 560 -33.42 29.06 18.40
N GLY B 561 -33.55 30.13 17.62
CA GLY B 561 -34.39 30.07 16.44
C GLY B 561 -33.91 29.04 15.42
N ALA B 562 -32.60 28.97 15.21
CA ALA B 562 -32.07 27.97 14.27
C ALA B 562 -32.39 26.55 14.72
N LEU B 563 -32.20 26.26 16.02
CA LEU B 563 -32.51 24.92 16.53
C LEU B 563 -33.99 24.60 16.39
N GLU B 564 -34.87 25.58 16.65
CA GLU B 564 -36.30 25.34 16.49
C GLU B 564 -36.67 25.03 15.04
N GLN B 565 -36.08 25.77 14.09
CA GLN B 565 -36.33 25.50 12.68
C GLN B 565 -35.93 24.07 12.32
N ALA B 566 -34.77 23.64 12.80
CA ALA B 566 -34.34 22.26 12.56
C ALA B 566 -35.32 21.26 13.13
N LYS B 567 -35.86 21.52 14.33
CA LYS B 567 -36.81 20.59 14.92
C LYS B 567 -38.08 20.46 14.09
N ASP B 568 -38.59 21.58 13.57
CA ASP B 568 -39.79 21.51 12.72
C ASP B 568 -39.55 20.67 11.47
N ALA B 569 -38.38 20.86 10.83
CA ALA B 569 -38.07 20.03 9.67
C ALA B 569 -38.02 18.55 10.05
N ARG B 570 -37.45 18.24 11.21
CA ARG B 570 -37.36 16.85 11.65
C ARG B 570 -38.74 16.23 11.83
N LEU B 571 -39.68 16.99 12.40
CA LEU B 571 -41.04 16.46 12.55
C LEU B 571 -41.70 16.18 11.21
N THR B 572 -41.52 17.07 10.23
CA THR B 572 -42.08 16.80 8.90
C THR B 572 -41.51 15.51 8.30
N ILE B 573 -40.20 15.31 8.42
CA ILE B 573 -39.61 14.11 7.84
C ILE B 573 -40.11 12.86 8.55
N LEU B 574 -40.28 12.92 9.88
CA LEU B 574 -40.81 11.76 10.60
C LEU B 574 -42.22 11.41 10.13
N GLU B 575 -43.05 12.43 9.86
CA GLU B 575 -44.38 12.14 9.33
C GLU B 575 -44.30 11.44 7.98
N VAL B 576 -43.40 11.88 7.10
CA VAL B 576 -43.29 11.18 5.82
C VAL B 576 -42.80 9.75 6.01
N MET B 577 -41.90 9.53 6.96
CA MET B 577 -41.40 8.16 7.21
C MET B 577 -42.48 7.25 7.77
N ALA B 578 -43.40 7.77 8.57
CA ALA B 578 -44.42 6.92 9.17
C ALA B 578 -45.38 6.32 8.15
N GLU B 579 -45.53 6.94 6.98
CA GLU B 579 -46.42 6.39 5.96
C GLU B 579 -45.89 5.07 5.41
N ALA B 580 -44.58 4.98 5.18
CA ALA B 580 -44.01 3.76 4.62
C ALA B 580 -44.09 2.59 5.60
N ILE B 581 -43.84 2.83 6.88
CA ILE B 581 -43.92 1.80 7.90
C ILE B 581 -43.98 2.45 9.27
N ASP B 582 -44.82 1.92 10.16
CA ASP B 582 -45.01 2.52 11.48
C ASP B 582 -44.90 1.50 12.61
N ARG B 583 -44.39 0.30 12.35
CA ARG B 583 -44.18 -0.69 13.40
C ARG B 583 -43.35 -1.82 12.82
N PRO B 584 -42.68 -2.60 13.67
CA PRO B 584 -41.82 -3.67 13.16
C PRO B 584 -42.60 -4.73 12.40
N ASP B 585 -41.97 -5.28 11.36
CA ASP B 585 -42.58 -6.36 10.60
C ASP B 585 -42.33 -7.71 11.26
N ALA C 1 -40.72 -1.06 -21.84
CA ALA C 1 -41.92 -0.97 -21.00
C ALA C 1 -41.69 -0.01 -19.84
N GLU C 2 -42.45 1.09 -19.84
CA GLU C 2 -42.34 2.11 -18.79
C GLU C 2 -43.28 1.73 -17.66
N ILE C 3 -42.76 0.95 -16.71
CA ILE C 3 -43.56 0.55 -15.56
C ILE C 3 -43.85 1.75 -14.68
N ASP C 4 -42.91 2.66 -14.55
CA ASP C 4 -43.06 3.88 -13.76
C ASP C 4 -42.53 5.05 -14.58
N GLU C 5 -43.00 6.25 -14.26
CA GLU C 5 -42.59 7.44 -14.99
C GLU C 5 -41.08 7.61 -14.96
N GLY C 6 -40.44 7.45 -16.11
CA GLY C 6 -39.00 7.50 -16.23
C GLY C 6 -38.27 6.20 -16.00
N VAL C 7 -38.99 5.10 -15.78
CA VAL C 7 -38.40 3.80 -15.50
C VAL C 7 -38.77 2.84 -16.63
N PHE C 8 -37.78 2.14 -17.17
CA PHE C 8 -37.98 1.22 -18.27
C PHE C 8 -37.39 -0.15 -17.93
N GLU C 9 -37.98 -1.20 -18.52
CA GLU C 9 -37.55 -2.56 -18.26
C GLU C 9 -37.79 -3.44 -19.48
N THR C 10 -36.96 -4.49 -19.60
CA THR C 10 -37.00 -5.43 -20.72
C THR C 10 -36.66 -6.83 -20.22
N THR C 11 -37.12 -7.85 -20.95
CA THR C 11 -36.95 -9.25 -20.53
C THR C 11 -36.35 -10.11 -21.65
N ALA C 12 -35.62 -11.14 -21.23
CA ALA C 12 -35.13 -12.18 -22.13
C ALA C 12 -35.42 -13.55 -21.52
N THR C 13 -35.89 -14.47 -22.35
CA THR C 13 -36.31 -15.80 -21.91
C THR C 13 -35.29 -16.84 -22.38
N ILE C 14 -35.08 -17.87 -21.57
CA ILE C 14 -34.13 -18.93 -21.85
C ILE C 14 -34.83 -20.26 -21.55
N ASP C 15 -35.10 -21.02 -22.61
CA ASP C 15 -35.92 -22.22 -22.52
C ASP C 15 -35.02 -23.45 -22.61
N ASN C 16 -35.04 -24.29 -21.57
CA ASN C 16 -34.22 -25.49 -21.50
C ASN C 16 -35.06 -26.76 -21.62
N GLY C 17 -36.28 -26.65 -22.11
CA GLY C 17 -37.11 -27.82 -22.31
C GLY C 17 -37.50 -28.46 -20.99
N SER C 18 -37.17 -29.75 -20.85
CA SER C 18 -37.50 -30.50 -19.65
C SER C 18 -36.68 -30.09 -18.44
N PHE C 19 -35.63 -29.29 -18.62
CA PHE C 19 -34.81 -28.82 -17.52
C PHE C 19 -35.29 -27.49 -16.93
N GLY C 20 -36.33 -26.89 -17.50
CA GLY C 20 -36.91 -25.67 -16.95
C GLY C 20 -36.73 -24.48 -17.88
N THR C 21 -37.21 -23.34 -17.40
CA THR C 21 -37.13 -22.07 -18.11
C THR C 21 -36.69 -20.99 -17.14
N ARG C 22 -35.93 -20.01 -17.63
CA ARG C 22 -35.46 -18.91 -16.80
C ARG C 22 -35.64 -17.59 -17.55
N THR C 23 -35.68 -16.48 -16.79
CA THR C 23 -35.84 -15.15 -17.35
C THR C 23 -34.84 -14.19 -16.76
N ILE C 24 -34.27 -13.33 -17.60
CA ILE C 24 -33.37 -12.26 -17.18
C ILE C 24 -34.05 -10.93 -17.46
N ARG C 25 -34.04 -10.04 -16.47
CA ARG C 25 -34.75 -8.77 -16.55
C ARG C 25 -33.78 -7.61 -16.36
N PHE C 26 -33.88 -6.62 -17.25
CA PHE C 26 -33.06 -5.42 -17.21
C PHE C 26 -33.94 -4.21 -16.89
N GLU C 27 -33.46 -3.35 -15.98
CA GLU C 27 -34.22 -2.18 -15.55
C GLU C 27 -33.31 -0.96 -15.49
N THR C 28 -33.86 0.20 -15.87
CA THR C 28 -33.11 1.45 -15.83
C THR C 28 -34.03 2.61 -15.49
N GLY C 29 -33.44 3.65 -14.92
CA GLY C 29 -34.14 4.87 -14.60
C GLY C 29 -34.51 5.07 -13.14
N ARG C 30 -34.03 4.22 -12.25
CA ARG C 30 -34.42 4.27 -10.84
C ARG C 30 -33.24 4.51 -9.90
N LEU C 31 -32.13 3.79 -10.07
CA LEU C 31 -31.00 3.86 -9.16
C LEU C 31 -29.79 4.50 -9.83
N ALA C 32 -29.03 5.25 -9.03
CA ALA C 32 -27.73 5.80 -9.41
C ALA C 32 -27.84 6.69 -10.66
N LEU C 33 -28.60 7.77 -10.52
CA LEU C 33 -28.97 8.60 -11.65
C LEU C 33 -27.89 9.59 -12.06
N GLN C 34 -26.83 9.75 -11.28
CA GLN C 34 -25.77 10.69 -11.65
C GLN C 34 -24.62 10.03 -12.42
N ALA C 35 -24.63 8.72 -12.57
CA ALA C 35 -23.63 8.05 -13.40
C ALA C 35 -23.96 8.25 -14.88
N ALA C 36 -22.95 8.00 -15.73
CA ALA C 36 -23.19 8.09 -17.16
C ALA C 36 -24.22 7.06 -17.62
N GLY C 37 -24.14 5.84 -17.10
CA GLY C 37 -25.21 4.88 -17.31
C GLY C 37 -25.35 3.90 -16.18
N ALA C 38 -26.55 3.41 -15.89
CA ALA C 38 -26.75 2.49 -14.78
C ALA C 38 -27.89 1.53 -15.09
N VAL C 39 -27.70 0.25 -14.76
CA VAL C 39 -28.70 -0.79 -15.03
C VAL C 39 -28.77 -1.74 -13.85
N VAL C 40 -29.97 -2.25 -13.58
CA VAL C 40 -30.21 -3.29 -12.59
C VAL C 40 -30.60 -4.56 -13.33
N ALA C 41 -30.01 -5.68 -12.94
CA ALA C 41 -30.28 -6.97 -13.58
C ALA C 41 -30.79 -7.98 -12.57
N TYR C 42 -31.83 -8.72 -12.97
CA TYR C 42 -32.45 -9.76 -12.16
C TYR C 42 -32.41 -11.10 -12.89
N LEU C 43 -32.14 -12.16 -12.13
CA LEU C 43 -32.30 -13.54 -12.58
C LEU C 43 -33.29 -14.22 -11.64
N ASP C 44 -34.44 -14.62 -12.20
CA ASP C 44 -35.49 -15.38 -11.52
C ASP C 44 -35.90 -14.76 -10.18
N ASP C 45 -36.00 -13.43 -10.17
CA ASP C 45 -36.50 -12.57 -9.08
C ASP C 45 -36.01 -12.93 -7.67
N ASP C 46 -34.83 -13.54 -7.56
CA ASP C 46 -34.09 -13.60 -6.31
C ASP C 46 -32.62 -13.25 -6.49
N ASN C 47 -32.12 -13.20 -7.73
CA ASN C 47 -30.77 -12.73 -7.96
C ASN C 47 -30.82 -11.31 -8.51
N MET C 48 -30.11 -10.39 -7.85
CA MET C 48 -30.20 -8.96 -8.17
C MET C 48 -28.84 -8.30 -8.07
N LEU C 49 -28.46 -7.55 -9.11
CA LEU C 49 -27.21 -6.79 -9.09
C LEU C 49 -27.33 -5.49 -9.85
N LEU C 50 -26.39 -4.57 -9.59
CA LEU C 50 -26.35 -3.22 -10.13
C LEU C 50 -25.04 -2.95 -10.86
N SER C 51 -25.10 -2.26 -12.00
CA SER C 51 -23.91 -1.90 -12.75
C SER C 51 -23.97 -0.44 -13.16
N ALA C 52 -22.85 0.28 -13.02
CA ALA C 52 -22.77 1.70 -13.33
C ALA C 52 -21.49 2.02 -14.09
N THR C 53 -21.60 2.92 -15.07
CA THR C 53 -20.49 3.33 -15.92
C THR C 53 -20.33 4.84 -15.91
N THR C 54 -19.10 5.32 -15.73
CA THR C 54 -18.76 6.73 -15.70
C THR C 54 -17.49 6.98 -16.51
N ALA C 55 -17.32 8.22 -16.97
CA ALA C 55 -16.16 8.63 -17.75
C ALA C 55 -15.62 9.97 -17.25
N SER C 56 -14.30 10.13 -17.35
CA SER C 56 -13.67 11.36 -16.89
C SER C 56 -13.92 12.51 -17.87
N LYS C 57 -13.91 13.73 -17.33
CA LYS C 57 -14.23 14.90 -18.12
C LYS C 57 -13.20 15.16 -19.21
N ASN C 58 -11.93 15.02 -18.88
CA ASN C 58 -10.84 15.40 -19.76
C ASN C 58 -9.98 14.21 -20.12
N PRO C 59 -9.40 14.20 -21.32
CA PRO C 59 -8.44 13.15 -21.66
C PRO C 59 -7.13 13.37 -20.91
N LYS C 60 -6.44 12.26 -20.70
CA LYS C 60 -5.11 12.27 -20.08
C LYS C 60 -4.21 11.42 -20.96
N GLU C 61 -3.56 12.09 -21.91
CA GLU C 61 -2.91 11.45 -23.05
C GLU C 61 -1.41 11.33 -22.90
N HIS C 62 -0.86 11.49 -21.70
CA HIS C 62 0.53 11.19 -21.43
C HIS C 62 0.76 9.70 -21.18
N PHE C 63 -0.24 8.88 -21.51
CA PHE C 63 -0.13 7.43 -21.52
C PHE C 63 -0.23 6.91 -22.95
N ASP C 64 0.18 5.66 -23.12
CA ASP C 64 0.22 5.02 -24.43
C ASP C 64 -0.82 3.94 -24.60
N PHE C 65 -1.78 3.82 -23.68
CA PHE C 65 -2.78 2.77 -23.76
C PHE C 65 -4.12 3.31 -23.28
N PHE C 66 -5.16 2.51 -23.51
CA PHE C 66 -6.52 2.88 -23.13
C PHE C 66 -6.76 2.58 -21.65
N PRO C 67 -7.02 3.58 -20.82
CA PRO C 67 -7.18 3.33 -19.38
C PRO C 67 -8.59 2.93 -18.96
N LEU C 68 -8.93 1.66 -19.09
CA LEU C 68 -10.22 1.11 -18.67
C LEU C 68 -10.05 0.33 -17.37
N THR C 69 -11.02 0.47 -16.46
CA THR C 69 -10.97 -0.21 -15.17
C THR C 69 -12.30 -0.87 -14.84
N VAL C 70 -12.24 -2.09 -14.30
CA VAL C 70 -13.40 -2.88 -13.93
C VAL C 70 -13.27 -3.27 -12.46
N ASP C 71 -14.34 -3.13 -11.69
CA ASP C 71 -14.36 -3.49 -10.28
C ASP C 71 -15.63 -4.26 -9.94
N VAL C 72 -15.49 -5.30 -9.13
CA VAL C 72 -16.60 -6.14 -8.68
C VAL C 72 -16.63 -6.09 -7.15
N GLU C 73 -17.79 -5.76 -6.59
CA GLU C 73 -17.97 -5.58 -5.16
C GLU C 73 -18.96 -6.61 -4.63
N GLU C 74 -18.46 -7.57 -3.86
CA GLU C 74 -19.28 -8.59 -3.23
C GLU C 74 -19.68 -8.11 -1.84
N ARG C 75 -20.99 -8.05 -1.59
CA ARG C 75 -21.51 -7.66 -0.29
C ARG C 75 -21.99 -8.91 0.44
N MET C 76 -21.49 -9.12 1.65
CA MET C 76 -21.83 -10.31 2.41
C MET C 76 -23.30 -10.33 2.83
N TYR C 77 -23.99 -9.18 2.82
CA TYR C 77 -25.41 -9.21 3.15
C TYR C 77 -26.25 -9.83 2.04
N ALA C 78 -25.67 -10.03 0.85
CA ALA C 78 -26.39 -10.73 -0.21
C ALA C 78 -26.57 -12.21 0.12
N ALA C 79 -25.70 -12.77 0.96
CA ALA C 79 -25.87 -14.13 1.47
C ALA C 79 -26.51 -14.18 2.85
N GLY C 80 -26.75 -13.04 3.48
CA GLY C 80 -27.42 -13.02 4.76
C GLY C 80 -26.59 -13.38 5.97
N ARG C 81 -25.36 -12.90 6.06
CA ARG C 81 -24.55 -13.14 7.24
C ARG C 81 -23.47 -12.07 7.36
N ILE C 82 -22.90 -11.95 8.56
CA ILE C 82 -21.89 -10.95 8.86
C ILE C 82 -20.52 -11.49 8.45
N PRO C 83 -19.63 -10.65 7.91
CA PRO C 83 -18.29 -11.12 7.53
C PRO C 83 -17.52 -11.66 8.71
N GLY C 84 -16.74 -12.72 8.46
CA GLY C 84 -16.03 -13.41 9.51
C GLY C 84 -14.68 -12.87 9.89
N SER C 85 -14.19 -11.82 9.22
CA SER C 85 -12.88 -11.29 9.55
C SER C 85 -12.91 -10.57 10.90
N PHE C 86 -11.72 -10.16 11.34
CA PHE C 86 -11.59 -9.56 12.67
C PHE C 86 -12.35 -8.24 12.77
N PHE C 87 -12.32 -7.43 11.72
CA PHE C 87 -12.99 -6.14 11.73
C PHE C 87 -14.40 -6.18 11.16
N ARG C 88 -14.92 -7.37 10.83
CA ARG C 88 -16.32 -7.55 10.43
C ARG C 88 -16.71 -6.72 9.21
N ARG C 89 -15.77 -6.54 8.28
CA ARG C 89 -16.00 -5.74 7.08
C ARG C 89 -15.30 -6.39 5.89
N GLU C 90 -15.89 -6.23 4.71
CA GLU C 90 -15.28 -6.74 3.49
C GLU C 90 -14.02 -5.95 3.16
N GLY C 91 -12.96 -6.66 2.77
CA GLY C 91 -11.69 -6.02 2.48
C GLY C 91 -11.21 -6.17 1.05
N ARG C 92 -10.04 -6.79 0.88
CA ARG C 92 -9.50 -6.96 -0.46
C ARG C 92 -10.36 -7.94 -1.27
N PRO C 93 -10.47 -7.74 -2.57
CA PRO C 93 -11.31 -8.63 -3.38
C PRO C 93 -10.79 -10.07 -3.35
N SER C 94 -11.74 -11.00 -3.32
CA SER C 94 -11.42 -12.42 -3.34
C SER C 94 -11.03 -12.86 -4.75
N THR C 95 -10.62 -14.14 -4.85
CA THR C 95 -10.20 -14.68 -6.15
C THR C 95 -11.35 -14.73 -7.14
N ASP C 96 -12.55 -15.09 -6.67
CA ASP C 96 -13.70 -15.18 -7.56
C ASP C 96 -14.04 -13.82 -8.16
N ALA C 97 -13.98 -12.77 -7.35
CA ALA C 97 -14.23 -11.42 -7.85
C ALA C 97 -13.20 -11.01 -8.90
N ILE C 98 -11.93 -11.35 -8.70
CA ILE C 98 -10.90 -11.01 -9.67
C ILE C 98 -11.13 -11.74 -10.98
N LEU C 99 -11.47 -13.02 -10.91
CA LEU C 99 -11.76 -13.77 -12.13
C LEU C 99 -12.96 -13.20 -12.87
N THR C 100 -13.99 -12.78 -12.15
CA THR C 100 -15.13 -12.12 -12.81
C THR C 100 -14.70 -10.82 -13.46
N CYS C 101 -13.85 -10.04 -12.79
CA CYS C 101 -13.33 -8.81 -13.39
C CYS C 101 -12.63 -9.09 -14.71
N ARG C 102 -11.81 -10.14 -14.77
CA ARG C 102 -11.12 -10.44 -16.01
C ARG C 102 -12.05 -11.00 -17.09
N LEU C 103 -13.07 -11.78 -16.72
CA LEU C 103 -14.07 -12.20 -17.69
C LEU C 103 -14.78 -11.01 -18.31
N ILE C 104 -15.09 -9.98 -17.52
CA ILE C 104 -15.70 -8.79 -18.09
C ILE C 104 -14.71 -8.02 -18.95
N ASP C 105 -13.45 -7.92 -18.52
CA ASP C 105 -12.48 -7.08 -19.20
C ASP C 105 -12.13 -7.62 -20.59
N ARG C 106 -12.02 -8.96 -20.72
CA ARG C 106 -11.52 -9.54 -21.96
C ARG C 106 -12.34 -9.19 -23.20
N PRO C 107 -13.67 -9.29 -23.20
CA PRO C 107 -14.41 -8.90 -24.41
C PRO C 107 -14.72 -7.42 -24.55
N LEU C 108 -14.82 -6.67 -23.44
CA LEU C 108 -15.25 -5.28 -23.56
C LEU C 108 -14.13 -4.35 -24.02
N ARG C 109 -12.89 -4.60 -23.61
CA ARG C 109 -11.79 -3.70 -23.93
C ARG C 109 -11.56 -3.50 -25.42
N PRO C 110 -11.50 -4.55 -26.26
CA PRO C 110 -11.32 -4.32 -27.70
C PRO C 110 -12.56 -3.77 -28.40
N SER C 111 -13.68 -3.64 -27.70
CA SER C 111 -14.93 -3.16 -28.29
C SER C 111 -15.04 -1.64 -28.32
N PHE C 112 -14.09 -0.92 -27.74
CA PHE C 112 -14.03 0.53 -27.80
C PHE C 112 -13.20 0.96 -29.00
N VAL C 113 -13.46 2.17 -29.49
CA VAL C 113 -12.69 2.69 -30.62
C VAL C 113 -11.25 2.95 -30.17
N ASP C 114 -10.31 2.69 -31.08
CA ASP C 114 -8.90 2.88 -30.76
C ASP C 114 -8.52 4.35 -30.71
N GLY C 115 -7.53 4.66 -29.89
CA GLY C 115 -7.07 6.01 -29.68
C GLY C 115 -7.73 6.73 -28.52
N LEU C 116 -8.71 6.12 -27.88
CA LEU C 116 -9.38 6.74 -26.75
C LEU C 116 -8.42 6.89 -25.57
N ARG C 117 -8.46 8.05 -24.92
CA ARG C 117 -7.60 8.30 -23.78
C ARG C 117 -8.32 8.83 -22.54
N ASN C 118 -9.65 8.91 -22.57
CA ASN C 118 -10.40 9.20 -21.36
C ASN C 118 -10.48 7.95 -20.49
N GLU C 119 -10.46 8.15 -19.18
CA GLU C 119 -10.61 7.02 -18.26
C GLU C 119 -12.06 6.57 -18.20
N ILE C 120 -12.27 5.25 -18.28
CA ILE C 120 -13.58 4.65 -18.20
C ILE C 120 -13.57 3.66 -17.04
N GLN C 121 -14.58 3.73 -16.18
CA GLN C 121 -14.66 2.84 -15.02
C GLN C 121 -16.02 2.17 -14.96
N ILE C 122 -16.03 0.88 -14.67
CA ILE C 122 -17.25 0.09 -14.50
C ILE C 122 -17.21 -0.55 -13.12
N VAL C 123 -18.29 -0.42 -12.36
CA VAL C 123 -18.40 -1.00 -11.02
C VAL C 123 -19.67 -1.83 -10.95
N VAL C 124 -19.55 -3.08 -10.53
CA VAL C 124 -20.68 -4.00 -10.40
C VAL C 124 -20.79 -4.42 -8.94
N THR C 125 -21.93 -4.17 -8.32
CA THR C 125 -22.19 -4.50 -6.93
C THR C 125 -23.21 -5.64 -6.85
N ILE C 126 -22.89 -6.67 -6.08
CA ILE C 126 -23.80 -7.82 -5.92
C ILE C 126 -24.71 -7.56 -4.73
N LEU C 127 -26.02 -7.49 -4.99
CA LEU C 127 -26.96 -7.14 -3.94
C LEU C 127 -27.72 -8.31 -3.37
N SER C 128 -28.12 -9.29 -4.19
CA SER C 128 -28.88 -10.42 -3.65
C SER C 128 -28.57 -11.67 -4.46
N LEU C 129 -28.31 -12.78 -3.77
CA LEU C 129 -27.87 -14.01 -4.42
C LEU C 129 -28.55 -15.23 -3.81
N ASP C 130 -29.12 -16.08 -4.65
CA ASP C 130 -29.68 -17.36 -4.25
C ASP C 130 -28.56 -18.38 -4.00
N PRO C 131 -28.70 -19.23 -2.99
CA PRO C 131 -27.59 -20.12 -2.61
C PRO C 131 -27.14 -21.09 -3.70
N GLY C 132 -28.00 -21.44 -4.65
CA GLY C 132 -27.63 -22.38 -5.67
C GLY C 132 -27.35 -21.80 -7.05
N ASP C 133 -26.99 -20.53 -7.13
CA ASP C 133 -26.78 -19.86 -8.40
C ASP C 133 -25.42 -19.18 -8.45
N LEU C 134 -25.00 -18.84 -9.67
CA LEU C 134 -23.72 -18.20 -9.95
C LEU C 134 -23.98 -16.86 -10.61
N TYR C 135 -23.23 -15.82 -10.22
CA TYR C 135 -23.57 -14.46 -10.63
C TYR C 135 -22.72 -13.92 -11.79
N ASP C 136 -21.63 -14.58 -12.16
CA ASP C 136 -20.65 -13.98 -13.07
C ASP C 136 -21.22 -13.70 -14.46
N VAL C 137 -21.92 -14.67 -15.04
CA VAL C 137 -22.45 -14.49 -16.38
C VAL C 137 -23.54 -13.43 -16.42
N LEU C 138 -24.31 -13.28 -15.35
CA LEU C 138 -25.26 -12.16 -15.26
C LEU C 138 -24.52 -10.82 -15.22
N ALA C 139 -23.41 -10.77 -14.49
CA ALA C 139 -22.62 -9.55 -14.40
C ALA C 139 -22.08 -9.11 -15.76
N ILE C 140 -21.71 -10.07 -16.62
CA ILE C 140 -21.23 -9.68 -17.95
C ILE C 140 -22.29 -8.90 -18.70
N ASN C 141 -23.53 -9.40 -18.72
CA ASN C 141 -24.61 -8.73 -19.42
C ASN C 141 -24.90 -7.36 -18.83
N ALA C 142 -24.91 -7.26 -17.50
CA ALA C 142 -25.17 -5.96 -16.87
C ALA C 142 -24.09 -4.94 -17.22
N ALA C 143 -22.83 -5.36 -17.20
CA ALA C 143 -21.73 -4.47 -17.54
C ALA C 143 -21.85 -3.99 -18.98
N SER C 144 -22.24 -4.87 -19.90
CA SER C 144 -22.47 -4.43 -21.27
C SER C 144 -23.62 -3.41 -21.35
N ALA C 145 -24.73 -3.69 -20.67
CA ALA C 145 -25.92 -2.85 -20.83
C ALA C 145 -25.69 -1.44 -20.31
N SER C 146 -25.08 -1.31 -19.13
CA SER C 146 -24.89 0.01 -18.57
C SER C 146 -23.94 0.86 -19.41
N THR C 147 -22.90 0.24 -19.98
CA THR C 147 -22.04 0.95 -20.92
C THR C 147 -22.78 1.33 -22.20
N GLN C 148 -23.67 0.46 -22.69
CA GLN C 148 -24.43 0.78 -23.89
C GLN C 148 -25.35 1.96 -23.67
N LEU C 149 -25.87 2.15 -22.45
CA LEU C 149 -26.76 3.26 -22.18
C LEU C 149 -26.04 4.58 -21.92
N GLY C 150 -24.71 4.58 -21.81
CA GLY C 150 -23.98 5.76 -21.41
C GLY C 150 -23.63 6.74 -22.50
N GLY C 151 -23.95 6.45 -23.76
CA GLY C 151 -23.59 7.34 -24.84
C GLY C 151 -22.10 7.49 -25.08
N LEU C 152 -21.36 6.38 -25.04
CA LEU C 152 -19.93 6.35 -25.29
C LEU C 152 -19.63 5.73 -26.64
N PRO C 153 -18.41 5.94 -27.17
CA PRO C 153 -18.06 5.29 -28.46
C PRO C 153 -17.78 3.81 -28.27
N PHE C 154 -18.86 3.07 -28.03
CA PHE C 154 -18.82 1.66 -27.67
C PHE C 154 -19.56 0.87 -28.74
N SER C 155 -18.94 -0.22 -29.21
CA SER C 155 -19.45 -0.93 -30.39
C SER C 155 -20.43 -2.03 -29.96
N GLY C 156 -21.71 -1.67 -29.92
CA GLY C 156 -22.79 -2.64 -29.84
C GLY C 156 -22.83 -3.40 -28.54
N PRO C 157 -23.98 -4.01 -28.25
CA PRO C 157 -24.10 -4.81 -27.03
C PRO C 157 -23.41 -6.16 -27.16
N ILE C 158 -23.04 -6.71 -26.01
CA ILE C 158 -22.36 -8.00 -25.92
C ILE C 158 -23.16 -8.91 -25.01
N GLY C 159 -23.33 -10.17 -25.41
CA GLY C 159 -24.09 -11.14 -24.65
C GLY C 159 -23.21 -12.28 -24.15
N GLY C 160 -23.48 -12.72 -22.93
CA GLY C 160 -22.71 -13.79 -22.33
C GLY C 160 -23.60 -14.82 -21.66
N VAL C 161 -23.15 -16.08 -21.72
CA VAL C 161 -23.95 -17.21 -21.24
C VAL C 161 -23.03 -18.34 -20.78
N ARG C 162 -23.57 -19.22 -19.93
CA ARG C 162 -22.90 -20.46 -19.56
C ARG C 162 -23.77 -21.63 -20.00
N VAL C 163 -23.15 -22.63 -20.64
CA VAL C 163 -23.83 -23.85 -21.06
C VAL C 163 -23.12 -25.05 -20.43
N ALA C 164 -23.91 -26.01 -19.95
CA ALA C 164 -23.39 -27.24 -19.36
C ALA C 164 -24.01 -28.45 -20.05
N LEU C 165 -23.23 -29.50 -20.24
CA LEU C 165 -23.69 -30.67 -20.99
C LEU C 165 -24.18 -31.76 -20.05
N ILE C 166 -25.49 -32.05 -20.10
CA ILE C 166 -26.14 -33.01 -19.22
C ILE C 166 -26.98 -33.95 -20.08
N ASP C 167 -26.61 -35.24 -20.09
CA ASP C 167 -27.38 -36.28 -20.78
C ASP C 167 -27.61 -35.96 -22.25
N GLY C 168 -26.64 -35.32 -22.89
CA GLY C 168 -26.78 -34.96 -24.28
C GLY C 168 -27.53 -33.68 -24.57
N THR C 169 -27.81 -32.87 -23.56
CA THR C 169 -28.48 -31.59 -23.73
C THR C 169 -27.59 -30.48 -23.20
N TRP C 170 -27.54 -29.36 -23.93
CA TRP C 170 -26.75 -28.20 -23.52
C TRP C 170 -27.69 -27.22 -22.80
N VAL C 171 -27.51 -27.09 -21.49
CA VAL C 171 -28.43 -26.32 -20.65
C VAL C 171 -27.81 -24.96 -20.36
N GLY C 172 -28.60 -23.90 -20.55
CA GLY C 172 -28.12 -22.55 -20.31
C GLY C 172 -28.52 -22.02 -18.94
N PHE C 173 -27.60 -21.29 -18.33
CA PHE C 173 -27.74 -20.81 -16.95
C PHE C 173 -28.09 -21.93 -15.97
N PRO C 174 -27.26 -22.96 -15.86
CA PRO C 174 -27.55 -24.05 -14.93
C PRO C 174 -27.26 -23.68 -13.48
N THR C 175 -27.89 -24.42 -12.58
CA THR C 175 -27.68 -24.26 -11.15
C THR C 175 -26.48 -25.08 -10.70
N VAL C 176 -26.11 -24.94 -9.43
CA VAL C 176 -25.00 -25.70 -8.87
C VAL C 176 -25.30 -27.20 -8.87
N ASP C 177 -26.54 -27.56 -8.54
CA ASP C 177 -26.93 -28.97 -8.53
C ASP C 177 -26.89 -29.57 -9.94
N GLN C 178 -27.28 -28.79 -10.96
CA GLN C 178 -27.26 -29.30 -12.32
C GLN C 178 -25.83 -29.51 -12.82
N ILE C 179 -24.90 -28.66 -12.42
CA ILE C 179 -23.52 -28.81 -12.87
C ILE C 179 -22.88 -30.08 -12.33
N GLU C 180 -23.38 -30.60 -11.20
CA GLU C 180 -22.87 -31.86 -10.65
C GLU C 180 -23.20 -33.08 -11.51
N ARG C 181 -24.12 -32.94 -12.47
CA ARG C 181 -24.48 -34.03 -13.35
C ARG C 181 -23.98 -33.83 -14.78
N ALA C 182 -23.11 -32.86 -15.01
CA ALA C 182 -22.62 -32.53 -16.34
C ALA C 182 -21.17 -32.99 -16.50
N VAL C 183 -20.74 -33.11 -17.76
CA VAL C 183 -19.38 -33.53 -18.06
C VAL C 183 -18.53 -32.34 -18.48
N PHE C 184 -19.16 -31.27 -18.96
CA PHE C 184 -18.45 -30.11 -19.49
C PHE C 184 -19.24 -28.83 -19.21
N ASP C 185 -18.50 -27.75 -18.96
CA ASP C 185 -19.08 -26.48 -18.51
C ASP C 185 -18.32 -25.34 -19.20
N MET C 186 -19.05 -24.49 -19.95
CA MET C 186 -18.44 -23.50 -20.82
C MET C 186 -19.09 -22.13 -20.67
N VAL C 187 -18.28 -21.07 -20.62
CA VAL C 187 -18.75 -19.69 -20.62
C VAL C 187 -18.38 -19.08 -21.97
N VAL C 188 -19.37 -18.49 -22.66
CA VAL C 188 -19.21 -17.99 -24.01
C VAL C 188 -19.78 -16.58 -24.10
N ALA C 189 -19.08 -15.69 -24.80
CA ALA C 189 -19.55 -14.32 -25.01
C ALA C 189 -19.34 -13.89 -26.45
N GLY C 190 -20.34 -13.20 -27.01
CA GLY C 190 -20.30 -12.77 -28.40
C GLY C 190 -21.24 -11.61 -28.68
N ARG C 191 -21.28 -11.22 -29.97
CA ARG C 191 -22.08 -10.09 -30.42
C ARG C 191 -22.75 -10.43 -31.75
N ILE C 192 -23.61 -9.52 -32.22
CA ILE C 192 -24.41 -9.72 -33.43
C ILE C 192 -23.79 -8.95 -34.58
N VAL C 193 -23.57 -9.63 -35.69
CA VAL C 193 -22.98 -9.04 -36.88
C VAL C 193 -23.81 -9.45 -38.09
N GLU C 194 -24.71 -8.57 -38.53
CA GLU C 194 -25.54 -8.78 -39.71
C GLU C 194 -26.38 -10.05 -39.53
N GLY C 195 -27.17 -10.06 -38.46
CA GLY C 195 -28.10 -11.12 -38.18
C GLY C 195 -27.50 -12.39 -37.60
N ASP C 196 -26.18 -12.49 -37.52
CA ASP C 196 -25.52 -13.69 -37.02
C ASP C 196 -24.65 -13.37 -35.82
N VAL C 197 -24.44 -14.37 -34.98
CA VAL C 197 -23.63 -14.23 -33.78
C VAL C 197 -22.17 -14.48 -34.12
N ALA C 198 -21.31 -13.56 -33.71
CA ALA C 198 -19.87 -13.72 -33.82
C ALA C 198 -19.30 -13.93 -32.42
N ILE C 199 -18.70 -15.09 -32.19
CA ILE C 199 -18.17 -15.41 -30.87
C ILE C 199 -16.88 -14.65 -30.64
N MET C 200 -16.68 -14.13 -29.43
CA MET C 200 -15.49 -13.37 -29.09
C MET C 200 -14.68 -13.97 -27.95
N MET C 201 -15.31 -14.63 -26.98
CA MET C 201 -14.61 -15.09 -25.79
C MET C 201 -15.14 -16.46 -25.35
N VAL C 202 -14.21 -17.34 -24.95
CA VAL C 202 -14.57 -18.66 -24.42
C VAL C 202 -13.68 -19.00 -23.23
N GLU C 203 -14.29 -19.55 -22.17
CA GLU C 203 -13.60 -20.05 -20.98
C GLU C 203 -14.33 -21.31 -20.51
N ALA C 204 -13.69 -22.48 -20.67
CA ALA C 204 -14.40 -23.76 -20.51
C ALA C 204 -13.54 -24.78 -19.78
N GLU C 205 -14.21 -25.72 -19.12
CA GLU C 205 -13.52 -26.76 -18.36
C GLU C 205 -14.40 -28.01 -18.23
N ALA C 206 -13.73 -29.14 -18.03
CA ALA C 206 -14.41 -30.38 -17.69
C ALA C 206 -14.70 -30.43 -16.18
N THR C 207 -15.81 -31.06 -15.84
CA THR C 207 -16.25 -31.06 -14.45
C THR C 207 -15.44 -32.07 -13.62
N GLU C 208 -15.64 -32.03 -12.31
CA GLU C 208 -14.87 -32.86 -11.41
C GLU C 208 -15.35 -34.31 -11.38
N ASN C 209 -16.52 -34.61 -11.94
CA ASN C 209 -17.07 -35.95 -11.95
C ASN C 209 -17.02 -36.62 -13.31
N VAL C 210 -16.21 -36.12 -14.25
CA VAL C 210 -16.35 -36.54 -15.65
C VAL C 210 -15.96 -38.00 -15.84
N VAL C 211 -14.94 -38.48 -15.11
CA VAL C 211 -14.44 -39.83 -15.35
C VAL C 211 -15.47 -40.88 -14.95
N GLU C 212 -16.08 -40.72 -13.78
CA GLU C 212 -17.07 -41.70 -13.35
C GLU C 212 -18.37 -41.59 -14.16
N LEU C 213 -18.73 -40.37 -14.56
CA LEU C 213 -19.91 -40.20 -15.40
C LEU C 213 -19.71 -40.87 -16.75
N VAL C 214 -18.51 -40.76 -17.33
CA VAL C 214 -18.24 -41.42 -18.59
C VAL C 214 -18.20 -42.93 -18.42
N GLU C 215 -17.66 -43.42 -17.29
CA GLU C 215 -17.73 -44.84 -17.00
C GLU C 215 -19.18 -45.32 -16.89
N GLY C 216 -20.07 -44.45 -16.44
CA GLY C 216 -21.47 -44.78 -16.33
C GLY C 216 -22.25 -44.77 -17.62
N GLY C 217 -21.67 -44.30 -18.72
CA GLY C 217 -22.34 -44.31 -20.01
C GLY C 217 -22.48 -42.96 -20.68
N ALA C 218 -22.00 -41.86 -20.10
CA ALA C 218 -22.07 -40.58 -20.77
C ALA C 218 -21.00 -40.48 -21.86
N GLN C 219 -21.17 -39.49 -22.73
CA GLN C 219 -20.25 -39.29 -23.85
C GLN C 219 -19.12 -38.35 -23.44
N ALA C 220 -17.90 -38.75 -23.73
CA ALA C 220 -16.74 -37.97 -23.31
C ALA C 220 -16.61 -36.68 -24.13
N PRO C 221 -16.18 -35.59 -23.51
CA PRO C 221 -16.08 -34.31 -24.24
C PRO C 221 -14.86 -34.23 -25.15
N THR C 222 -14.98 -34.75 -26.36
CA THR C 222 -13.94 -34.62 -27.37
C THR C 222 -14.08 -33.30 -28.10
N GLU C 223 -13.28 -33.11 -29.16
CA GLU C 223 -13.22 -31.82 -29.85
C GLU C 223 -14.52 -31.51 -30.59
N SER C 224 -15.09 -32.49 -31.28
CA SER C 224 -16.35 -32.26 -31.99
C SER C 224 -17.49 -31.94 -31.03
N VAL C 225 -17.52 -32.60 -29.86
CA VAL C 225 -18.52 -32.31 -28.85
C VAL C 225 -18.38 -30.86 -28.36
N VAL C 226 -17.15 -30.42 -28.15
CA VAL C 226 -16.92 -29.05 -27.71
C VAL C 226 -17.38 -28.06 -28.76
N ALA C 227 -17.13 -28.35 -30.04
CA ALA C 227 -17.61 -27.46 -31.10
C ALA C 227 -19.14 -27.41 -31.15
N ALA C 228 -19.80 -28.55 -30.97
CA ALA C 228 -21.27 -28.54 -30.90
C ALA C 228 -21.76 -27.70 -29.73
N GLY C 229 -21.03 -27.71 -28.62
CA GLY C 229 -21.35 -26.84 -27.52
C GLY C 229 -21.29 -25.37 -27.88
N LEU C 230 -20.27 -24.96 -28.63
CA LEU C 230 -20.20 -23.57 -29.09
C LEU C 230 -21.36 -23.23 -30.01
N GLU C 231 -21.77 -24.16 -30.87
CA GLU C 231 -22.94 -23.90 -31.70
C GLU C 231 -24.20 -23.73 -30.86
N ALA C 232 -24.34 -24.51 -29.79
CA ALA C 232 -25.57 -24.46 -28.99
C ALA C 232 -25.72 -23.16 -28.20
N ALA C 233 -24.67 -22.36 -28.03
CA ALA C 233 -24.75 -21.16 -27.22
C ALA C 233 -25.27 -19.95 -27.97
N LYS C 234 -25.32 -19.99 -29.29
CA LYS C 234 -25.62 -18.78 -30.07
C LYS C 234 -27.03 -18.23 -29.86
N PRO C 235 -28.10 -19.04 -29.88
CA PRO C 235 -29.46 -18.47 -29.69
C PRO C 235 -29.65 -17.71 -28.39
N PHE C 236 -29.08 -18.20 -27.28
CA PHE C 236 -29.18 -17.49 -26.01
C PHE C 236 -28.52 -16.13 -26.10
N ILE C 237 -27.34 -16.07 -26.73
CA ILE C 237 -26.63 -14.81 -26.89
C ILE C 237 -27.44 -13.84 -27.74
N ALA C 238 -28.08 -14.34 -28.80
CA ALA C 238 -28.91 -13.47 -29.64
C ALA C 238 -30.07 -12.88 -28.85
N ALA C 239 -30.73 -13.71 -28.02
CA ALA C 239 -31.84 -13.21 -27.22
C ALA C 239 -31.39 -12.13 -26.24
N LEU C 240 -30.27 -12.36 -25.55
CA LEU C 240 -29.79 -11.35 -24.60
C LEU C 240 -29.42 -10.04 -25.29
N CYS C 241 -28.74 -10.12 -26.44
CA CYS C 241 -28.38 -8.91 -27.18
C CYS C 241 -29.61 -8.13 -27.62
N THR C 242 -30.65 -8.85 -28.08
CA THR C 242 -31.88 -8.17 -28.47
C THR C 242 -32.53 -7.45 -27.30
N ALA C 243 -32.56 -8.09 -26.12
CA ALA C 243 -33.15 -7.43 -24.96
C ALA C 243 -32.39 -6.16 -24.61
N GLN C 244 -31.06 -6.20 -24.63
CA GLN C 244 -30.29 -5.00 -24.32
C GLN C 244 -30.55 -3.88 -25.32
N GLN C 245 -30.61 -4.21 -26.61
CA GLN C 245 -30.86 -3.18 -27.60
C GLN C 245 -32.25 -2.57 -27.44
N GLU C 246 -33.24 -3.40 -27.12
CA GLU C 246 -34.59 -2.88 -26.90
C GLU C 246 -34.61 -1.91 -25.73
N LEU C 247 -33.92 -2.24 -24.64
CA LEU C 247 -33.88 -1.33 -23.51
C LEU C 247 -33.20 -0.02 -23.89
N ALA C 248 -32.13 -0.09 -24.67
CA ALA C 248 -31.45 1.14 -25.09
C ALA C 248 -32.37 2.02 -25.94
N ASP C 249 -33.15 1.40 -26.83
CA ASP C 249 -34.07 2.18 -27.65
C ASP C 249 -35.18 2.83 -26.83
N ALA C 250 -35.73 2.09 -25.86
CA ALA C 250 -36.89 2.60 -25.13
C ALA C 250 -36.56 3.84 -24.31
N ALA C 251 -35.34 3.94 -23.77
CA ALA C 251 -34.99 5.02 -22.86
C ALA C 251 -34.33 6.19 -23.56
N GLY C 252 -34.68 6.44 -24.81
CA GLY C 252 -33.95 7.45 -25.57
C GLY C 252 -32.63 6.84 -26.00
N LYS C 253 -31.54 7.55 -25.71
CA LYS C 253 -30.18 7.05 -25.95
C LYS C 253 -30.04 6.80 -27.45
N SER C 254 -29.70 5.59 -27.89
CA SER C 254 -29.58 5.27 -29.31
C SER C 254 -28.56 6.18 -29.98
N GLY C 255 -29.03 7.25 -30.61
CA GLY C 255 -28.17 8.25 -31.20
C GLY C 255 -27.84 9.37 -30.23
N LYS C 256 -27.67 10.56 -30.80
CA LYS C 256 -27.36 11.78 -30.05
C LYS C 256 -26.25 11.59 -29.01
N PRO C 257 -25.02 11.34 -29.44
CA PRO C 257 -23.93 11.16 -28.46
C PRO C 257 -23.67 12.38 -27.60
N THR C 258 -24.00 13.57 -28.09
CA THR C 258 -23.83 14.80 -27.31
C THR C 258 -22.36 15.09 -27.04
N VAL C 259 -21.76 14.35 -26.12
CA VAL C 259 -20.36 14.55 -25.78
C VAL C 259 -19.49 13.88 -26.85
N ASP C 260 -18.44 14.58 -27.27
CA ASP C 260 -17.51 14.07 -28.26
C ASP C 260 -16.18 13.78 -27.58
N PHE C 261 -15.63 12.60 -27.84
CA PHE C 261 -14.37 12.22 -27.23
C PHE C 261 -13.26 12.28 -28.27
N PRO C 262 -12.21 13.06 -28.04
CA PRO C 262 -11.08 13.08 -28.97
C PRO C 262 -10.33 11.77 -28.98
N VAL C 263 -9.70 11.48 -30.11
CA VAL C 263 -8.88 10.28 -30.28
C VAL C 263 -7.46 10.70 -30.59
N PHE C 264 -6.51 9.84 -30.23
CA PHE C 264 -5.08 10.12 -30.37
C PHE C 264 -4.39 8.96 -31.07
N PRO C 265 -4.41 8.95 -32.41
CA PRO C 265 -3.77 7.84 -33.13
C PRO C 265 -2.25 7.84 -32.95
N ASP C 266 -1.67 6.63 -33.07
CA ASP C 266 -0.23 6.48 -32.89
C ASP C 266 0.56 7.22 -33.97
N TYR C 267 0.11 7.17 -35.22
CA TYR C 267 0.83 7.82 -36.30
C TYR C 267 -0.17 8.45 -37.26
N GLY C 268 0.29 9.46 -37.98
CA GLY C 268 -0.51 10.11 -39.00
C GLY C 268 -0.39 9.40 -40.34
N GLU C 269 -1.31 9.74 -41.24
CA GLU C 269 -1.33 9.13 -42.56
C GLU C 269 -0.07 9.48 -43.35
N ASP C 270 0.36 10.74 -43.26
CA ASP C 270 1.50 11.19 -44.05
C ASP C 270 2.78 10.46 -43.66
N VAL C 271 3.01 10.30 -42.36
CA VAL C 271 4.21 9.61 -41.91
C VAL C 271 4.21 8.15 -42.35
N TYR C 272 3.07 7.47 -42.25
CA TYR C 272 2.99 6.09 -42.73
C TYR C 272 3.24 6.01 -44.22
N TYR C 273 2.67 6.94 -44.99
CA TYR C 273 2.87 6.93 -46.43
C TYR C 273 4.33 7.11 -46.79
N SER C 274 4.99 8.07 -46.14
CA SER C 274 6.41 8.31 -46.38
C SER C 274 7.25 7.09 -46.02
N VAL C 275 6.99 6.50 -44.85
CA VAL C 275 7.77 5.37 -44.40
C VAL C 275 7.57 4.17 -45.32
N SER C 276 6.34 3.96 -45.81
CA SER C 276 6.10 2.88 -46.74
C SER C 276 6.87 3.10 -48.04
N SER C 277 6.76 4.31 -48.61
CA SER C 277 7.43 4.58 -49.87
C SER C 277 8.94 4.47 -49.76
N VAL C 278 9.49 4.78 -48.58
CA VAL C 278 10.94 4.76 -48.40
C VAL C 278 11.48 3.36 -48.24
N ALA C 279 10.69 2.45 -47.65
CA ALA C 279 11.28 1.18 -47.24
C ALA C 279 10.47 -0.07 -47.57
N THR C 280 9.45 -0.01 -48.43
CA THR C 280 8.68 -1.20 -48.76
C THR C 280 9.53 -2.31 -49.35
N ASP C 281 10.38 -2.00 -50.32
CA ASP C 281 11.26 -3.00 -50.92
C ASP C 281 12.46 -3.34 -50.06
N GLU C 282 12.97 -2.39 -49.26
CA GLU C 282 14.07 -2.68 -48.37
C GLU C 282 13.66 -3.70 -47.31
N LEU C 283 12.44 -3.57 -46.77
CA LEU C 283 11.99 -4.51 -45.75
C LEU C 283 11.59 -5.85 -46.36
N ALA C 284 11.02 -5.83 -47.56
CA ALA C 284 10.49 -7.06 -48.14
C ALA C 284 11.59 -8.09 -48.36
N ALA C 285 12.75 -7.67 -48.81
CA ALA C 285 13.88 -8.56 -49.05
C ALA C 285 14.71 -8.83 -47.81
N ALA C 286 14.55 -8.04 -46.76
CA ALA C 286 15.41 -8.16 -45.58
C ALA C 286 14.96 -9.25 -44.62
N LEU C 287 13.80 -9.86 -44.85
CA LEU C 287 13.28 -10.90 -43.97
C LEU C 287 13.95 -12.25 -44.19
N THR C 288 14.66 -12.43 -45.30
CA THR C 288 15.25 -13.71 -45.67
C THR C 288 16.46 -14.07 -44.83
N ILE C 289 16.95 -13.17 -43.98
CA ILE C 289 18.13 -13.44 -43.17
C ILE C 289 17.75 -14.42 -42.06
N GLY C 290 18.06 -15.70 -42.26
CA GLY C 290 17.72 -16.72 -41.30
C GLY C 290 18.33 -16.49 -39.93
N GLY C 291 19.56 -15.99 -39.92
CA GLY C 291 20.25 -15.69 -38.68
C GLY C 291 19.52 -14.67 -37.83
N LYS C 292 19.26 -15.02 -36.57
CA LYS C 292 18.52 -14.14 -35.69
C LYS C 292 19.25 -12.82 -35.46
N ALA C 293 20.54 -12.91 -35.07
CA ALA C 293 21.31 -11.70 -34.82
C ALA C 293 21.46 -10.86 -36.08
N GLU C 294 21.75 -11.51 -37.21
CA GLU C 294 21.86 -10.79 -38.48
C GLU C 294 20.52 -10.17 -38.86
N ARG C 295 19.43 -10.90 -38.64
CA ARG C 295 18.09 -10.37 -38.94
C ARG C 295 17.82 -9.10 -38.15
N ASP C 296 18.01 -9.15 -36.83
CA ASP C 296 17.71 -7.98 -36.01
C ASP C 296 18.69 -6.84 -36.30
N GLN C 297 19.95 -7.16 -36.62
CA GLN C 297 20.91 -6.12 -36.95
C GLN C 297 20.50 -5.39 -38.23
N ARG C 298 20.10 -6.14 -39.25
CA ARG C 298 19.62 -5.51 -40.48
C ARG C 298 18.37 -4.69 -40.22
N ILE C 299 17.47 -5.20 -39.37
CA ILE C 299 16.25 -4.46 -39.06
C ILE C 299 16.56 -3.15 -38.38
N ASP C 300 17.44 -3.17 -37.37
CA ASP C 300 17.77 -1.92 -36.68
C ASP C 300 18.54 -0.96 -37.57
N GLU C 301 19.39 -1.48 -38.45
CA GLU C 301 20.10 -0.63 -39.40
C GLU C 301 19.11 0.09 -40.30
N ILE C 302 18.13 -0.65 -40.84
CA ILE C 302 17.14 -0.04 -41.72
C ILE C 302 16.30 0.98 -40.97
N LYS C 303 15.93 0.67 -39.72
CA LYS C 303 15.13 1.60 -38.93
C LYS C 303 15.91 2.88 -38.67
N THR C 304 17.19 2.76 -38.29
CA THR C 304 18.00 3.95 -38.03
C THR C 304 18.20 4.76 -39.30
N GLN C 305 18.39 4.11 -40.43
CA GLN C 305 18.55 4.82 -41.70
C GLN C 305 17.28 5.59 -42.05
N VAL C 306 16.12 4.97 -41.86
CA VAL C 306 14.85 5.66 -42.13
C VAL C 306 14.67 6.82 -41.17
N VAL C 307 15.01 6.63 -39.89
CA VAL C 307 14.85 7.67 -38.89
C VAL C 307 15.72 8.86 -39.24
N GLN C 308 16.97 8.62 -39.61
CA GLN C 308 17.86 9.73 -39.95
C GLN C 308 17.42 10.42 -41.23
N ARG C 309 16.91 9.68 -42.22
CA ARG C 309 16.41 10.34 -43.43
C ARG C 309 15.20 11.22 -43.13
N LEU C 310 14.27 10.73 -42.32
CA LEU C 310 13.01 11.43 -42.11
C LEU C 310 13.03 12.40 -40.93
N ALA C 311 14.14 12.48 -40.20
CA ALA C 311 14.18 13.35 -39.02
C ALA C 311 14.03 14.82 -39.40
N ASP C 312 14.69 15.25 -40.48
CA ASP C 312 14.64 16.65 -40.86
C ASP C 312 13.29 17.01 -41.48
N THR C 313 12.68 16.07 -42.19
CA THR C 313 11.45 16.37 -42.92
C THR C 313 10.30 16.71 -41.99
N TYR C 314 10.18 15.99 -40.87
CA TYR C 314 9.04 16.15 -39.97
C TYR C 314 9.40 16.90 -38.69
N GLU C 315 10.57 17.55 -38.66
CA GLU C 315 10.99 18.41 -37.56
C GLU C 315 11.24 17.64 -36.27
N GLY C 316 11.21 16.32 -36.31
CA GLY C 316 11.35 15.49 -35.13
C GLY C 316 9.99 15.00 -34.68
N ARG C 317 9.61 13.81 -35.13
CA ARG C 317 8.33 13.20 -34.80
C ARG C 317 8.56 11.69 -34.60
N GLU C 318 9.61 11.37 -33.84
CA GLU C 318 10.20 10.04 -33.85
C GLU C 318 9.19 8.96 -33.44
N LYS C 319 8.26 9.31 -32.55
CA LYS C 319 7.26 8.35 -32.11
C LYS C 319 6.39 7.89 -33.27
N GLU C 320 5.94 8.82 -34.10
CA GLU C 320 5.08 8.47 -35.23
C GLU C 320 5.80 7.58 -36.23
N VAL C 321 7.05 7.91 -36.54
CA VAL C 321 7.80 7.10 -37.50
C VAL C 321 8.11 5.72 -36.93
N GLY C 322 8.41 5.66 -35.63
CA GLY C 322 8.63 4.36 -35.01
C GLY C 322 7.39 3.49 -35.04
N ALA C 323 6.22 4.09 -34.80
CA ALA C 323 4.98 3.33 -34.89
C ALA C 323 4.70 2.88 -36.32
N ALA C 324 4.89 3.76 -37.30
CA ALA C 324 4.60 3.42 -38.69
C ALA C 324 5.52 2.32 -39.20
N PHE C 325 6.79 2.33 -38.79
CA PHE C 325 7.71 1.29 -39.21
C PHE C 325 7.24 -0.07 -38.71
N ARG C 326 6.85 -0.16 -37.44
CA ARG C 326 6.37 -1.42 -36.90
C ARG C 326 5.07 -1.86 -37.58
N ALA C 327 4.19 -0.91 -37.88
CA ALA C 327 2.95 -1.25 -38.58
C ALA C 327 3.24 -1.86 -39.94
N LEU C 328 4.16 -1.24 -40.69
CA LEU C 328 4.52 -1.75 -42.01
C LEU C 328 5.17 -3.13 -41.90
N THR C 329 6.03 -3.32 -40.91
CA THR C 329 6.69 -4.61 -40.72
C THR C 329 5.66 -5.71 -40.46
N LYS C 330 4.70 -5.44 -39.56
CA LYS C 330 3.67 -6.42 -39.28
C LYS C 330 2.82 -6.70 -40.51
N LYS C 331 2.48 -5.67 -41.28
CA LYS C 331 1.66 -5.85 -42.46
C LYS C 331 2.36 -6.71 -43.51
N LEU C 332 3.68 -6.58 -43.66
CA LEU C 332 4.41 -7.42 -44.60
C LEU C 332 4.58 -8.85 -44.10
N VAL C 333 4.85 -9.02 -42.81
CA VAL C 333 5.03 -10.37 -42.26
C VAL C 333 3.74 -11.16 -42.38
N ARG C 334 2.59 -10.53 -42.16
CA ARG C 334 1.33 -11.25 -42.30
C ARG C 334 1.13 -11.73 -43.73
N GLN C 335 1.47 -10.90 -44.72
CA GLN C 335 1.39 -11.32 -46.11
C GLN C 335 2.31 -12.51 -46.39
N ARG C 336 3.53 -12.49 -45.86
CA ARG C 336 4.43 -13.62 -46.08
C ARG C 336 3.85 -14.90 -45.50
N ILE C 337 3.29 -14.83 -44.28
CA ILE C 337 2.69 -16.00 -43.67
C ILE C 337 1.55 -16.52 -44.52
N LEU C 338 0.67 -15.63 -44.98
CA LEU C 338 -0.50 -16.07 -45.71
C LEU C 338 -0.14 -16.62 -47.08
N THR C 339 0.91 -16.08 -47.70
CA THR C 339 1.24 -16.48 -49.07
C THR C 339 2.05 -17.77 -49.10
N ASP C 340 3.14 -17.86 -48.32
CA ASP C 340 4.01 -19.01 -48.49
C ASP C 340 4.38 -19.68 -47.18
N HIS C 341 3.56 -19.52 -46.14
CA HIS C 341 3.76 -20.20 -44.86
C HIS C 341 5.12 -19.86 -44.26
N PHE C 342 5.48 -18.59 -44.35
CA PHE C 342 6.67 -18.04 -43.72
C PHE C 342 6.46 -17.93 -42.22
N ARG C 343 7.45 -18.33 -41.44
CA ARG C 343 7.45 -18.08 -40.00
C ARG C 343 8.72 -17.34 -39.60
N ILE C 344 8.60 -16.51 -38.57
CA ILE C 344 9.65 -15.58 -38.22
C ILE C 344 10.91 -16.29 -37.75
N ASP C 345 10.77 -17.45 -37.10
CA ASP C 345 11.92 -18.21 -36.62
C ASP C 345 12.32 -19.35 -37.55
N GLY C 346 11.62 -19.52 -38.67
CA GLY C 346 11.98 -20.53 -39.63
C GLY C 346 11.27 -21.87 -39.49
N ARG C 347 10.48 -22.08 -38.45
CA ARG C 347 9.74 -23.33 -38.34
C ARG C 347 8.67 -23.44 -39.41
N GLY C 348 8.23 -24.68 -39.64
CA GLY C 348 7.05 -24.91 -40.43
C GLY C 348 5.77 -24.66 -39.65
N ILE C 349 4.64 -24.84 -40.33
CA ILE C 349 3.34 -24.51 -39.77
C ILE C 349 2.97 -25.38 -38.58
N THR C 350 3.36 -26.66 -38.59
CA THR C 350 2.94 -27.59 -37.55
C THR C 350 4.09 -28.00 -36.64
N ASP C 351 5.19 -27.27 -36.62
CA ASP C 351 6.37 -27.65 -35.86
C ASP C 351 6.32 -27.11 -34.45
N ILE C 352 6.77 -27.93 -33.49
CA ILE C 352 6.93 -27.54 -32.10
C ILE C 352 8.40 -27.23 -31.84
N ARG C 353 8.64 -26.37 -30.86
CA ARG C 353 10.01 -26.08 -30.46
C ARG C 353 10.61 -27.27 -29.69
N ALA C 354 11.91 -27.17 -29.42
CA ALA C 354 12.62 -28.27 -28.76
C ALA C 354 12.12 -28.47 -27.33
N LEU C 355 11.87 -29.72 -26.97
CA LEU C 355 11.23 -30.09 -25.72
C LEU C 355 12.18 -30.84 -24.81
N SER C 356 12.03 -30.64 -23.50
CA SER C 356 12.77 -31.43 -22.53
C SER C 356 12.02 -31.48 -21.22
N ALA C 357 12.09 -32.62 -20.54
CA ALA C 357 11.40 -32.85 -19.28
C ALA C 357 12.28 -33.63 -18.33
N GLU C 358 12.26 -33.25 -17.05
CA GLU C 358 13.08 -33.95 -16.06
C GLU C 358 12.41 -33.87 -14.70
N VAL C 359 12.67 -34.87 -13.85
CA VAL C 359 12.10 -34.92 -12.52
C VAL C 359 13.21 -35.04 -11.47
N ALA C 360 12.82 -34.84 -10.21
CA ALA C 360 13.73 -34.96 -9.05
C ALA C 360 14.86 -33.93 -9.13
N VAL C 361 14.47 -32.66 -9.14
CA VAL C 361 15.42 -31.57 -9.33
C VAL C 361 15.75 -30.82 -8.04
N VAL C 362 14.84 -30.79 -7.07
CA VAL C 362 15.04 -30.10 -5.79
C VAL C 362 15.22 -31.14 -4.70
N PRO C 363 16.35 -31.14 -3.97
CA PRO C 363 16.71 -32.28 -3.12
C PRO C 363 15.73 -32.71 -2.03
N ARG C 364 15.08 -31.79 -1.33
CA ARG C 364 14.22 -32.17 -0.20
C ARG C 364 12.73 -31.96 -0.47
N ALA C 365 12.34 -31.63 -1.68
CA ALA C 365 10.92 -31.47 -1.98
C ALA C 365 10.24 -32.84 -2.09
N HIS C 366 8.94 -32.85 -1.81
CA HIS C 366 8.18 -34.09 -1.95
C HIS C 366 8.13 -34.55 -3.40
N GLY C 367 7.99 -33.61 -4.33
CA GLY C 367 8.13 -33.90 -5.75
C GLY C 367 8.48 -32.64 -6.49
N SER C 368 9.20 -32.79 -7.60
CA SER C 368 9.62 -31.62 -8.36
C SER C 368 9.89 -32.00 -9.81
N ALA C 369 9.91 -30.99 -10.68
CA ALA C 369 10.13 -31.22 -12.10
C ALA C 369 10.54 -29.94 -12.80
N LEU C 370 11.24 -30.11 -13.93
CA LEU C 370 11.66 -29.01 -14.80
C LEU C 370 11.22 -29.31 -16.22
N PHE C 371 10.50 -28.36 -16.83
CA PHE C 371 9.96 -28.53 -18.18
C PHE C 371 10.41 -27.36 -19.05
N GLU C 372 10.92 -27.67 -20.25
CA GLU C 372 11.43 -26.66 -21.17
C GLU C 372 10.86 -26.85 -22.57
N ARG C 373 10.44 -25.74 -23.16
CA ARG C 373 9.96 -25.68 -24.53
C ARG C 373 10.49 -24.39 -25.15
N GLY C 374 11.50 -24.53 -26.02
CA GLY C 374 12.19 -23.37 -26.54
C GLY C 374 12.86 -22.58 -25.44
N GLU C 375 12.57 -21.29 -25.34
CA GLU C 375 13.06 -20.46 -24.25
C GLU C 375 12.12 -20.41 -23.06
N THR C 376 11.00 -21.13 -23.11
CA THR C 376 10.11 -21.19 -21.95
C THR C 376 10.59 -22.30 -21.02
N GLN C 377 10.74 -21.96 -19.74
CA GLN C 377 11.32 -22.87 -18.74
C GLN C 377 10.55 -22.72 -17.44
N ILE C 378 9.93 -23.81 -17.00
CA ILE C 378 9.06 -23.85 -15.82
C ILE C 378 9.61 -24.85 -14.82
N LEU C 379 9.62 -24.48 -13.54
CA LEU C 379 9.99 -25.34 -12.43
C LEU C 379 8.76 -25.57 -11.55
N GLY C 380 8.40 -26.83 -11.33
CA GLY C 380 7.23 -27.17 -10.52
C GLY C 380 7.62 -27.96 -9.27
N VAL C 381 6.93 -27.68 -8.16
CA VAL C 381 7.24 -28.27 -6.85
C VAL C 381 5.93 -28.62 -6.14
N THR C 382 5.88 -29.82 -5.55
CA THR C 382 4.71 -30.33 -4.85
C THR C 382 4.98 -30.46 -3.36
N THR C 383 3.96 -30.19 -2.54
CA THR C 383 4.01 -30.41 -1.09
C THR C 383 2.75 -31.14 -0.66
N LEU C 384 2.90 -32.10 0.25
CA LEU C 384 1.79 -32.85 0.82
C LEU C 384 1.70 -32.60 2.32
N ASP C 385 0.49 -32.59 2.85
CA ASP C 385 0.26 -32.29 4.25
C ASP C 385 -1.05 -32.93 4.70
N MET C 386 -1.33 -32.80 6.00
CA MET C 386 -2.57 -33.34 6.56
C MET C 386 -3.78 -32.60 6.02
N ILE C 387 -4.92 -33.30 6.02
CA ILE C 387 -6.13 -32.77 5.38
C ILE C 387 -6.64 -31.52 6.07
N LYS C 388 -6.28 -31.31 7.34
CA LYS C 388 -6.69 -30.10 8.02
C LYS C 388 -6.01 -28.85 7.48
N MET C 389 -4.98 -28.98 6.65
CA MET C 389 -4.31 -27.85 6.05
C MET C 389 -4.95 -27.39 4.75
N ALA C 390 -6.07 -27.98 4.36
CA ALA C 390 -6.83 -27.47 3.22
C ALA C 390 -7.31 -26.05 3.50
N GLN C 391 -7.39 -25.26 2.45
CA GLN C 391 -7.79 -23.87 2.61
C GLN C 391 -9.27 -23.76 2.97
N GLN C 392 -9.57 -22.97 4.00
CA GLN C 392 -10.94 -22.68 4.39
C GLN C 392 -11.36 -21.37 3.73
N ILE C 393 -12.48 -21.39 3.03
CA ILE C 393 -12.92 -20.25 2.22
C ILE C 393 -14.20 -19.69 2.82
N ASP C 394 -14.26 -18.35 2.91
CA ASP C 394 -15.41 -17.62 3.44
C ASP C 394 -15.79 -16.55 2.42
N SER C 395 -16.68 -16.89 1.50
CA SER C 395 -17.00 -16.02 0.37
C SER C 395 -18.48 -16.15 0.03
N LEU C 396 -18.92 -15.33 -0.93
CA LEU C 396 -20.32 -15.35 -1.37
C LEU C 396 -20.68 -16.69 -2.01
N GLY C 397 -19.79 -17.23 -2.83
CA GLY C 397 -20.09 -18.40 -3.62
C GLY C 397 -20.34 -19.64 -2.80
N PRO C 398 -20.77 -20.73 -3.47
CA PRO C 398 -21.09 -21.96 -2.75
C PRO C 398 -19.88 -22.76 -2.28
N GLU C 399 -18.68 -22.44 -2.74
CA GLU C 399 -17.48 -23.19 -2.35
C GLU C 399 -17.08 -22.87 -0.91
N THR C 400 -16.65 -23.89 -0.18
CA THR C 400 -16.28 -23.73 1.23
C THR C 400 -14.85 -24.14 1.57
N SER C 401 -14.19 -24.97 0.76
CA SER C 401 -12.83 -25.36 1.05
C SER C 401 -12.14 -25.87 -0.22
N LYS C 402 -10.81 -25.84 -0.21
CA LYS C 402 -10.01 -26.27 -1.35
C LYS C 402 -8.97 -27.30 -0.88
N ARG C 403 -9.11 -28.52 -1.37
CA ARG C 403 -8.13 -29.57 -1.10
C ARG C 403 -6.88 -29.45 -1.97
N TYR C 404 -7.01 -28.95 -3.19
CA TYR C 404 -5.89 -28.83 -4.12
C TYR C 404 -5.70 -27.36 -4.47
N MET C 405 -4.49 -26.85 -4.23
CA MET C 405 -4.20 -25.45 -4.50
C MET C 405 -3.03 -25.33 -5.47
N HIS C 406 -3.08 -24.33 -6.35
CA HIS C 406 -2.04 -24.08 -7.34
C HIS C 406 -1.70 -22.60 -7.36
N HIS C 407 -0.44 -22.27 -7.10
CA HIS C 407 0.04 -20.89 -7.10
C HIS C 407 1.10 -20.71 -8.18
N TYR C 408 1.01 -19.62 -8.92
CA TYR C 408 1.83 -19.36 -10.09
C TYR C 408 2.59 -18.04 -9.90
N ASN C 409 3.90 -18.07 -10.10
CA ASN C 409 4.76 -16.90 -9.89
C ASN C 409 5.51 -16.55 -11.17
N PHE C 410 5.58 -15.24 -11.43
CA PHE C 410 6.15 -14.69 -12.67
C PHE C 410 7.11 -13.56 -12.32
N PRO C 411 8.36 -13.88 -11.98
CA PRO C 411 9.30 -12.85 -11.54
C PRO C 411 9.78 -11.97 -12.70
N PRO C 412 10.25 -10.76 -12.41
CA PRO C 412 10.70 -9.87 -13.50
C PRO C 412 11.90 -10.39 -14.27
N PHE C 413 12.77 -11.19 -13.65
CA PHE C 413 13.97 -11.63 -14.34
C PHE C 413 13.69 -12.67 -15.43
N SER C 414 12.48 -13.24 -15.48
CA SER C 414 12.20 -14.26 -16.50
C SER C 414 12.25 -13.68 -17.91
N THR C 415 12.02 -12.38 -18.05
CA THR C 415 12.15 -11.70 -19.32
C THR C 415 13.41 -10.82 -19.38
N GLY C 416 14.12 -10.67 -18.27
CA GLY C 416 15.31 -9.84 -18.24
C GLY C 416 15.09 -8.42 -17.74
N GLU C 417 14.03 -8.18 -16.98
CA GLU C 417 13.59 -6.86 -16.56
C GLU C 417 13.86 -6.67 -15.07
N THR C 418 13.66 -5.44 -14.60
CA THR C 418 13.61 -5.14 -13.17
C THR C 418 12.21 -4.65 -12.83
N GLY C 419 11.77 -4.93 -11.60
CA GLY C 419 10.44 -4.53 -11.20
C GLY C 419 10.15 -4.93 -9.78
N ARG C 420 8.94 -4.60 -9.34
CA ARG C 420 8.53 -4.90 -7.99
C ARG C 420 8.26 -6.39 -7.80
N VAL C 421 8.65 -6.91 -6.65
CA VAL C 421 8.37 -8.29 -6.26
C VAL C 421 7.47 -8.19 -5.04
N GLY C 422 6.15 -8.27 -5.26
CA GLY C 422 5.20 -8.16 -4.17
C GLY C 422 4.04 -9.13 -4.30
N SER C 423 2.85 -8.65 -4.02
CA SER C 423 1.68 -9.49 -4.19
C SER C 423 1.42 -9.75 -5.67
N PRO C 424 0.86 -10.91 -6.02
CA PRO C 424 0.63 -11.23 -7.43
C PRO C 424 -0.42 -10.33 -8.06
N LYS C 425 -0.28 -10.09 -9.36
CA LYS C 425 -1.21 -9.28 -10.12
C LYS C 425 -2.42 -10.12 -10.57
N ARG C 426 -3.31 -9.49 -11.33
CA ARG C 426 -4.53 -10.18 -11.76
C ARG C 426 -4.23 -11.26 -12.80
N ARG C 427 -3.28 -11.00 -13.69
CA ARG C 427 -2.95 -11.97 -14.73
C ARG C 427 -2.32 -13.23 -14.14
N GLU C 428 -1.53 -13.10 -13.08
CA GLU C 428 -1.01 -14.27 -12.39
C GLU C 428 -2.15 -15.12 -11.82
N ILE C 429 -3.14 -14.46 -11.22
CA ILE C 429 -4.30 -15.16 -10.69
C ILE C 429 -5.03 -15.92 -11.80
N GLY C 430 -5.23 -15.27 -12.95
CA GLY C 430 -5.91 -15.94 -14.06
C GLY C 430 -5.16 -17.14 -14.60
N HIS C 431 -3.85 -17.00 -14.82
CA HIS C 431 -3.07 -18.12 -15.35
C HIS C 431 -3.08 -19.29 -14.37
N GLY C 432 -2.90 -19.01 -13.08
CA GLY C 432 -2.95 -20.06 -12.09
C GLY C 432 -4.29 -20.77 -12.04
N ALA C 433 -5.39 -20.02 -12.14
CA ALA C 433 -6.70 -20.64 -12.14
C ALA C 433 -6.90 -21.57 -13.33
N LEU C 434 -6.46 -21.14 -14.51
CA LEU C 434 -6.60 -22.01 -15.69
C LEU C 434 -5.80 -23.30 -15.51
N ALA C 435 -4.55 -23.19 -15.05
CA ALA C 435 -3.75 -24.39 -14.85
C ALA C 435 -4.33 -25.30 -13.77
N GLU C 436 -4.97 -24.75 -12.74
CA GLU C 436 -5.60 -25.56 -11.71
C GLU C 436 -6.79 -26.34 -12.27
N ARG C 437 -7.65 -25.66 -13.03
CA ARG C 437 -8.79 -26.35 -13.61
C ARG C 437 -8.36 -27.43 -14.59
N ALA C 438 -7.19 -27.28 -15.21
CA ALA C 438 -6.72 -28.34 -16.11
C ALA C 438 -6.48 -29.66 -15.38
N LEU C 439 -5.95 -29.63 -14.16
CA LEU C 439 -5.61 -30.85 -13.44
C LEU C 439 -6.69 -31.37 -12.50
N VAL C 440 -7.67 -30.55 -12.11
CA VAL C 440 -8.68 -31.00 -11.15
C VAL C 440 -9.38 -32.31 -11.56
N PRO C 441 -9.80 -32.51 -12.81
CA PRO C 441 -10.61 -33.71 -13.12
C PRO C 441 -9.90 -35.06 -13.02
N VAL C 442 -8.58 -35.12 -12.85
CA VAL C 442 -7.89 -36.40 -12.78
C VAL C 442 -7.35 -36.72 -11.39
N LEU C 443 -7.64 -35.88 -10.39
CA LEU C 443 -7.12 -36.13 -9.06
C LEU C 443 -7.84 -37.31 -8.40
N PRO C 444 -7.15 -38.05 -7.54
CA PRO C 444 -7.84 -39.09 -6.77
C PRO C 444 -8.71 -38.50 -5.68
N SER C 445 -9.68 -39.28 -5.23
CA SER C 445 -10.62 -38.81 -4.21
C SER C 445 -9.95 -38.81 -2.83
N VAL C 446 -10.59 -38.11 -1.89
CA VAL C 446 -10.07 -38.01 -0.53
C VAL C 446 -10.06 -39.35 0.16
N GLU C 447 -11.08 -40.18 -0.09
CA GLU C 447 -11.14 -41.49 0.54
C GLU C 447 -9.97 -42.37 0.10
N GLU C 448 -9.51 -42.19 -1.13
CA GLU C 448 -8.38 -42.96 -1.65
C GLU C 448 -7.03 -42.36 -1.29
N PHE C 449 -6.92 -41.02 -1.29
CA PHE C 449 -5.64 -40.33 -1.06
C PHE C 449 -5.87 -39.19 -0.08
N PRO C 450 -5.83 -39.47 1.22
CA PRO C 450 -6.24 -38.48 2.23
C PRO C 450 -5.18 -37.44 2.60
N TYR C 451 -4.91 -36.51 1.69
CA TYR C 451 -3.91 -35.48 1.91
C TYR C 451 -4.39 -34.17 1.30
N ALA C 452 -3.87 -33.07 1.82
CA ALA C 452 -3.96 -31.78 1.16
C ALA C 452 -2.76 -31.60 0.25
N ILE C 453 -2.96 -30.94 -0.89
CA ILE C 453 -1.96 -30.84 -1.94
C ILE C 453 -1.79 -29.39 -2.36
N ARG C 454 -0.55 -28.92 -2.35
CA ARG C 454 -0.19 -27.58 -2.81
C ARG C 454 0.84 -27.69 -3.91
N GLN C 455 0.60 -27.01 -5.03
CA GLN C 455 1.47 -27.04 -6.20
C GLN C 455 1.90 -25.61 -6.52
N VAL C 456 3.18 -25.43 -6.81
CA VAL C 456 3.74 -24.11 -7.12
C VAL C 456 4.46 -24.16 -8.45
N SER C 457 4.24 -23.14 -9.27
CA SER C 457 4.88 -23.00 -10.58
C SER C 457 5.71 -21.72 -10.58
N GLU C 458 6.98 -21.83 -10.96
CA GLU C 458 7.88 -20.68 -11.07
C GLU C 458 8.26 -20.52 -12.54
N ALA C 459 7.94 -19.37 -13.12
CA ALA C 459 8.29 -19.14 -14.52
C ALA C 459 9.71 -18.58 -14.59
N LEU C 460 10.70 -19.49 -14.61
CA LEU C 460 12.09 -19.06 -14.65
C LEU C 460 12.45 -18.45 -16.00
N GLY C 461 11.85 -18.91 -17.08
CA GLY C 461 12.06 -18.27 -18.37
C GLY C 461 10.78 -18.27 -19.18
N SER C 462 10.54 -17.18 -19.91
CA SER C 462 9.27 -17.05 -20.60
C SER C 462 9.46 -16.44 -21.98
N ASN C 463 8.95 -17.15 -23.00
CA ASN C 463 8.83 -16.62 -24.35
C ASN C 463 7.55 -17.09 -25.00
N GLY C 464 6.44 -17.05 -24.27
CA GLY C 464 5.15 -17.41 -24.82
C GLY C 464 4.50 -18.63 -24.21
N SER C 465 3.29 -18.45 -23.67
CA SER C 465 2.47 -19.52 -23.13
C SER C 465 3.13 -20.25 -21.97
N THR C 466 3.37 -19.56 -20.87
CA THR C 466 3.82 -20.20 -19.65
C THR C 466 2.71 -20.98 -18.96
N SER C 467 1.45 -20.58 -19.15
CA SER C 467 0.34 -21.26 -18.50
C SER C 467 0.20 -22.70 -18.99
N MET C 468 0.45 -22.95 -20.28
CA MET C 468 0.37 -24.30 -20.80
C MET C 468 1.55 -25.17 -20.38
N GLY C 469 2.74 -24.58 -20.18
CA GLY C 469 3.84 -25.32 -19.60
C GLY C 469 3.66 -25.62 -18.13
N SER C 470 2.90 -24.78 -17.43
CA SER C 470 2.55 -25.08 -16.04
C SER C 470 1.79 -26.39 -15.92
N VAL C 471 0.93 -26.71 -16.90
CA VAL C 471 0.17 -27.95 -16.85
C VAL C 471 1.09 -29.17 -16.93
N CYS C 472 2.03 -29.17 -17.87
CA CYS C 472 2.96 -30.28 -18.01
C CYS C 472 3.85 -30.41 -16.77
N ALA C 473 4.36 -29.28 -16.28
CA ALA C 473 5.19 -29.33 -15.07
C ALA C 473 4.40 -29.87 -13.89
N SER C 474 3.14 -29.47 -13.76
CA SER C 474 2.30 -29.94 -12.67
C SER C 474 2.08 -31.44 -12.75
N THR C 475 1.79 -31.97 -13.93
CA THR C 475 1.61 -33.42 -14.07
C THR C 475 2.88 -34.16 -13.69
N LEU C 476 4.03 -33.70 -14.19
CA LEU C 476 5.30 -34.38 -13.91
C LEU C 476 5.62 -34.37 -12.42
N ALA C 477 5.50 -33.20 -11.78
CA ALA C 477 5.82 -33.10 -10.36
C ALA C 477 4.86 -33.91 -9.51
N LEU C 478 3.58 -33.94 -9.86
CA LEU C 478 2.62 -34.74 -9.10
C LEU C 478 2.93 -36.22 -9.20
N LEU C 479 3.29 -36.71 -10.40
CA LEU C 479 3.69 -38.11 -10.49
C LEU C 479 4.97 -38.40 -9.72
N ASN C 480 5.92 -37.46 -9.71
CA ASN C 480 7.15 -37.67 -8.96
C ASN C 480 6.89 -37.79 -7.47
N ALA C 481 5.86 -37.12 -6.96
CA ALA C 481 5.57 -37.15 -5.53
C ALA C 481 4.79 -38.38 -5.09
N GLY C 482 4.29 -39.18 -6.03
CA GLY C 482 3.56 -40.38 -5.69
C GLY C 482 2.04 -40.28 -5.73
N VAL C 483 1.49 -39.17 -6.21
CA VAL C 483 0.03 -39.04 -6.31
C VAL C 483 -0.47 -39.96 -7.43
N PRO C 484 -1.46 -40.80 -7.16
CA PRO C 484 -1.97 -41.69 -8.23
C PRO C 484 -2.99 -41.02 -9.14
N LEU C 485 -2.53 -40.27 -10.14
CA LEU C 485 -3.43 -39.64 -11.09
C LEU C 485 -4.13 -40.69 -11.96
N LYS C 486 -5.31 -40.32 -12.44
CA LYS C 486 -6.06 -41.19 -13.35
C LYS C 486 -5.51 -41.17 -14.77
N ALA C 487 -4.84 -40.10 -15.18
CA ALA C 487 -4.24 -39.99 -16.50
C ALA C 487 -3.39 -38.73 -16.59
N PRO C 488 -2.29 -38.74 -17.33
CA PRO C 488 -1.50 -37.52 -17.51
C PRO C 488 -2.17 -36.50 -18.42
N VAL C 489 -1.84 -35.23 -18.22
CA VAL C 489 -2.47 -34.11 -18.89
C VAL C 489 -1.39 -33.22 -19.51
N ALA C 490 -1.63 -32.74 -20.73
CA ALA C 490 -0.72 -31.81 -21.39
C ALA C 490 -1.53 -30.72 -22.11
N GLY C 491 -0.84 -29.62 -22.46
CA GLY C 491 -1.52 -28.49 -23.07
C GLY C 491 -0.65 -27.81 -24.12
N ILE C 492 -1.29 -26.97 -24.93
CA ILE C 492 -0.61 -26.29 -26.03
C ILE C 492 -1.34 -24.98 -26.35
N ALA C 493 -0.57 -24.02 -26.85
CA ALA C 493 -1.08 -22.72 -27.28
C ALA C 493 -0.97 -22.59 -28.80
N MET C 494 -2.02 -22.04 -29.41
CA MET C 494 -2.29 -22.10 -30.84
C MET C 494 -2.63 -20.70 -31.34
N GLY C 495 -2.30 -20.43 -32.61
CA GLY C 495 -2.59 -19.14 -33.20
C GLY C 495 -3.26 -19.28 -34.54
N LEU C 496 -3.87 -18.18 -34.99
CA LEU C 496 -4.58 -18.17 -36.27
C LEU C 496 -4.51 -16.80 -36.92
N VAL C 497 -4.11 -16.79 -38.20
CA VAL C 497 -3.94 -15.58 -39.00
C VAL C 497 -4.88 -15.64 -40.20
N SER C 498 -5.59 -14.54 -40.44
CA SER C 498 -6.59 -14.50 -41.49
C SER C 498 -6.53 -13.19 -42.25
N ASP C 499 -6.84 -13.25 -43.54
CA ASP C 499 -6.97 -12.07 -44.39
C ASP C 499 -7.40 -12.53 -45.77
N ASP C 500 -7.84 -11.57 -46.60
CA ASP C 500 -8.23 -11.85 -47.97
C ASP C 500 -7.20 -11.26 -48.93
N ILE C 501 -6.77 -12.07 -49.89
CA ILE C 501 -5.70 -11.70 -50.81
C ILE C 501 -6.10 -12.07 -52.23
N GLN C 502 -5.32 -11.56 -53.18
CA GLN C 502 -5.64 -11.69 -54.60
C GLN C 502 -5.62 -13.14 -55.05
N VAL C 503 -6.66 -13.54 -55.79
CA VAL C 503 -6.76 -14.89 -56.34
C VAL C 503 -5.91 -14.98 -57.60
N GLU C 504 -5.72 -16.18 -58.11
CA GLU C 504 -4.92 -16.40 -59.31
C GLU C 504 -5.71 -16.08 -60.57
N GLY C 505 -6.13 -14.83 -60.71
CA GLY C 505 -6.92 -14.40 -61.85
C GLY C 505 -6.49 -13.06 -62.38
N ALA C 506 -7.44 -12.14 -62.52
CA ALA C 506 -7.16 -10.81 -63.07
C ALA C 506 -7.96 -9.74 -62.33
N VAL C 507 -8.04 -8.56 -62.92
CA VAL C 507 -8.85 -7.44 -62.43
C VAL C 507 -8.17 -6.71 -61.27
N ASP C 508 -7.50 -7.47 -60.40
CA ASP C 508 -6.84 -6.94 -59.21
C ASP C 508 -7.87 -6.47 -58.18
N GLY C 509 -9.09 -6.98 -58.32
CA GLY C 509 -10.16 -6.65 -57.40
C GLY C 509 -10.84 -7.89 -56.85
N VAL C 510 -10.59 -9.03 -57.49
CA VAL C 510 -11.14 -10.31 -57.02
C VAL C 510 -10.17 -10.87 -55.99
N VAL C 511 -10.65 -11.08 -54.77
CA VAL C 511 -9.84 -11.50 -53.65
C VAL C 511 -10.59 -12.55 -52.85
N GLU C 512 -9.88 -13.60 -52.45
CA GLU C 512 -10.43 -14.67 -51.63
C GLU C 512 -9.81 -14.61 -50.24
N ARG C 513 -10.59 -14.99 -49.23
CA ARG C 513 -10.17 -14.88 -47.84
C ARG C 513 -9.72 -16.24 -47.34
N ARG C 514 -8.50 -16.31 -46.81
CA ARG C 514 -7.95 -17.58 -46.36
C ARG C 514 -7.53 -17.50 -44.89
N PHE C 515 -7.24 -18.67 -44.31
CA PHE C 515 -6.86 -18.81 -42.91
C PHE C 515 -5.63 -19.70 -42.81
N VAL C 516 -4.77 -19.41 -41.84
CA VAL C 516 -3.60 -20.24 -41.54
C VAL C 516 -3.51 -20.44 -40.04
N THR C 517 -3.30 -21.68 -39.62
CA THR C 517 -3.21 -22.04 -38.20
C THR C 517 -1.76 -22.34 -37.84
N LEU C 518 -1.30 -21.79 -36.72
CA LEU C 518 0.07 -21.94 -36.27
C LEU C 518 0.12 -22.70 -34.95
N THR C 519 1.06 -23.64 -34.84
CA THR C 519 1.24 -24.44 -33.65
C THR C 519 2.35 -23.86 -32.78
N ASP C 520 2.07 -23.70 -31.48
CA ASP C 520 3.06 -23.32 -30.48
C ASP C 520 3.70 -21.97 -30.83
N ILE C 521 2.88 -20.94 -30.76
CA ILE C 521 3.28 -19.62 -31.20
C ILE C 521 4.24 -18.97 -30.20
N LEU C 522 5.07 -18.06 -30.71
CA LEU C 522 5.99 -17.30 -29.89
C LEU C 522 5.28 -16.10 -29.27
N GLY C 523 6.00 -15.38 -28.42
CA GLY C 523 5.45 -14.16 -27.85
C GLY C 523 5.18 -13.10 -28.88
N ALA C 524 6.10 -12.91 -29.82
CA ALA C 524 5.93 -11.93 -30.88
C ALA C 524 4.83 -12.33 -31.86
N GLU C 525 4.66 -13.62 -32.12
CA GLU C 525 3.67 -14.10 -33.08
C GLU C 525 2.24 -13.83 -32.63
N ASP C 526 2.01 -13.58 -31.34
CA ASP C 526 0.65 -13.29 -30.88
C ASP C 526 0.13 -11.97 -31.45
N ALA C 527 1.02 -10.99 -31.63
CA ALA C 527 0.62 -9.70 -32.18
C ALA C 527 0.30 -9.74 -33.67
N PHE C 528 0.84 -10.72 -34.40
CA PHE C 528 0.55 -10.86 -35.82
C PHE C 528 -0.78 -11.56 -36.08
N GLY C 529 -1.36 -12.21 -35.08
CA GLY C 529 -2.49 -13.08 -35.32
C GLY C 529 -3.83 -12.43 -35.14
N ASP C 530 -4.86 -13.13 -35.62
CA ASP C 530 -6.23 -12.71 -35.44
C ASP C 530 -6.96 -13.51 -34.37
N MET C 531 -6.48 -14.69 -34.03
CA MET C 531 -7.08 -15.42 -32.91
C MET C 531 -5.99 -16.22 -32.21
N ASP C 532 -6.13 -16.37 -30.90
CA ASP C 532 -5.24 -17.26 -30.15
C ASP C 532 -6.05 -18.09 -29.18
N PHE C 533 -5.64 -19.35 -29.00
CA PHE C 533 -6.42 -20.22 -28.12
C PHE C 533 -5.51 -21.27 -27.50
N LYS C 534 -5.98 -21.88 -26.42
CA LYS C 534 -5.19 -22.83 -25.66
C LYS C 534 -6.03 -24.06 -25.33
N VAL C 535 -5.43 -25.24 -25.48
CA VAL C 535 -6.15 -26.49 -25.25
C VAL C 535 -5.31 -27.42 -24.39
N ALA C 536 -5.93 -28.01 -23.38
CA ALA C 536 -5.29 -28.99 -22.52
C ALA C 536 -6.18 -30.21 -22.33
N GLY C 537 -5.56 -31.35 -22.09
CA GLY C 537 -6.33 -32.55 -21.82
C GLY C 537 -5.47 -33.80 -21.77
N THR C 538 -6.16 -34.93 -21.69
CA THR C 538 -5.56 -36.26 -21.73
C THR C 538 -5.56 -36.76 -23.18
N LYS C 539 -5.26 -38.04 -23.38
CA LYS C 539 -5.33 -38.60 -24.72
C LYS C 539 -6.75 -38.95 -25.15
N ASP C 540 -7.73 -38.79 -24.27
CA ASP C 540 -9.11 -39.13 -24.57
C ASP C 540 -10.05 -37.93 -24.68
N PHE C 541 -9.87 -36.90 -23.86
CA PHE C 541 -10.82 -35.79 -23.86
C PHE C 541 -10.15 -34.51 -23.39
N VAL C 542 -10.84 -33.39 -23.63
CA VAL C 542 -10.37 -32.06 -23.26
C VAL C 542 -10.72 -31.77 -21.81
N THR C 543 -9.81 -31.09 -21.10
CA THR C 543 -10.09 -30.66 -19.73
C THR C 543 -10.18 -29.15 -19.55
N ALA C 544 -9.51 -28.35 -20.37
CA ALA C 544 -9.59 -26.89 -20.25
C ALA C 544 -9.48 -26.24 -21.62
N LEU C 545 -10.08 -25.06 -21.76
CA LEU C 545 -10.09 -24.36 -23.04
C LEU C 545 -10.28 -22.86 -22.84
N GLN C 546 -9.48 -22.06 -23.54
CA GLN C 546 -9.55 -20.60 -23.49
C GLN C 546 -9.43 -20.03 -24.90
N LEU C 547 -10.21 -18.98 -25.20
CA LEU C 547 -10.20 -18.43 -26.55
C LEU C 547 -10.58 -16.96 -26.55
N ASP C 548 -9.86 -16.17 -27.34
CA ASP C 548 -10.11 -14.74 -27.52
C ASP C 548 -9.97 -14.40 -29.00
N THR C 549 -10.95 -13.68 -29.55
CA THR C 549 -10.85 -13.27 -30.95
C THR C 549 -11.72 -12.05 -31.21
N LYS C 550 -11.50 -11.44 -32.39
CA LYS C 550 -12.34 -10.33 -32.85
C LYS C 550 -12.65 -10.46 -34.34
N LEU C 551 -12.76 -11.68 -34.83
CA LEU C 551 -13.13 -11.92 -36.22
C LEU C 551 -14.64 -11.93 -36.37
N ASP C 552 -15.12 -11.40 -37.49
CA ASP C 552 -16.55 -11.35 -37.75
C ASP C 552 -17.18 -12.73 -37.84
N GLY C 553 -16.41 -13.74 -38.25
CA GLY C 553 -16.93 -15.09 -38.33
C GLY C 553 -15.83 -16.09 -38.64
N ILE C 554 -16.10 -17.37 -38.36
CA ILE C 554 -15.15 -18.44 -38.63
C ILE C 554 -15.93 -19.65 -39.14
N PRO C 555 -15.62 -20.17 -40.32
CA PRO C 555 -16.32 -21.36 -40.81
C PRO C 555 -16.07 -22.56 -39.91
N SER C 556 -17.03 -23.49 -39.91
CA SER C 556 -16.94 -24.64 -39.02
C SER C 556 -15.74 -25.52 -39.33
N GLN C 557 -15.45 -25.75 -40.62
CA GLN C 557 -14.33 -26.60 -40.99
C GLN C 557 -13.00 -26.03 -40.55
N VAL C 558 -12.83 -24.71 -40.59
CA VAL C 558 -11.58 -24.08 -40.15
C VAL C 558 -11.35 -24.36 -38.68
N LEU C 559 -12.37 -24.17 -37.85
CA LEU C 559 -12.27 -24.41 -36.42
C LEU C 559 -12.02 -25.89 -36.10
N ALA C 560 -12.70 -26.79 -36.81
CA ALA C 560 -12.47 -28.21 -36.59
C ALA C 560 -11.03 -28.59 -36.91
N GLY C 561 -10.49 -28.08 -38.03
CA GLY C 561 -9.12 -28.36 -38.37
C GLY C 561 -8.14 -27.83 -37.34
N ALA C 562 -8.40 -26.62 -36.82
CA ALA C 562 -7.52 -26.06 -35.79
C ALA C 562 -7.52 -26.93 -34.54
N LEU C 563 -8.69 -27.38 -34.10
CA LEU C 563 -8.75 -28.23 -32.91
C LEU C 563 -8.04 -29.57 -33.14
N GLU C 564 -8.16 -30.16 -34.33
CA GLU C 564 -7.45 -31.40 -34.62
C GLU C 564 -5.94 -31.21 -34.56
N GLN C 565 -5.45 -30.09 -35.13
CA GLN C 565 -4.03 -29.80 -35.08
C GLN C 565 -3.53 -29.70 -33.63
N ALA C 566 -4.31 -29.03 -32.78
CA ALA C 566 -3.93 -28.94 -31.38
C ALA C 566 -3.89 -30.31 -30.70
N LYS C 567 -4.84 -31.19 -31.04
CA LYS C 567 -4.84 -32.53 -30.45
C LYS C 567 -3.56 -33.30 -30.81
N ASP C 568 -3.17 -33.24 -32.09
CA ASP C 568 -1.94 -33.91 -32.50
C ASP C 568 -0.73 -33.36 -31.72
N ALA C 569 -0.68 -32.05 -31.55
CA ALA C 569 0.43 -31.46 -30.79
C ALA C 569 0.49 -31.99 -29.37
N ARG C 570 -0.65 -32.07 -28.67
CA ARG C 570 -0.56 -32.48 -27.28
C ARG C 570 -0.21 -33.96 -27.18
N LEU C 571 -0.64 -34.79 -28.14
CA LEU C 571 -0.23 -36.18 -28.12
C LEU C 571 1.29 -36.32 -28.26
N THR C 572 1.88 -35.53 -29.16
CA THR C 572 3.33 -35.53 -29.29
C THR C 572 4.00 -35.15 -27.96
N ILE C 573 3.47 -34.14 -27.27
CA ILE C 573 4.08 -33.74 -25.99
C ILE C 573 3.91 -34.84 -24.94
N LEU C 574 2.76 -35.52 -24.92
CA LEU C 574 2.55 -36.58 -23.94
C LEU C 574 3.56 -37.71 -24.11
N GLU C 575 3.93 -38.02 -25.36
CA GLU C 575 4.95 -39.06 -25.57
C GLU C 575 6.27 -38.69 -24.92
N VAL C 576 6.71 -37.44 -25.06
CA VAL C 576 7.97 -37.01 -24.44
C VAL C 576 7.84 -37.02 -22.92
N MET C 577 6.68 -36.62 -22.40
CA MET C 577 6.48 -36.61 -20.95
C MET C 577 6.59 -38.03 -20.38
N ALA C 578 6.05 -39.02 -21.10
CA ALA C 578 6.02 -40.39 -20.59
C ALA C 578 7.40 -41.02 -20.48
N GLU C 579 8.38 -40.56 -21.25
CA GLU C 579 9.72 -41.12 -21.13
C GLU C 579 10.38 -40.75 -19.82
N ALA C 580 10.16 -39.53 -19.33
CA ALA C 580 10.74 -39.12 -18.05
C ALA C 580 10.12 -39.88 -16.89
N ILE C 581 8.80 -40.06 -16.88
CA ILE C 581 8.11 -40.81 -15.85
C ILE C 581 6.76 -41.27 -16.39
N ASP C 582 6.38 -42.51 -16.12
CA ASP C 582 5.15 -43.07 -16.65
C ASP C 582 4.25 -43.71 -15.60
N ARG C 583 4.63 -43.65 -14.33
CA ARG C 583 3.81 -44.18 -13.26
C ARG C 583 4.23 -43.51 -11.95
N PRO C 584 3.37 -43.51 -10.94
CA PRO C 584 3.70 -42.84 -9.69
C PRO C 584 4.91 -43.46 -9.01
N ASP C 585 5.73 -42.61 -8.43
CA ASP C 585 6.91 -43.03 -7.67
C ASP C 585 6.46 -43.40 -6.26
N GLU C 586 7.42 -43.75 -5.41
CA GLU C 586 7.17 -43.95 -4.00
C GLU C 586 7.12 -42.60 -3.29
N MET C 587 6.26 -42.49 -2.29
CA MET C 587 6.18 -41.25 -1.52
C MET C 587 7.49 -41.00 -0.79
N SER C 588 7.86 -39.72 -0.68
CA SER C 588 9.12 -39.29 -0.10
C SER C 588 9.22 -39.72 1.36
N PRO C 589 10.42 -40.05 1.84
CA PRO C 589 10.59 -40.28 3.28
C PRO C 589 10.29 -39.06 4.12
N TYR C 590 10.39 -37.86 3.56
CA TYR C 590 10.13 -36.63 4.31
C TYR C 590 8.64 -36.31 4.42
N ALA C 591 7.79 -36.92 3.60
CA ALA C 591 6.38 -36.60 3.63
C ALA C 591 5.69 -37.36 4.77
N PRO C 592 4.56 -36.84 5.26
CA PRO C 592 3.83 -37.53 6.31
C PRO C 592 3.09 -38.75 5.76
N ARG C 593 2.57 -39.55 6.67
CA ARG C 593 1.82 -40.74 6.29
C ARG C 593 0.38 -40.69 6.79
C10 A1IM2 E . 24.59 16.59 8.48
C13 A1IM2 E . 23.58 14.46 9.95
C15 A1IM2 E . 22.17 13.42 11.88
C17 A1IM2 E . 22.00 11.03 12.19
C20 A1IM2 E . 20.83 7.32 13.02
C21 A1IM2 E . 21.76 7.05 14.25
C24 A1IM2 E . 19.23 7.59 13.53
C26 A1IM2 E . 19.26 5.98 11.80
C02 A1IM2 E . 28.61 20.62 9.10
C05 A1IM2 E . 27.78 20.59 7.78
C07 A1IM2 E . 26.75 19.72 7.45
C08 A1IM2 E . 26.17 18.58 8.30
C11 A1IM2 E . 25.22 15.35 8.44
C12 A1IM2 E . 24.70 14.28 9.18
C14 A1IM2 E . 22.99 13.22 10.78
C16 A1IM2 E . 21.68 12.35 12.60
C18 A1IM2 E . 21.48 9.86 12.94
C25 A1IM2 E . 18.41 7.12 12.55
C27 A1IM2 E . 20.82 6.22 12.26
C29 A1IM2 E . 22.81 10.82 11.11
C30 A1IM2 E . 23.31 11.91 10.39
C31 A1IM2 E . 22.95 15.70 9.99
C32 A1IM2 E . 23.46 16.77 9.25
C35 A1IM2 E . 27.10 21.11 5.83
C36 A1IM2 E . 26.97 21.85 4.44
C37 A1IM2 E . 25.92 21.52 3.57
C38 A1IM2 E . 25.82 22.17 2.35
C39 A1IM2 E . 26.74 23.12 1.99
C40 A1IM2 E . 27.79 23.45 2.87
C41 A1IM2 E . 27.90 22.80 4.09
F01 A1IM2 E . 27.79 20.33 10.20
F03 A1IM2 E . 29.58 19.68 9.03
F04 A1IM2 E . 29.16 21.83 9.27
N09 A1IM2 E . 25.15 17.67 7.71
N19 A1IM2 E . 21.34 8.54 12.26
N34 A1IM2 E . 26.34 20.08 6.20
O06 A1IM2 E . 27.95 21.41 6.76
O22 A1IM2 E . 21.34 6.36 15.21
O23 A1IM2 E . 22.95 7.55 14.29
O28 A1IM2 E . 21.20 9.98 14.03
O33 A1IM2 E . 26.53 18.43 9.40
H151 A1IM2 E . 21.93 14.44 12.19
H242 A1IM2 E . 19.05 8.65 13.69
H241 A1IM2 E . 19.03 7.04 14.44
H262 A1IM2 E . 19.17 6.10 10.66
H261 A1IM2 E . 18.93 5.01 12.10
H111 A1IM2 E . 26.12 15.21 7.83
H121 A1IM2 E . 25.20 13.31 9.14
H161 A1IM2 E . 21.03 12.51 13.47
H251 A1IM2 E . 18.17 7.90 11.87
H252 A1IM2 E . 17.49 6.68 12.99
H271 A1IM2 E . 21.16 5.35 12.85
H272 A1IM2 E . 21.45 6.34 11.38
H291 A1IM2 E . 23.05 9.82 10.80
H301 A1IM2 E . 23.95 11.74 9.52
H311 A1IM2 E . 22.06 15.85 10.59
H321 A1IM2 E . 22.97 17.76 9.28
H371 A1IM2 E . 25.21 20.77 3.85
H381 A1IM2 E . 24.97 21.91 1.65
H391 A1IM2 E . 26.65 23.64 1.02
H401 A1IM2 E . 28.51 24.20 2.59
H411 A1IM2 E . 28.69 23.05 4.75
H091 A1IM2 E . 24.85 17.81 6.78
H191 A1IM2 E . 21.61 8.45 11.27
C10 A1IM2 F . -20.06 22.69 -6.27
C13 A1IM2 F . -20.68 20.51 -4.64
C15 A1IM2 F . -20.79 19.19 -2.36
C17 A1IM2 F . -21.85 16.98 -2.22
C20 A1IM2 F . -21.37 15.14 0.95
C21 A1IM2 F . -22.37 15.37 2.12
C24 A1IM2 F . -20.54 13.66 1.17
C26 A1IM2 F . -19.43 15.48 2.16
C02 A1IM2 F . -22.81 27.08 -8.50
C05 A1IM2 F . -21.36 26.83 -9.00
C07 A1IM2 F . -20.53 25.75 -8.68
C08 A1IM2 F . -20.84 24.56 -7.76
C11 A1IM2 F . -20.13 22.84 -4.89
C12 A1IM2 F . -20.45 21.75 -4.07
C14 A1IM2 F . -21.06 19.26 -3.71
C16 A1IM2 F . -21.17 18.07 -1.60
C18 A1IM2 F . -22.36 15.71 -1.60
C25 A1IM2 F . -19.53 13.89 2.04
C27 A1IM2 F . -20.39 16.05 0.97
C29 A1IM2 F . -22.13 17.09 -3.57
C30 A1IM2 F . -21.75 18.19 -4.32
C31 A1IM2 F . -20.61 20.36 -6.03
C32 A1IM2 F . -20.30 21.45 -6.84
C35 A1IM2 F . -19.51 27.11 -10.04
C36 A1IM2 F . -18.42 27.75 -10.97
C37 A1IM2 F . -18.46 29.13 -11.25
C38 A1IM2 F . -17.50 29.69 -12.07
C39 A1IM2 F . -16.51 28.91 -12.61
C40 A1IM2 F . -16.46 27.54 -12.32
C41 A1IM2 F . -17.43 26.96 -11.50
F01 A1IM2 F . -23.49 27.92 -9.39
F03 A1IM2 F . -23.48 25.91 -8.39
F04 A1IM2 F . -22.76 27.68 -7.29
N09 A1IM2 F . -19.73 23.80 -7.12
N19 A1IM2 F . -22.18 14.95 -0.32
N34 A1IM2 F . -19.36 25.98 -9.36
O06 A1IM2 F . -20.69 27.61 -9.82
O22 A1IM2 F . -23.01 16.45 2.19
O23 A1IM2 F . -22.58 14.45 3.02
O28 A1IM2 F . -23.09 15.16 -2.25
O33 A1IM2 F . -21.94 24.25 -7.57
H151 A1IM2 F . -20.26 20.00 -1.88
H242 A1IM2 F . -20.13 13.32 0.21
H241 A1IM2 F . -21.22 12.91 1.57
H262 A1IM2 F . -18.35 15.81 2.01
H261 A1IM2 F . -19.78 15.81 3.12
H111 A1IM2 F . -19.94 23.82 -4.43
H121 A1IM2 F . -20.51 21.88 -2.99
H161 A1IM2 F . -20.93 18.05 -0.53
H251 A1IM2 F . -18.61 13.48 1.68
H252 A1IM2 F . -19.79 13.46 3.04
H271 A1IM2 F . -20.78 17.03 1.26
H272 A1IM2 F . -19.88 16.07 0.00
H291 A1IM2 F . -22.65 16.30 -4.09
H301 A1IM2 F . -21.99 18.22 -5.38
H311 A1IM2 F . -20.80 19.40 -6.49
H321 A1IM2 F . -20.23 21.33 -7.93
H371 A1IM2 F . -19.25 29.74 -10.84
H381 A1IM2 F . -17.54 30.80 -12.30
H391 A1IM2 F . -15.73 29.36 -13.26
H401 A1IM2 F . -15.68 26.92 -12.74
H411 A1IM2 F . -17.40 25.93 -11.28
H091 A1IM2 F . -18.80 24.05 -7.27
H191 A1IM2 F . -22.75 14.09 -0.30
C10 A1IM2 G . 7.62 -8.65 -28.50
C13 A1IM2 G . 6.88 -10.51 -26.54
C15 A1IM2 G . 7.51 -12.23 -24.75
C17 A1IM2 G . 5.92 -13.54 -23.46
C20 A1IM2 G . 3.39 -14.81 -21.12
C21 A1IM2 G . 2.54 -16.01 -21.64
C24 A1IM2 G . 3.34 -14.75 -19.40
C26 A1IM2 G . 1.69 -13.42 -20.43
C02 A1IM2 G . 9.62 -8.87 -33.63
C05 A1IM2 G . 9.73 -7.47 -32.96
C07 A1IM2 G . 9.45 -7.15 -31.63
C08 A1IM2 G . 8.99 -8.11 -30.53
C11 A1IM2 G . 6.33 -9.20 -28.49
C12 A1IM2 G . 5.97 -10.15 -27.51
C14 A1IM2 G . 6.49 -11.60 -25.41
C16 A1IM2 G . 7.24 -13.18 -23.80
C18 A1IM2 G . 5.85 -14.61 -22.40
C25 A1IM2 G . 2.34 -13.90 -19.05
C27 A1IM2 G . 2.88 -13.67 -21.53
C29 A1IM2 G . 4.88 -12.93 -24.13
C30 A1IM2 G . 5.16 -11.95 -25.11
C31 A1IM2 G . 8.18 -9.95 -26.56
C32 A1IM2 G . 8.53 -9.02 -27.53
C35 A1IM2 G . 10.07 -5.37 -32.72
C36 A1IM2 G . 10.45 -3.89 -33.08
C37 A1IM2 G . 10.69 -3.54 -34.42
C38 A1IM2 G . 11.04 -2.24 -34.73
C39 A1IM2 G . 11.13 -1.29 -33.75
C40 A1IM2 G . 10.88 -1.63 -32.42
C41 A1IM2 G . 10.54 -2.95 -32.09
F01 A1IM2 G . 10.29 -8.87 -34.85
F03 A1IM2 G . 10.17 -9.79 -32.81
F04 A1IM2 G . 8.32 -9.17 -33.82
N09 A1IM2 G . 7.99 -7.69 -29.49
N19 A1IM2 G . 4.84 -15.15 -21.44
N34 A1IM2 G . 9.69 -5.81 -31.52
O06 A1IM2 G . 10.09 -6.36 -33.57
O22 A1IM2 G . 2.64 -16.35 -22.84
O23 A1IM2 G . 1.73 -16.65 -20.85
O28 A1IM2 G . 6.81 -15.20 -22.30
O33 A1IM2 G . 9.44 -9.19 -30.49
H151 A1IM2 G . 8.55 -11.99 -24.96
H242 A1IM2 G . 4.29 -14.38 -19.02
H241 A1IM2 G . 3.13 -15.73 -19.00
H262 A1IM2 G . 1.42 -12.31 -20.38
H261 A1IM2 G . 0.83 -14.00 -20.67
H111 A1IM2 G . 5.61 -8.91 -29.25
H121 A1IM2 G . 4.98 -10.57 -27.52
H161 A1IM2 G . 8.11 -13.65 -23.29
H251 A1IM2 G . 2.73 -13.06 -18.51
H252 A1IM2 G . 1.58 -14.42 -18.43
H271 A1IM2 G . 2.44 -13.79 -22.53
H272 A1IM2 G . 3.63 -12.86 -21.50
H291 A1IM2 G . 3.86 -13.17 -23.91
H301 A1IM2 G . 4.33 -11.46 -25.63
H311 A1IM2 G . 8.90 -10.23 -25.81
H321 A1IM2 G . 9.54 -8.57 -27.53
H371 A1IM2 G . 10.63 -4.30 -35.19
H381 A1IM2 G . 11.23 -1.96 -35.81
H391 A1IM2 G . 11.40 -0.25 -34.01
H401 A1IM2 G . 10.96 -0.88 -31.64
H411 A1IM2 G . 10.36 -3.22 -31.08
H091 A1IM2 G . 7.61 -6.80 -29.50
H191 A1IM2 G . 5.21 -15.94 -20.87
#